data_3W7W
#
_entry.id   3W7W
#
_cell.length_a   58.884
_cell.length_b   138.136
_cell.length_c   82.547
_cell.angle_alpha   90.00
_cell.angle_beta   99.03
_cell.angle_gamma   90.00
#
_symmetry.space_group_name_H-M   'P 1 21 1'
#
loop_
_entity.id
_entity.type
_entity.pdbx_description
1 polymer 'Uncharacterized protein YgjK'
2 branched alpha-D-glucopyranose-(1-2)-alpha-D-galactopyranose
3 non-polymer 'CALCIUM ION'
4 non-polymer 'MAGNESIUM ION'
5 water water
#
_entity_poly.entity_id   1
_entity_poly.type   'polypeptide(L)'
_entity_poly.pdbx_seq_one_letter_code
;NADNYKNVINRTGAPQYMKDYDYDDHQRFNPFFDLGAWHGHLLPDGPNTMGGFPGVALLTEEYINFMASNFDRLTVWQDG
KKVDFTLEAYSIPGALVQKLTAKDVQVEMTLRFATPRTSLLETKITSNKPLDLVWDGELLEKLEAKEGKPLSDKTIAGEY
PDYQRKISATRDGLKVTFGKVRATWDLLTSGESEYQVHKSLPVQTEINGNRFTSKAHINGSTTLYTTYSHLLTAQEVSKE
QMQIRDILARPAFYLTASQQRWEEYLKKGLTNPDATPEQTRVAVKAIETLNGNWRSPGGAVKFNTVTPSVTGRWFSGNQT
WPWDTWKQAFAMAHFNPDIAKENIRAVFSWQIQPGDSVRPQDVGFVPDLIAWNLSPERGGDGGNWNERNTKPSLAAWSVM
EVYNVTQDKTWVAEMYPKLVAYHDWWLRNRDHNGNGVPEYGATRDKAHNTESGEMLFTVKKGDKEETQSGLNNYARVVEK
GQYDSLEIPAQVAASWESGRDDAAVFGFIDKEQLDKYVANGGKRSDWTVKFAENRSQDGTLLGYSLLQESVDQASYMYSD
NHYLAEMATILGKPEEAKRYRQLAQQLADYINTCMFDPTTQFYYDVRIEDKPLANGCAGKPIVERGKGPEGWSPLFNGAA
TQANADAVVKVMLDPKEFNTFVPLGTAALTNPAFGADIYWRGRVWVDQFWFGLKGMERYGYRDDALKLADTFFRHAKGLT
ADGPIQANYNPLTGAQQGAPNFSWSAAHLYMLYNDFFRKQ
;
_entity_poly.pdbx_strand_id   A,B
#
loop_
_chem_comp.id
_chem_comp.type
_chem_comp.name
_chem_comp.formula
CA non-polymer 'CALCIUM ION' 'Ca 2'
GLA D-saccharide, alpha linking alpha-D-galactopyranose 'C6 H12 O6'
GLC D-saccharide, alpha linking alpha-D-glucopyranose 'C6 H12 O6'
MG non-polymer 'MAGNESIUM ION' 'Mg 2'
#
# COMPACT_ATOMS: atom_id res chain seq x y z
N ASN A 1 2.23 -2.63 52.84
CA ASN A 1 3.71 -2.78 52.83
C ASN A 1 4.22 -3.23 51.46
N ALA A 2 5.04 -2.39 50.83
CA ALA A 2 5.57 -2.65 49.49
C ALA A 2 6.37 -3.96 49.40
N ASP A 3 7.03 -4.35 50.49
CA ASP A 3 7.78 -5.60 50.57
C ASP A 3 6.93 -6.85 50.36
N ASN A 4 5.61 -6.72 50.46
CA ASN A 4 4.69 -7.83 50.23
C ASN A 4 4.52 -8.21 48.75
N TYR A 5 4.98 -7.35 47.85
CA TYR A 5 4.77 -7.53 46.41
C TYR A 5 6.07 -7.48 45.60
N LYS A 6 6.89 -8.50 45.77
CA LYS A 6 8.18 -8.56 45.10
C LYS A 6 8.02 -9.08 43.68
N ASN A 7 8.72 -8.46 42.73
CA ASN A 7 8.82 -8.98 41.36
C ASN A 7 7.47 -9.15 40.67
N VAL A 8 6.58 -8.18 40.88
CA VAL A 8 5.25 -8.24 40.24
C VAL A 8 5.40 -8.28 38.72
N ILE A 9 6.36 -7.52 38.20
CA ILE A 9 6.75 -7.60 36.80
C ILE A 9 8.21 -8.00 36.78
N ASN A 10 8.59 -8.82 35.81
CA ASN A 10 9.98 -9.14 35.58
C ASN A 10 10.72 -7.91 35.09
N ARG A 11 11.64 -7.40 35.91
CA ARG A 11 12.41 -6.22 35.58
C ARG A 11 13.90 -6.53 35.46
N THR A 12 14.23 -7.79 35.17
CA THR A 12 15.61 -8.16 34.95
C THR A 12 15.94 -7.92 33.48
N GLY A 13 17.23 -7.77 33.20
CA GLY A 13 17.64 -7.63 31.81
C GLY A 13 19.01 -7.04 31.64
N ALA A 14 19.67 -7.44 30.56
CA ALA A 14 21.01 -7.01 30.26
C ALA A 14 21.02 -6.63 28.80
N PRO A 15 20.53 -5.44 28.47
CA PRO A 15 20.41 -5.07 27.07
C PRO A 15 21.76 -4.87 26.41
N GLN A 16 21.84 -5.29 25.15
CA GLN A 16 23.06 -5.25 24.35
C GLN A 16 22.91 -4.37 23.12
N TYR A 17 21.74 -3.77 22.95
CA TYR A 17 21.47 -2.92 21.77
C TYR A 17 20.68 -1.69 22.19
N MET A 18 20.86 -0.58 21.49
CA MET A 18 20.06 0.62 21.79
C MET A 18 18.58 0.28 21.61
N LYS A 19 18.27 -0.35 20.47
CA LYS A 19 16.93 -0.87 20.18
C LYS A 19 16.97 -2.37 20.35
N ASP A 20 16.76 -2.84 21.58
CA ASP A 20 16.75 -4.27 21.91
C ASP A 20 15.30 -4.74 21.93
N TYR A 21 14.78 -5.03 20.74
CA TYR A 21 13.33 -5.15 20.54
C TYR A 21 12.80 -6.57 20.63
N ASP A 22 11.51 -6.68 20.94
CA ASP A 22 10.77 -7.93 20.80
C ASP A 22 10.24 -8.00 19.35
N TYR A 23 9.41 -8.98 19.04
CA TYR A 23 8.91 -9.13 17.67
C TYR A 23 8.12 -7.93 17.15
N ASP A 24 7.45 -7.22 18.05
CA ASP A 24 6.57 -6.11 17.68
C ASP A 24 7.22 -4.76 17.84
N ASP A 25 8.55 -4.74 17.91
CA ASP A 25 9.36 -3.52 18.00
C ASP A 25 9.29 -2.76 19.34
N HIS A 26 8.86 -3.42 20.40
CA HIS A 26 8.88 -2.81 21.74
C HIS A 26 10.14 -3.25 22.49
N GLN A 27 10.69 -2.38 23.32
CA GLN A 27 11.87 -2.77 24.08
C GLN A 27 11.46 -3.98 24.88
N ARG A 28 12.27 -5.02 24.85
CA ARG A 28 11.84 -6.32 25.38
C ARG A 28 12.07 -6.49 26.90
N PHE A 29 12.56 -5.44 27.55
CA PHE A 29 12.73 -5.40 29.00
C PHE A 29 11.83 -4.32 29.61
N ASN A 30 11.63 -4.38 30.92
CA ASN A 30 10.69 -3.49 31.61
C ASN A 30 11.37 -2.66 32.72
N PRO A 31 12.11 -1.60 32.34
CA PRO A 31 12.78 -0.78 33.36
C PRO A 31 11.84 -0.13 34.37
N PHE A 32 12.39 0.15 35.54
CA PHE A 32 11.70 0.84 36.60
C PHE A 32 11.86 2.34 36.38
N PHE A 33 10.74 3.05 36.20
CA PHE A 33 10.70 4.55 36.14
C PHE A 33 9.75 5.06 37.23
N ASP A 34 9.99 6.25 37.76
CA ASP A 34 9.12 6.82 38.79
C ASP A 34 9.26 8.35 38.84
N LEU A 35 8.24 9.01 39.38
CA LEU A 35 8.23 10.49 39.61
C LEU A 35 8.25 11.29 38.31
N GLY A 36 7.87 10.65 37.21
CA GLY A 36 7.90 11.29 35.90
C GLY A 36 9.28 11.39 35.27
N ALA A 37 10.25 10.66 35.81
CA ALA A 37 11.64 10.69 35.33
C ALA A 37 11.76 10.27 33.86
N TRP A 38 12.85 10.68 33.24
CA TRP A 38 13.10 10.40 31.84
C TRP A 38 14.25 9.44 31.66
N HIS A 39 14.51 8.64 32.70
CA HIS A 39 15.39 7.47 32.61
C HIS A 39 14.88 6.39 33.55
N GLY A 40 15.25 5.15 33.26
CA GLY A 40 14.84 4.03 34.09
C GLY A 40 15.92 2.96 34.16
N HIS A 41 15.71 2.00 35.05
CA HIS A 41 16.74 1.03 35.41
C HIS A 41 16.20 -0.39 35.42
N LEU A 42 17.09 -1.33 35.14
CA LEU A 42 16.79 -2.76 35.18
C LEU A 42 17.58 -3.44 36.30
N LEU A 43 17.11 -4.62 36.67
CA LEU A 43 17.72 -5.44 37.68
C LEU A 43 18.73 -6.38 37.03
N PRO A 44 19.83 -6.69 37.73
CA PRO A 44 20.82 -7.66 37.26
C PRO A 44 20.28 -9.08 37.35
N ASP A 45 20.72 -9.96 36.47
CA ASP A 45 20.18 -11.34 36.41
C ASP A 45 21.21 -12.46 36.50
N GLY A 46 22.48 -12.09 36.71
CA GLY A 46 23.56 -13.06 36.79
C GLY A 46 24.86 -12.36 37.16
N PRO A 47 25.97 -13.14 37.25
CA PRO A 47 27.26 -12.60 37.71
C PRO A 47 27.79 -11.47 36.85
N ASN A 48 27.42 -11.43 35.58
CA ASN A 48 27.98 -10.43 34.66
C ASN A 48 27.43 -9.02 34.89
N THR A 49 26.25 -8.93 35.49
CA THR A 49 25.60 -7.63 35.70
C THR A 49 25.47 -7.31 37.18
N MET A 50 25.68 -8.32 38.02
CA MET A 50 25.73 -8.21 39.48
C MET A 50 26.54 -7.01 39.94
N GLY A 51 26.02 -6.26 40.90
CA GLY A 51 26.71 -5.07 41.42
C GLY A 51 26.29 -3.74 40.78
N GLY A 52 25.46 -3.84 39.74
CA GLY A 52 24.94 -2.68 39.03
C GLY A 52 23.51 -2.96 38.59
N PHE A 53 22.84 -1.90 38.19
CA PHE A 53 21.51 -1.96 37.62
C PHE A 53 21.67 -1.70 36.12
N PRO A 54 21.65 -2.78 35.32
CA PRO A 54 22.01 -2.67 33.94
C PRO A 54 20.93 -2.02 33.10
N GLY A 55 21.29 -1.65 31.88
CA GLY A 55 20.33 -1.12 30.94
C GLY A 55 19.76 0.19 31.41
N VAL A 56 20.61 1.21 31.49
CA VAL A 56 20.15 2.58 31.64
C VAL A 56 19.26 2.92 30.43
N ALA A 57 17.95 2.98 30.66
CA ALA A 57 17.01 3.29 29.60
C ALA A 57 16.84 4.81 29.54
N LEU A 58 17.08 5.41 28.39
CA LEU A 58 16.86 6.86 28.24
C LEU A 58 15.62 7.14 27.42
N LEU A 59 14.82 8.09 27.87
CA LEU A 59 13.67 8.54 27.09
C LEU A 59 14.09 9.77 26.32
N THR A 60 14.40 9.57 25.04
CA THR A 60 14.95 10.64 24.20
C THR A 60 13.79 11.33 23.51
N GLU A 61 13.15 12.19 24.30
CA GLU A 61 12.00 13.02 23.92
C GLU A 61 10.70 12.25 23.60
N GLU A 62 10.75 11.36 22.62
CA GLU A 62 9.55 10.63 22.18
C GLU A 62 9.76 9.11 22.08
N TYR A 63 10.96 8.64 22.45
CA TYR A 63 11.32 7.20 22.31
C TYR A 63 12.14 6.66 23.49
N ILE A 64 12.05 5.36 23.71
CA ILE A 64 12.88 4.70 24.70
C ILE A 64 14.09 4.07 23.99
N ASN A 65 15.27 4.42 24.47
CA ASN A 65 16.55 3.94 23.92
C ASN A 65 17.52 3.60 25.04
N PHE A 66 18.12 2.41 25.00
CA PHE A 66 19.12 2.03 25.99
C PHE A 66 20.47 2.72 25.79
N MET A 67 21.14 3.02 26.90
CA MET A 67 22.41 3.72 26.88
C MET A 67 23.59 2.78 27.06
N ALA A 68 23.46 1.87 28.01
CA ALA A 68 24.59 1.02 28.44
C ALA A 68 24.06 -0.31 28.89
N SER A 69 24.88 -1.36 28.74
CA SER A 69 24.58 -2.63 29.35
C SER A 69 24.97 -2.62 30.84
N ASN A 70 26.25 -2.42 31.15
CA ASN A 70 26.67 -2.13 32.51
C ASN A 70 27.09 -0.67 32.58
N PHE A 71 26.64 0.01 33.63
CA PHE A 71 27.03 1.38 33.87
C PHE A 71 27.01 1.67 35.38
N ASP A 72 28.18 1.98 35.93
CA ASP A 72 28.39 2.18 37.37
C ASP A 72 28.20 0.87 38.13
N ARG A 73 28.65 -0.23 37.55
CA ARG A 73 28.62 -1.55 38.19
C ARG A 73 29.77 -1.67 39.20
N LEU A 74 29.44 -2.07 40.43
CA LEU A 74 30.41 -2.14 41.51
C LEU A 74 31.07 -3.52 41.62
N THR A 75 32.39 -3.53 41.77
CA THR A 75 33.10 -4.73 42.20
C THR A 75 33.97 -4.35 43.39
N VAL A 76 34.40 -5.35 44.15
CA VAL A 76 35.00 -5.07 45.45
C VAL A 76 36.25 -5.91 45.67
N TRP A 77 37.30 -5.26 46.18
CA TRP A 77 38.59 -5.89 46.46
C TRP A 77 38.99 -5.65 47.90
N GLN A 78 39.47 -6.70 48.55
CA GLN A 78 40.03 -6.61 49.90
C GLN A 78 41.50 -7.03 49.83
N ASP A 79 42.40 -6.06 50.01
CA ASP A 79 43.85 -6.29 49.95
C ASP A 79 44.27 -7.14 48.73
N GLY A 80 43.77 -6.76 47.56
CA GLY A 80 44.17 -7.39 46.31
C GLY A 80 43.44 -8.69 45.98
N LYS A 81 42.44 -9.03 46.79
CA LYS A 81 41.62 -10.22 46.57
C LYS A 81 40.20 -9.80 46.19
N LYS A 82 39.74 -10.23 45.02
CA LYS A 82 38.41 -9.88 44.55
C LYS A 82 37.32 -10.63 45.33
N VAL A 83 36.41 -9.88 45.94
CA VAL A 83 35.28 -10.44 46.68
C VAL A 83 34.33 -11.20 45.74
N ASP A 84 33.94 -12.43 46.14
CA ASP A 84 33.07 -13.31 45.35
C ASP A 84 31.65 -13.30 45.93
N PHE A 85 30.76 -12.52 45.31
CA PHE A 85 29.42 -12.27 45.85
C PHE A 85 28.39 -13.22 45.22
N THR A 86 27.40 -13.63 46.00
CA THR A 86 26.18 -14.22 45.42
C THR A 86 25.10 -13.12 45.35
N LEU A 87 24.20 -13.20 44.37
CA LEU A 87 23.22 -12.13 44.08
C LEU A 87 21.80 -12.51 44.50
N GLU A 88 21.14 -11.59 45.20
CA GLU A 88 19.68 -11.58 45.34
C GLU A 88 19.21 -10.23 44.80
N ALA A 89 18.15 -10.25 43.99
CA ALA A 89 17.65 -9.02 43.38
C ALA A 89 16.15 -9.10 43.17
N TYR A 90 15.44 -8.09 43.68
CA TYR A 90 14.02 -7.99 43.47
C TYR A 90 13.56 -6.54 43.23
N SER A 91 12.39 -6.42 42.62
CA SER A 91 11.68 -5.15 42.51
C SER A 91 10.61 -5.18 43.57
N ILE A 92 10.26 -4.01 44.08
CA ILE A 92 9.04 -3.81 44.84
C ILE A 92 8.37 -2.55 44.27
N PRO A 93 7.10 -2.34 44.61
CA PRO A 93 6.50 -1.09 44.16
C PRO A 93 7.32 0.10 44.68
N GLY A 94 7.98 0.80 43.76
CA GLY A 94 8.71 2.03 44.11
C GLY A 94 10.22 1.86 44.22
N ALA A 95 10.72 0.62 44.12
CA ALA A 95 12.16 0.46 44.25
C ALA A 95 12.72 -0.79 43.60
N LEU A 96 13.99 -0.70 43.22
CA LEU A 96 14.76 -1.88 42.87
C LEU A 96 15.74 -2.12 44.01
N VAL A 97 15.95 -3.38 44.35
CA VAL A 97 16.87 -3.75 45.41
C VAL A 97 17.76 -4.89 44.88
N GLN A 98 19.03 -4.84 45.24
CA GLN A 98 19.88 -6.00 45.08
C GLN A 98 20.80 -6.09 46.26
N LYS A 99 21.14 -7.32 46.61
CA LYS A 99 21.93 -7.66 47.77
C LYS A 99 23.06 -8.58 47.33
N LEU A 100 24.28 -8.15 47.61
CA LEU A 100 25.48 -8.91 47.30
C LEU A 100 25.99 -9.47 48.61
N THR A 101 26.17 -10.79 48.65
CA THR A 101 26.56 -11.48 49.88
C THR A 101 27.84 -12.27 49.65
N ALA A 102 28.86 -11.98 50.46
CA ALA A 102 30.06 -12.81 50.52
C ALA A 102 30.40 -13.03 51.99
N LYS A 103 31.42 -13.85 52.24
CA LYS A 103 31.72 -14.31 53.61
C LYS A 103 31.91 -13.14 54.57
N ASP A 104 32.78 -12.21 54.19
CA ASP A 104 33.18 -11.11 55.08
C ASP A 104 32.72 -9.72 54.63
N VAL A 105 32.08 -9.64 53.46
CA VAL A 105 31.54 -8.39 52.94
C VAL A 105 30.13 -8.61 52.44
N GLN A 106 29.26 -7.62 52.71
CA GLN A 106 27.94 -7.57 52.10
C GLN A 106 27.69 -6.17 51.52
N VAL A 107 26.91 -6.12 50.47
CA VAL A 107 26.42 -4.85 49.92
C VAL A 107 24.92 -4.96 49.75
N GLU A 108 24.21 -3.91 50.15
CA GLU A 108 22.79 -3.78 49.88
C GLU A 108 22.56 -2.48 49.11
N MET A 109 22.00 -2.62 47.90
CA MET A 109 21.75 -1.49 47.03
C MET A 109 20.25 -1.32 46.85
N THR A 110 19.76 -0.12 47.19
CA THR A 110 18.36 0.24 47.03
C THR A 110 18.27 1.45 46.12
N LEU A 111 17.42 1.35 45.09
CA LEU A 111 17.31 2.37 44.07
C LEU A 111 15.89 2.92 44.03
N ARG A 112 15.77 4.22 44.22
CA ARG A 112 14.48 4.91 44.21
C ARG A 112 14.65 6.20 43.43
N PHE A 113 13.55 6.84 43.06
CA PHE A 113 13.64 8.14 42.43
C PHE A 113 13.45 9.25 43.45
N ALA A 114 14.13 10.36 43.20
CA ALA A 114 14.19 11.48 44.12
C ALA A 114 13.64 12.77 43.52
N THR A 115 13.78 12.96 42.21
CA THR A 115 13.16 14.10 41.53
C THR A 115 12.66 13.66 40.17
N PRO A 116 11.97 14.56 39.45
CA PRO A 116 11.52 14.20 38.11
C PRO A 116 12.63 14.01 37.07
N ARG A 117 13.89 14.17 37.46
CA ARG A 117 15.03 13.92 36.57
C ARG A 117 16.12 13.00 37.19
N THR A 118 15.94 12.58 38.44
CA THR A 118 17.05 12.01 39.22
C THR A 118 16.63 10.79 40.03
N SER A 119 17.37 9.69 39.86
CA SER A 119 17.19 8.56 40.75
C SER A 119 18.30 8.57 41.78
N LEU A 120 18.05 7.91 42.92
CA LEU A 120 18.96 7.90 44.04
C LEU A 120 19.26 6.44 44.41
N LEU A 121 20.55 6.11 44.44
CA LEU A 121 21.03 4.79 44.83
C LEU A 121 21.70 4.86 46.19
N GLU A 122 21.21 4.06 47.13
CA GLU A 122 21.92 3.85 48.37
C GLU A 122 22.74 2.58 48.24
N THR A 123 24.05 2.69 48.43
CA THR A 123 24.93 1.51 48.44
C THR A 123 25.45 1.35 49.86
N LYS A 124 24.85 0.40 50.59
CA LYS A 124 25.18 0.15 52.00
C LYS A 124 26.15 -1.04 52.06
N ILE A 125 27.38 -0.75 52.50
CA ILE A 125 28.47 -1.73 52.49
C ILE A 125 28.80 -2.14 53.93
N THR A 126 28.71 -3.45 54.20
CA THR A 126 29.08 -4.00 55.50
C THR A 126 30.42 -4.73 55.36
N SER A 127 31.41 -4.28 56.11
CA SER A 127 32.71 -4.92 56.15
C SER A 127 33.50 -4.50 57.40
N ASN A 128 34.17 -5.46 58.01
CA ASN A 128 34.94 -5.19 59.23
C ASN A 128 36.41 -4.90 58.95
N LYS A 129 36.78 -4.89 57.67
CA LYS A 129 38.11 -4.44 57.22
C LYS A 129 37.98 -3.40 56.09
N PRO A 130 39.06 -2.65 55.81
CA PRO A 130 39.07 -1.74 54.65
C PRO A 130 38.90 -2.44 53.31
N LEU A 131 38.42 -1.68 52.33
CA LEU A 131 38.04 -2.23 51.04
C LEU A 131 38.39 -1.26 49.91
N ASP A 132 38.70 -1.83 48.76
CA ASP A 132 38.88 -1.05 47.55
C ASP A 132 37.65 -1.24 46.68
N LEU A 133 36.97 -0.14 46.38
CA LEU A 133 35.74 -0.15 45.59
C LEU A 133 36.05 0.23 44.15
N VAL A 134 35.46 -0.48 43.20
CA VAL A 134 35.67 -0.20 41.79
C VAL A 134 34.33 -0.17 41.06
N TRP A 135 34.03 0.94 40.38
CA TRP A 135 32.86 0.97 39.50
C TRP A 135 33.30 1.01 38.03
N ASP A 136 32.61 0.29 37.16
CA ASP A 136 32.91 0.41 35.76
C ASP A 136 31.66 0.60 34.92
N GLY A 137 31.84 1.12 33.71
CA GLY A 137 30.73 1.29 32.80
C GLY A 137 31.23 1.42 31.38
N GLU A 138 30.36 1.08 30.43
CA GLU A 138 30.67 1.19 29.01
C GLU A 138 29.40 1.58 28.27
N LEU A 139 29.52 2.51 27.33
CA LEU A 139 28.36 2.90 26.51
C LEU A 139 28.12 1.83 25.45
N LEU A 140 26.85 1.60 25.13
CA LEU A 140 26.45 0.66 24.08
C LEU A 140 27.11 1.02 22.75
N GLU A 141 27.35 0.00 21.94
CA GLU A 141 27.90 0.15 20.59
C GLU A 141 26.90 -0.29 19.51
N LYS A 142 26.26 -1.44 19.72
CA LYS A 142 25.35 -2.04 18.72
C LYS A 142 23.98 -1.34 18.65
N LEU A 143 23.42 -1.23 17.44
CA LEU A 143 22.22 -0.42 17.22
C LEU A 143 20.92 -1.12 17.54
N GLU A 144 20.67 -2.24 16.87
CA GLU A 144 19.35 -2.86 16.93
C GLU A 144 19.34 -4.37 16.78
N ALA A 145 18.48 -5.00 17.59
CA ALA A 145 18.22 -6.43 17.53
C ALA A 145 16.72 -6.67 17.66
N LYS A 146 16.30 -7.84 17.20
CA LYS A 146 14.96 -8.36 17.41
C LYS A 146 15.11 -9.70 18.13
N GLU A 147 14.51 -9.82 19.31
CA GLU A 147 14.57 -11.03 20.11
C GLU A 147 16.01 -11.52 20.34
N GLY A 148 16.93 -10.58 20.54
CA GLY A 148 18.33 -10.92 20.76
C GLY A 148 19.18 -11.08 19.51
N LYS A 149 18.54 -11.29 18.37
CA LYS A 149 19.25 -11.49 17.11
C LYS A 149 19.49 -10.13 16.44
N PRO A 150 20.76 -9.75 16.24
CA PRO A 150 21.01 -8.51 15.53
C PRO A 150 20.38 -8.51 14.14
N LEU A 151 19.77 -7.38 13.77
CA LEU A 151 19.23 -7.20 12.45
C LEU A 151 20.38 -6.96 11.48
N SER A 152 21.39 -6.24 11.96
CA SER A 152 22.50 -5.80 11.13
C SER A 152 23.78 -5.58 11.93
N ASP A 153 24.86 -5.34 11.20
CA ASP A 153 26.16 -5.00 11.77
C ASP A 153 26.23 -3.54 12.25
N LYS A 154 25.15 -2.78 12.05
CA LYS A 154 25.16 -1.34 12.35
C LYS A 154 25.55 -1.01 13.77
N THR A 155 26.25 0.12 13.91
CA THR A 155 26.61 0.65 15.21
C THR A 155 25.86 1.97 15.43
N ILE A 156 25.69 2.34 16.70
CA ILE A 156 24.95 3.53 17.05
C ILE A 156 25.60 4.75 16.42
N ALA A 157 26.92 4.85 16.51
CA ALA A 157 27.64 6.01 15.98
C ALA A 157 27.61 6.04 14.43
N GLY A 158 27.62 4.87 13.81
CA GLY A 158 27.50 4.81 12.34
C GLY A 158 26.18 5.33 11.85
N GLU A 159 25.09 4.82 12.44
CA GLU A 159 23.74 5.31 12.12
C GLU A 159 23.58 6.77 12.51
N TYR A 160 24.22 7.22 13.59
CA TYR A 160 24.01 8.59 14.11
C TYR A 160 25.34 9.34 14.32
N PRO A 161 25.97 9.80 13.23
CA PRO A 161 27.23 10.54 13.25
C PRO A 161 27.28 11.76 14.15
N ASP A 162 26.15 12.44 14.31
CA ASP A 162 26.06 13.62 15.18
C ASP A 162 25.76 13.30 16.65
N TYR A 163 25.56 12.03 17.00
CA TYR A 163 25.27 11.67 18.39
C TYR A 163 26.51 11.99 19.24
N GLN A 164 27.69 11.53 18.79
CA GLN A 164 28.99 11.94 19.35
C GLN A 164 29.01 11.83 20.89
N ARG A 165 28.82 10.62 21.40
CA ARG A 165 28.74 10.44 22.87
C ARG A 165 30.13 10.54 23.51
N LYS A 166 30.25 11.31 24.60
CA LYS A 166 31.49 11.35 25.39
C LYS A 166 31.26 11.37 26.91
N ILE A 167 32.12 10.64 27.60
CA ILE A 167 32.17 10.59 29.06
C ILE A 167 33.19 11.60 29.54
N SER A 168 32.83 12.39 30.54
CA SER A 168 33.78 13.31 31.19
C SER A 168 33.75 13.08 32.70
N ALA A 169 34.88 13.32 33.36
CA ALA A 169 34.97 13.25 34.81
C ALA A 169 34.56 14.58 35.40
N THR A 170 33.94 14.55 36.57
CA THR A 170 33.58 15.77 37.29
C THR A 170 34.16 15.71 38.70
N ARG A 171 34.02 16.80 39.45
CA ARG A 171 34.51 16.88 40.82
C ARG A 171 33.91 15.81 41.74
N ASP A 172 32.70 15.33 41.43
CA ASP A 172 32.01 14.34 42.29
C ASP A 172 31.44 13.11 41.56
N GLY A 173 31.95 12.80 40.37
CA GLY A 173 31.48 11.61 39.65
C GLY A 173 31.85 11.66 38.19
N LEU A 174 30.86 11.55 37.31
CA LEU A 174 31.08 11.65 35.87
C LEU A 174 29.79 11.98 35.13
N LYS A 175 29.91 12.30 33.84
CA LYS A 175 28.74 12.55 33.00
C LYS A 175 28.94 11.96 31.61
N VAL A 176 27.83 11.66 30.93
CA VAL A 176 27.83 11.42 29.50
C VAL A 176 27.11 12.59 28.80
N THR A 177 27.72 13.12 27.74
CA THR A 177 27.10 14.19 26.95
C THR A 177 26.71 13.60 25.60
N PHE A 178 25.69 14.19 24.99
CA PHE A 178 25.11 13.69 23.74
C PHE A 178 24.95 14.84 22.75
N GLY A 179 25.36 14.63 21.52
CA GLY A 179 25.14 15.61 20.47
C GLY A 179 23.71 15.58 19.99
N LYS A 180 23.37 16.58 19.17
CA LYS A 180 22.05 16.78 18.61
C LYS A 180 21.76 15.85 17.45
N VAL A 181 20.76 14.99 17.64
CA VAL A 181 20.26 14.06 16.62
C VAL A 181 18.74 14.24 16.52
N ARG A 182 18.27 14.59 15.31
CA ARG A 182 16.85 14.79 15.06
C ARG A 182 16.30 13.70 14.17
N ALA A 183 16.39 12.45 14.65
CA ALA A 183 15.87 11.26 13.95
C ALA A 183 14.42 10.99 14.33
N THR A 184 13.53 11.58 13.52
CA THR A 184 12.09 11.66 13.77
C THR A 184 11.43 10.44 14.42
N TRP A 185 11.77 9.24 13.96
CA TRP A 185 11.11 8.03 14.43
C TRP A 185 11.95 7.20 15.41
N ASP A 186 13.16 7.67 15.75
CA ASP A 186 14.11 6.81 16.46
C ASP A 186 14.81 7.42 17.66
N LEU A 187 15.28 8.65 17.53
CA LEU A 187 16.21 9.22 18.48
C LEU A 187 16.20 10.75 18.33
N LEU A 188 15.84 11.42 19.41
CA LEU A 188 15.63 12.87 19.45
C LEU A 188 16.40 13.45 20.62
N THR A 189 17.48 14.17 20.30
CA THR A 189 18.26 14.86 21.33
C THR A 189 18.43 16.33 20.94
N SER A 190 18.62 17.15 21.96
CA SER A 190 18.69 18.59 21.82
C SER A 190 20.12 19.06 21.54
N GLY A 191 21.10 18.22 21.86
CA GLY A 191 22.51 18.58 21.83
C GLY A 191 23.02 19.08 23.18
N GLU A 192 22.11 19.23 24.13
CA GLU A 192 22.43 19.72 25.46
C GLU A 192 22.12 18.66 26.52
N SER A 193 21.71 17.46 26.09
CA SER A 193 21.28 16.45 27.05
C SER A 193 22.51 15.76 27.64
N GLU A 194 22.39 15.40 28.90
CA GLU A 194 23.47 14.77 29.67
C GLU A 194 22.89 13.68 30.57
N TYR A 195 23.72 12.66 30.85
CA TYR A 195 23.45 11.69 31.88
C TYR A 195 24.55 11.85 32.94
N GLN A 196 24.19 12.26 34.16
CA GLN A 196 25.17 12.59 35.19
C GLN A 196 25.12 11.64 36.38
N VAL A 197 26.28 11.31 36.91
CA VAL A 197 26.43 10.45 38.07
C VAL A 197 27.15 11.28 39.12
N HIS A 198 26.52 11.52 40.26
CA HIS A 198 27.17 12.26 41.36
C HIS A 198 27.23 11.36 42.57
N LYS A 199 28.34 11.37 43.31
CA LYS A 199 28.49 10.49 44.47
C LYS A 199 28.85 11.23 45.73
N SER A 200 28.50 10.65 46.86
CA SER A 200 28.68 11.29 48.17
C SER A 200 30.13 11.22 48.69
N LEU A 201 30.95 10.37 48.10
CA LEU A 201 32.34 10.25 48.50
C LEU A 201 33.25 10.58 47.32
N PRO A 202 34.49 11.01 47.59
CA PRO A 202 35.41 11.22 46.48
C PRO A 202 35.76 9.93 45.73
N VAL A 203 35.76 10.00 44.40
CA VAL A 203 36.22 8.89 43.58
C VAL A 203 37.21 9.40 42.55
N GLN A 204 38.04 8.48 42.07
CA GLN A 204 39.07 8.80 41.10
C GLN A 204 38.70 8.07 39.82
N THR A 205 38.29 8.86 38.83
CA THR A 205 37.74 8.31 37.59
C THR A 205 38.75 8.40 36.43
N GLU A 206 38.87 7.29 35.75
CA GLU A 206 39.68 7.12 34.57
C GLU A 206 38.72 6.93 33.39
N ILE A 207 39.02 7.52 32.23
CA ILE A 207 38.17 7.37 31.04
C ILE A 207 38.98 6.82 29.85
N ASN A 208 38.50 5.73 29.26
CA ASN A 208 39.15 5.08 28.11
C ASN A 208 38.16 4.87 26.96
N GLY A 209 38.17 5.80 26.00
CA GLY A 209 37.22 5.75 24.89
C GLY A 209 35.83 5.93 25.48
N ASN A 210 34.94 5.00 25.17
CA ASN A 210 33.55 5.08 25.69
C ASN A 210 33.32 4.20 26.94
N ARG A 211 34.37 3.95 27.72
CA ARG A 211 34.23 3.29 29.02
C ARG A 211 34.97 4.02 30.13
N PHE A 212 34.63 3.70 31.38
CA PHE A 212 35.26 4.34 32.52
C PHE A 212 35.48 3.35 33.65
N THR A 213 36.40 3.72 34.54
CA THR A 213 36.64 3.02 35.78
C THR A 213 36.85 4.07 36.86
N SER A 214 36.06 3.98 37.92
CA SER A 214 36.21 4.85 39.09
C SER A 214 36.57 4.01 40.29
N LYS A 215 37.40 4.58 41.14
CA LYS A 215 37.92 3.88 42.29
C LYS A 215 37.69 4.73 43.53
N ALA A 216 37.52 4.04 44.64
CA ALA A 216 37.45 4.65 45.96
C ALA A 216 37.94 3.65 47.00
N HIS A 217 38.49 4.18 48.09
CA HIS A 217 38.93 3.36 49.20
C HIS A 217 38.14 3.70 50.46
N ILE A 218 37.53 2.70 51.08
CA ILE A 218 36.80 2.92 52.34
C ILE A 218 37.44 2.17 53.50
N ASN A 219 37.26 2.71 54.71
CA ASN A 219 37.89 2.18 55.93
C ASN A 219 37.17 0.96 56.52
N GLY A 220 35.87 0.89 56.28
CA GLY A 220 35.09 -0.27 56.67
C GLY A 220 33.65 0.00 56.29
N SER A 221 32.73 -0.68 56.98
CA SER A 221 31.31 -0.46 56.79
C SER A 221 30.95 1.01 56.51
N THR A 222 30.27 1.26 55.39
CA THR A 222 29.77 2.60 55.10
C THR A 222 28.55 2.55 54.19
N THR A 223 27.82 3.65 54.17
CA THR A 223 26.69 3.79 53.27
C THR A 223 26.98 4.99 52.41
N LEU A 224 27.02 4.78 51.11
CA LEU A 224 27.20 5.89 50.19
C LEU A 224 25.99 6.08 49.29
N TYR A 225 25.96 7.24 48.66
CA TYR A 225 24.84 7.64 47.84
C TYR A 225 25.26 8.12 46.49
N THR A 226 24.53 7.69 45.48
CA THR A 226 24.80 8.05 44.11
C THR A 226 23.50 8.52 43.49
N THR A 227 23.58 9.62 42.74
CA THR A 227 22.45 10.11 41.96
C THR A 227 22.74 9.89 40.47
N TYR A 228 21.69 9.56 39.74
CA TYR A 228 21.75 9.40 38.30
C TYR A 228 20.69 10.32 37.72
N SER A 229 21.07 11.17 36.78
CA SER A 229 20.13 12.12 36.19
C SER A 229 20.25 12.15 34.68
N HIS A 230 19.13 11.99 33.99
CA HIS A 230 19.05 12.26 32.56
C HIS A 230 18.38 13.62 32.39
N LEU A 231 19.15 14.57 31.87
CA LEU A 231 18.73 15.95 31.75
C LEU A 231 18.72 16.25 30.27
N LEU A 232 17.60 16.74 29.75
CA LEU A 232 17.38 16.82 28.29
C LEU A 232 17.66 18.17 27.64
N THR A 233 17.79 19.23 28.44
CA THR A 233 18.16 20.55 27.94
C THR A 233 19.19 21.22 28.84
N ALA A 234 19.76 22.33 28.36
CA ALA A 234 20.77 23.05 29.12
C ALA A 234 20.14 23.60 30.40
N GLN A 235 18.89 24.08 30.28
CA GLN A 235 18.17 24.62 31.44
C GLN A 235 17.94 23.54 32.49
N GLU A 236 17.57 22.34 32.05
CA GLU A 236 17.45 21.18 32.95
C GLU A 236 18.77 20.86 33.66
N VAL A 237 19.87 20.79 32.92
CA VAL A 237 21.21 20.56 33.51
C VAL A 237 21.53 21.56 34.64
N SER A 238 21.34 22.86 34.37
CA SER A 238 21.59 23.91 35.36
CA SER A 238 21.60 23.90 35.36
C SER A 238 20.71 23.78 36.59
N LYS A 239 19.42 23.56 36.37
CA LYS A 239 18.45 23.53 37.46
C LYS A 239 18.63 22.33 38.39
N GLU A 240 19.08 21.20 37.85
CA GLU A 240 19.18 19.98 38.66
C GLU A 240 20.32 20.02 39.67
N GLN A 241 21.30 20.90 39.44
CA GLN A 241 22.53 20.86 40.23
C GLN A 241 22.27 21.08 41.69
N MET A 242 21.47 22.10 42.03
CA MET A 242 21.17 22.37 43.43
C MET A 242 20.33 21.25 44.04
N GLN A 243 19.47 20.61 43.25
CA GLN A 243 18.66 19.50 43.75
C GLN A 243 19.53 18.27 44.04
N ILE A 244 20.46 17.97 43.14
CA ILE A 244 21.44 16.88 43.35
C ILE A 244 22.20 17.08 44.67
N ARG A 245 22.63 18.32 44.94
CA ARG A 245 23.36 18.62 46.16
C ARG A 245 22.51 18.45 47.42
N ASP A 246 21.23 18.83 47.35
CA ASP A 246 20.35 18.61 48.50
C ASP A 246 20.15 17.11 48.77
N ILE A 247 20.03 16.34 47.70
CA ILE A 247 19.82 14.90 47.82
C ILE A 247 21.00 14.25 48.52
N LEU A 248 22.20 14.56 48.03
CA LEU A 248 23.41 14.01 48.63
C LEU A 248 23.65 14.56 50.04
N ALA A 249 23.06 15.71 50.37
CA ALA A 249 23.08 16.25 51.75
C ALA A 249 22.04 15.60 52.68
N ARG A 250 20.88 15.20 52.17
CA ARG A 250 19.88 14.54 53.01
C ARG A 250 19.19 13.37 52.33
N PRO A 251 19.96 12.30 52.04
CA PRO A 251 19.43 11.14 51.32
C PRO A 251 18.30 10.38 52.02
N ALA A 252 18.37 10.24 53.35
CA ALA A 252 17.28 9.65 54.11
C ALA A 252 15.94 10.34 53.81
N PHE A 253 15.97 11.67 53.67
CA PHE A 253 14.76 12.44 53.42
C PHE A 253 14.12 12.04 52.09
N TYR A 254 14.94 11.84 51.08
CA TYR A 254 14.45 11.44 49.76
C TYR A 254 14.01 9.97 49.74
N LEU A 255 14.76 9.09 50.40
CA LEU A 255 14.35 7.69 50.47
C LEU A 255 12.98 7.57 51.13
N THR A 256 12.83 8.20 52.30
CA THR A 256 11.58 8.21 53.04
C THR A 256 10.43 8.77 52.21
N ALA A 257 10.65 9.90 51.56
CA ALA A 257 9.62 10.49 50.70
C ALA A 257 9.10 9.49 49.66
N SER A 258 10.01 8.76 49.02
CA SER A 258 9.62 7.76 48.04
C SER A 258 8.89 6.59 48.72
N GLN A 259 9.47 6.03 49.78
CA GLN A 259 8.82 4.97 50.57
C GLN A 259 7.39 5.36 50.93
N GLN A 260 7.21 6.61 51.39
CA GLN A 260 5.90 7.04 51.94
C GLN A 260 4.89 7.25 50.82
N ARG A 261 5.37 7.78 49.70
CA ARG A 261 4.50 7.99 48.53
C ARG A 261 3.93 6.65 48.04
N TRP A 262 4.77 5.63 48.00
CA TRP A 262 4.36 4.30 47.54
C TRP A 262 3.49 3.56 48.57
N GLU A 263 3.78 3.72 49.87
CA GLU A 263 2.87 3.18 50.89
C GLU A 263 1.46 3.77 50.73
N GLU A 264 1.38 5.07 50.43
CA GLU A 264 0.10 5.73 50.18
C GLU A 264 -0.63 5.18 48.93
N TYR A 265 0.09 5.04 47.82
CA TYR A 265 -0.53 4.48 46.61
C TYR A 265 -1.17 3.13 46.93
N LEU A 266 -0.46 2.31 47.69
CA LEU A 266 -0.96 0.97 47.99
C LEU A 266 -2.13 1.00 48.98
N LYS A 267 -2.01 1.81 50.03
CA LYS A 267 -3.11 1.90 51.00
C LYS A 267 -4.36 2.45 50.32
N LYS A 268 -4.19 3.52 49.54
CA LYS A 268 -5.29 4.09 48.80
C LYS A 268 -5.77 3.14 47.71
N GLY A 269 -4.84 2.53 47.00
CA GLY A 269 -5.18 1.69 45.87
C GLY A 269 -5.84 0.35 46.18
N LEU A 270 -5.37 -0.35 47.19
CA LEU A 270 -5.80 -1.73 47.39
C LEU A 270 -7.00 -1.80 48.35
N THR A 271 -8.19 -1.55 47.81
CA THR A 271 -9.40 -1.41 48.65
C THR A 271 -10.32 -2.62 48.54
N ASN A 272 -9.75 -3.76 48.19
CA ASN A 272 -10.48 -5.02 48.14
C ASN A 272 -9.60 -6.16 48.72
N PRO A 273 -9.18 -6.02 50.00
CA PRO A 273 -8.24 -6.99 50.62
C PRO A 273 -8.71 -8.46 50.66
N ASP A 274 -9.97 -8.70 50.32
CA ASP A 274 -10.53 -10.06 50.18
C ASP A 274 -10.37 -10.67 48.78
N ALA A 275 -9.86 -9.91 47.82
CA ALA A 275 -9.46 -10.51 46.54
C ALA A 275 -8.45 -11.60 46.86
N THR A 276 -8.29 -12.58 45.96
CA THR A 276 -7.25 -13.58 46.15
C THR A 276 -5.88 -12.88 46.10
N PRO A 277 -4.82 -13.55 46.57
CA PRO A 277 -3.49 -12.94 46.46
C PRO A 277 -3.07 -12.65 45.02
N GLU A 278 -3.54 -13.48 44.11
CA GLU A 278 -3.20 -13.39 42.69
C GLU A 278 -3.91 -12.19 42.05
N GLN A 279 -5.12 -11.90 42.53
CA GLN A 279 -5.90 -10.75 42.07
C GLN A 279 -5.31 -9.45 42.61
N THR A 280 -4.87 -9.46 43.87
CA THR A 280 -4.24 -8.28 44.44
C THR A 280 -2.94 -7.98 43.71
N ARG A 281 -2.18 -9.01 43.38
CA ARG A 281 -0.94 -8.85 42.63
C ARG A 281 -1.18 -8.21 41.25
N VAL A 282 -2.30 -8.53 40.61
CA VAL A 282 -2.68 -7.88 39.34
C VAL A 282 -2.91 -6.37 39.57
N ALA A 283 -3.57 -6.02 40.67
CA ALA A 283 -3.78 -4.60 41.03
C ALA A 283 -2.46 -3.87 41.20
N VAL A 284 -1.51 -4.51 41.88
CA VAL A 284 -0.22 -3.90 42.15
C VAL A 284 0.58 -3.74 40.86
N LYS A 285 0.50 -4.74 39.98
CA LYS A 285 1.08 -4.61 38.64
C LYS A 285 0.53 -3.41 37.90
N ALA A 286 -0.78 -3.20 38.01
CA ALA A 286 -1.44 -2.07 37.36
C ALA A 286 -0.92 -0.75 37.88
N ILE A 287 -0.78 -0.67 39.20
CA ILE A 287 -0.29 0.52 39.86
C ILE A 287 1.16 0.83 39.48
N GLU A 288 2.02 -0.18 39.42
CA GLU A 288 3.40 0.01 38.96
C GLU A 288 3.46 0.46 37.51
N THR A 289 2.55 -0.06 36.70
CA THR A 289 2.57 0.20 35.26
C THR A 289 2.20 1.66 34.99
N LEU A 290 1.10 2.09 35.61
CA LEU A 290 0.59 3.43 35.45
C LEU A 290 1.61 4.46 35.91
N ASN A 291 2.15 4.26 37.11
CA ASN A 291 3.16 5.17 37.66
C ASN A 291 4.48 5.18 36.85
N GLY A 292 4.80 4.06 36.21
CA GLY A 292 5.96 3.98 35.34
C GLY A 292 5.79 4.72 34.03
N ASN A 293 4.54 4.84 33.56
CA ASN A 293 4.23 5.51 32.29
C ASN A 293 3.98 7.02 32.45
N TRP A 294 4.02 7.46 33.70
CA TRP A 294 3.95 8.87 34.09
C TRP A 294 5.25 9.58 33.73
N ARG A 295 5.11 10.72 33.05
CA ARG A 295 6.23 11.56 32.65
C ARG A 295 6.01 12.97 33.16
N SER A 296 7.09 13.58 33.65
CA SER A 296 7.04 14.94 34.12
C SER A 296 7.10 15.84 32.90
N PRO A 297 6.92 17.16 33.10
CA PRO A 297 6.89 18.06 31.94
C PRO A 297 8.15 17.98 31.10
N GLY A 298 7.96 18.03 29.79
CA GLY A 298 9.05 17.98 28.84
C GLY A 298 8.67 18.55 27.48
N GLY A 299 9.53 19.43 26.96
CA GLY A 299 9.31 20.07 25.65
C GLY A 299 8.05 20.90 25.62
N ALA A 300 7.30 20.78 24.52
CA ALA A 300 5.99 21.44 24.35
C ALA A 300 4.92 21.11 25.42
N VAL A 301 5.04 19.97 26.11
CA VAL A 301 4.06 19.54 27.10
C VAL A 301 4.49 20.06 28.47
N LYS A 302 3.77 21.04 29.01
CA LYS A 302 4.21 21.70 30.26
C LYS A 302 3.59 21.11 31.52
N PHE A 303 3.03 19.91 31.44
CA PHE A 303 2.46 19.25 32.59
C PHE A 303 2.95 17.81 32.66
N ASN A 304 2.90 17.25 33.87
CA ASN A 304 3.06 15.82 34.02
C ASN A 304 1.97 15.16 33.17
N THR A 305 2.27 13.98 32.65
CA THR A 305 1.32 13.25 31.82
C THR A 305 1.54 11.74 31.96
N VAL A 306 0.66 10.95 31.37
CA VAL A 306 0.81 9.47 31.38
C VAL A 306 0.63 9.03 29.94
N THR A 307 1.63 8.31 29.40
CA THR A 307 1.58 7.82 28.04
C THR A 307 1.07 6.37 28.05
N PRO A 308 0.73 5.83 26.86
CA PRO A 308 0.18 4.47 26.84
C PRO A 308 1.18 3.34 27.16
N SER A 309 2.49 3.58 26.95
CA SER A 309 3.53 2.66 27.40
C SER A 309 4.94 3.24 27.24
N VAL A 310 5.69 3.22 28.34
CA VAL A 310 7.06 3.73 28.36
C VAL A 310 8.03 2.86 27.52
N THR A 311 7.70 1.58 27.34
CA THR A 311 8.57 0.68 26.57
C THR A 311 8.08 0.54 25.13
N GLY A 312 6.93 1.14 24.82
CA GLY A 312 6.28 0.95 23.52
C GLY A 312 7.02 1.66 22.40
N ARG A 313 7.03 1.04 21.22
CA ARG A 313 7.70 1.61 20.05
C ARG A 313 7.21 3.03 19.73
N TRP A 314 5.89 3.23 19.85
CA TRP A 314 5.21 4.48 19.40
C TRP A 314 4.47 5.18 20.53
N PHE A 315 4.60 4.68 21.76
CA PHE A 315 3.88 5.23 22.91
C PHE A 315 4.77 5.84 23.98
N SER A 316 6.06 5.97 23.71
CA SER A 316 7.02 6.35 24.75
C SER A 316 7.25 7.84 24.73
N GLY A 317 8.35 8.30 25.35
CA GLY A 317 8.49 9.71 25.61
C GLY A 317 7.31 10.20 26.44
N ASN A 318 6.80 11.38 26.11
CA ASN A 318 5.60 11.89 26.76
C ASN A 318 4.44 11.98 25.77
N GLN A 319 4.43 11.07 24.79
CA GLN A 319 3.36 11.06 23.78
C GLN A 319 2.05 10.73 24.46
N THR A 320 1.05 11.59 24.27
CA THR A 320 -0.18 11.58 25.05
C THR A 320 -1.44 11.67 24.16
N TRP A 321 -2.39 10.77 24.41
CA TRP A 321 -3.70 10.78 23.73
C TRP A 321 -4.84 11.18 24.69
N PRO A 322 -5.95 11.75 24.15
CA PRO A 322 -7.03 12.14 25.08
C PRO A 322 -7.77 10.99 25.75
N TRP A 323 -8.36 10.06 24.99
CA TRP A 323 -9.18 9.05 25.68
C TRP A 323 -8.35 8.05 26.50
N ASP A 324 -7.08 7.87 26.16
CA ASP A 324 -6.17 7.13 27.03
C ASP A 324 -6.10 7.84 28.38
N THR A 325 -5.92 9.15 28.33
CA THR A 325 -5.82 10.00 29.52
C THR A 325 -7.09 9.95 30.34
N TRP A 326 -8.26 10.01 29.70
CA TRP A 326 -9.50 9.99 30.47
C TRP A 326 -9.60 8.67 31.27
N LYS A 327 -9.25 7.56 30.64
CA LYS A 327 -9.29 6.26 31.31
C LYS A 327 -8.26 6.19 32.41
N GLN A 328 -7.04 6.62 32.08
CA GLN A 328 -5.90 6.63 33.01
C GLN A 328 -6.20 7.48 34.25
N ALA A 329 -6.75 8.67 34.02
CA ALA A 329 -6.98 9.61 35.10
C ALA A 329 -8.14 9.17 36.01
N PHE A 330 -9.15 8.53 35.42
CA PHE A 330 -10.25 7.96 36.20
C PHE A 330 -9.73 6.94 37.23
N ALA A 331 -8.87 6.03 36.77
CA ALA A 331 -8.29 5.02 37.64
C ALA A 331 -7.32 5.65 38.62
N MET A 332 -6.46 6.54 38.13
CA MET A 332 -5.43 7.15 38.96
C MET A 332 -6.02 8.10 40.00
N ALA A 333 -7.25 8.55 39.78
CA ALA A 333 -7.96 9.34 40.81
C ALA A 333 -7.99 8.60 42.14
N HIS A 334 -7.97 7.26 42.08
CA HIS A 334 -8.13 6.44 43.28
C HIS A 334 -6.83 6.07 43.98
N PHE A 335 -5.69 6.51 43.47
CA PHE A 335 -4.43 6.29 44.18
C PHE A 335 -3.36 7.37 43.97
N ASN A 336 -3.37 8.05 42.82
CA ASN A 336 -2.40 9.11 42.51
C ASN A 336 -3.13 10.30 41.87
N PRO A 337 -4.05 10.90 42.63
CA PRO A 337 -4.88 11.98 42.09
C PRO A 337 -4.10 13.19 41.59
N ASP A 338 -2.94 13.45 42.17
CA ASP A 338 -2.13 14.60 41.72
C ASP A 338 -1.74 14.45 40.27
N ILE A 339 -1.35 13.25 39.86
CA ILE A 339 -0.90 12.98 38.50
C ILE A 339 -2.09 12.78 37.55
N ALA A 340 -3.22 12.30 38.08
CA ALA A 340 -4.46 12.28 37.33
C ALA A 340 -4.81 13.68 36.87
N LYS A 341 -4.79 14.64 37.80
CA LYS A 341 -5.07 16.04 37.47
C LYS A 341 -4.12 16.52 36.38
N GLU A 342 -2.83 16.28 36.58
CA GLU A 342 -1.82 16.69 35.64
C GLU A 342 -2.04 16.12 34.24
N ASN A 343 -2.25 14.81 34.17
CA ASN A 343 -2.54 14.14 32.91
C ASN A 343 -3.65 14.84 32.11
N ILE A 344 -4.73 15.19 32.79
CA ILE A 344 -5.87 15.88 32.21
C ILE A 344 -5.47 17.28 31.73
N ARG A 345 -4.73 18.00 32.56
CA ARG A 345 -4.24 19.35 32.18
C ARG A 345 -3.35 19.32 30.91
N ALA A 346 -2.48 18.31 30.82
CA ALA A 346 -1.58 18.13 29.69
C ALA A 346 -2.33 18.09 28.37
N VAL A 347 -3.40 17.29 28.34
CA VAL A 347 -4.21 17.10 27.13
C VAL A 347 -4.89 18.41 26.73
N PHE A 348 -5.50 19.07 27.70
CA PHE A 348 -6.22 20.32 27.45
C PHE A 348 -5.33 21.52 27.20
N SER A 349 -4.04 21.39 27.54
CA SER A 349 -3.12 22.50 27.40
C SER A 349 -2.88 22.89 25.94
N TRP A 350 -3.11 21.96 25.01
CA TRP A 350 -3.02 22.25 23.57
C TRP A 350 -4.38 22.28 22.83
N GLN A 351 -5.43 22.56 23.59
CA GLN A 351 -6.75 22.78 23.04
C GLN A 351 -6.65 24.01 22.14
N ILE A 352 -7.34 23.98 21.00
CA ILE A 352 -7.23 25.05 20.03
C ILE A 352 -7.98 26.27 20.57
N GLN A 353 -7.36 27.43 20.42
CA GLN A 353 -7.90 28.69 20.87
C GLN A 353 -8.23 29.61 19.70
N PRO A 354 -9.12 30.58 19.92
CA PRO A 354 -9.37 31.59 18.86
C PRO A 354 -8.10 32.22 18.33
N GLY A 355 -7.95 32.28 17.01
CA GLY A 355 -6.78 32.88 16.36
C GLY A 355 -5.62 31.92 16.16
N ASP A 356 -5.87 30.63 16.35
CA ASP A 356 -4.84 29.63 16.19
C ASP A 356 -4.14 29.81 14.84
N SER A 357 -2.82 29.65 14.83
CA SER A 357 -2.02 29.80 13.61
C SER A 357 -2.34 28.78 12.50
N VAL A 358 -2.73 27.56 12.89
CA VAL A 358 -2.97 26.46 11.95
C VAL A 358 -4.44 26.21 11.62
N ARG A 359 -5.28 26.11 12.66
CA ARG A 359 -6.67 25.72 12.50
C ARG A 359 -7.61 26.59 13.32
N PRO A 360 -7.71 27.89 12.95
CA PRO A 360 -8.58 28.80 13.67
C PRO A 360 -10.05 28.38 13.62
N GLN A 361 -10.41 27.57 12.64
CA GLN A 361 -11.78 27.07 12.47
C GLN A 361 -12.14 25.98 13.48
N ASP A 362 -11.15 25.51 14.25
CA ASP A 362 -11.30 24.38 15.17
C ASP A 362 -11.25 24.78 16.63
N VAL A 363 -11.72 25.99 16.98
CA VAL A 363 -11.70 26.41 18.39
C VAL A 363 -12.36 25.36 19.29
N GLY A 364 -11.69 25.00 20.38
CA GLY A 364 -12.18 24.02 21.34
C GLY A 364 -11.70 22.60 21.09
N PHE A 365 -11.17 22.33 19.91
CA PHE A 365 -10.65 21.01 19.51
C PHE A 365 -9.51 20.57 20.40
N VAL A 366 -9.51 19.29 20.76
CA VAL A 366 -8.41 18.68 21.54
C VAL A 366 -7.60 17.71 20.67
N PRO A 367 -6.31 18.00 20.44
CA PRO A 367 -5.48 17.16 19.59
C PRO A 367 -5.42 15.71 20.04
N ASP A 368 -5.36 14.81 19.06
CA ASP A 368 -5.29 13.37 19.23
C ASP A 368 -4.00 12.93 19.88
N LEU A 369 -2.91 13.60 19.52
CA LEU A 369 -1.58 13.23 19.99
C LEU A 369 -0.68 14.46 20.19
N ILE A 370 -0.28 14.68 21.45
CA ILE A 370 0.70 15.71 21.76
C ILE A 370 1.96 15.06 22.30
N ALA A 371 3.06 15.78 22.24
CA ALA A 371 4.35 15.21 22.55
C ALA A 371 5.38 16.30 22.64
N TRP A 372 6.60 15.91 22.98
CA TRP A 372 7.72 16.83 23.19
C TRP A 372 7.83 17.83 22.05
N ASN A 373 7.81 17.33 20.83
CA ASN A 373 7.99 18.13 19.63
C ASN A 373 6.71 18.38 18.82
N LEU A 374 6.43 19.67 18.63
CA LEU A 374 5.37 20.13 17.79
C LEU A 374 5.60 19.66 16.36
N SER A 375 4.51 19.54 15.60
CA SER A 375 4.61 19.25 14.18
C SER A 375 5.29 20.40 13.43
N PRO A 376 5.80 20.14 12.22
CA PRO A 376 6.33 21.18 11.33
C PRO A 376 5.35 22.32 11.08
N GLU A 377 4.08 22.00 11.01
CA GLU A 377 3.03 22.99 10.83
C GLU A 377 3.02 24.02 11.97
N ARG A 378 3.44 23.61 13.17
CA ARG A 378 3.53 24.52 14.31
C ARG A 378 4.98 24.89 14.64
N GLY A 379 5.91 24.62 13.71
CA GLY A 379 7.29 25.09 13.83
C GLY A 379 8.27 24.14 14.48
N GLY A 380 7.86 22.90 14.70
CA GLY A 380 8.74 21.89 15.30
C GLY A 380 9.17 20.89 14.25
N ASP A 381 9.73 19.77 14.70
CA ASP A 381 10.13 18.69 13.80
C ASP A 381 9.64 17.34 14.23
N GLY A 382 8.54 17.31 14.99
CA GLY A 382 7.99 16.06 15.48
C GLY A 382 7.11 15.40 14.44
N GLY A 383 7.23 14.09 14.27
CA GLY A 383 6.42 13.36 13.32
C GLY A 383 5.23 12.66 13.95
N ASN A 384 5.01 12.86 15.24
CA ASN A 384 3.93 12.17 15.94
C ASN A 384 2.72 13.04 16.21
N TRP A 385 2.97 14.28 16.63
CA TRP A 385 1.90 15.25 16.88
C TRP A 385 0.80 15.16 15.83
N ASN A 386 -0.44 14.94 16.27
CA ASN A 386 -1.57 14.66 15.37
C ASN A 386 -2.80 15.49 15.66
N GLU A 387 -3.26 16.24 14.66
CA GLU A 387 -4.46 17.05 14.75
C GLU A 387 -5.43 16.73 13.60
N ARG A 388 -5.34 15.49 13.10
CA ARG A 388 -6.28 14.99 12.09
C ARG A 388 -7.67 14.70 12.69
N ASN A 389 -7.72 14.48 13.99
CA ASN A 389 -8.93 14.03 14.68
C ASN A 389 -8.72 14.22 16.17
N THR A 390 -9.79 14.03 16.95
CA THR A 390 -9.70 14.01 18.41
C THR A 390 -10.01 12.57 18.88
N LYS A 391 -10.61 12.40 20.05
CA LYS A 391 -11.05 11.08 20.54
C LYS A 391 -12.42 11.29 21.21
N PRO A 392 -13.12 10.20 21.63
CA PRO A 392 -14.47 10.38 22.21
C PRO A 392 -14.55 11.18 23.52
N SER A 393 -15.76 11.64 23.86
CA SER A 393 -15.95 12.57 24.99
C SER A 393 -16.08 11.87 26.34
N LEU A 394 -14.93 11.53 26.94
CA LEU A 394 -14.88 10.96 28.29
CA LEU A 394 -14.90 10.98 28.30
C LEU A 394 -14.19 11.93 29.27
N ALA A 395 -13.92 13.15 28.83
CA ALA A 395 -13.18 14.13 29.65
C ALA A 395 -13.88 14.51 30.97
N ALA A 396 -15.15 14.88 30.90
CA ALA A 396 -15.89 15.33 32.10
C ALA A 396 -15.99 14.20 33.14
N TRP A 397 -16.18 12.98 32.65
CA TRP A 397 -16.14 11.76 33.45
C TRP A 397 -14.89 11.68 34.32
N SER A 398 -13.74 11.79 33.67
CA SER A 398 -12.43 11.76 34.31
CA SER A 398 -12.44 11.74 34.34
C SER A 398 -12.30 12.91 35.31
N VAL A 399 -12.59 14.12 34.83
CA VAL A 399 -12.52 15.28 35.69
C VAL A 399 -13.35 15.16 36.97
N MET A 400 -14.58 14.67 36.83
CA MET A 400 -15.49 14.59 37.98
C MET A 400 -15.10 13.45 38.95
N GLU A 401 -14.51 12.38 38.43
CA GLU A 401 -13.99 11.35 39.34
C GLU A 401 -12.89 11.92 40.22
N VAL A 402 -12.04 12.76 39.65
CA VAL A 402 -11.02 13.45 40.43
C VAL A 402 -11.65 14.38 41.47
N TYR A 403 -12.66 15.14 41.08
CA TYR A 403 -13.34 16.00 42.07
C TYR A 403 -14.04 15.16 43.14
N ASN A 404 -14.73 14.10 42.75
CA ASN A 404 -15.41 13.26 43.76
C ASN A 404 -14.44 12.73 44.83
N VAL A 405 -13.22 12.36 44.42
CA VAL A 405 -12.19 11.91 45.37
C VAL A 405 -11.60 13.10 46.15
N THR A 406 -11.16 14.14 45.46
CA THR A 406 -10.40 15.23 46.12
C THR A 406 -11.27 16.30 46.76
N GLN A 407 -12.48 16.46 46.23
CA GLN A 407 -13.41 17.50 46.69
C GLN A 407 -12.84 18.91 46.56
N ASP A 408 -12.04 19.12 45.52
CA ASP A 408 -11.39 20.38 45.28
C ASP A 408 -12.20 21.24 44.30
N LYS A 409 -12.86 22.28 44.81
CA LYS A 409 -13.70 23.12 43.96
C LYS A 409 -12.85 23.87 42.93
N THR A 410 -11.61 24.22 43.30
CA THR A 410 -10.69 24.89 42.36
C THR A 410 -10.47 24.09 41.08
N TRP A 411 -10.49 22.76 41.22
CA TRP A 411 -10.31 21.84 40.11
C TRP A 411 -11.46 21.92 39.11
N VAL A 412 -12.70 21.88 39.60
CA VAL A 412 -13.87 22.05 38.75
C VAL A 412 -13.86 23.44 38.08
N ALA A 413 -13.52 24.48 38.85
CA ALA A 413 -13.40 25.84 38.29
C ALA A 413 -12.37 25.88 37.17
N GLU A 414 -11.29 25.13 37.34
CA GLU A 414 -10.22 25.09 36.36
C GLU A 414 -10.68 24.43 35.05
N MET A 415 -11.27 23.24 35.17
CA MET A 415 -11.54 22.42 34.00
C MET A 415 -12.86 22.76 33.28
N TYR A 416 -13.84 23.24 34.01
CA TYR A 416 -15.16 23.50 33.44
C TYR A 416 -15.11 24.20 32.07
N PRO A 417 -14.38 25.34 31.93
CA PRO A 417 -14.43 26.09 30.65
C PRO A 417 -13.76 25.38 29.48
N LYS A 418 -12.75 24.58 29.76
CA LYS A 418 -12.12 23.77 28.76
C LYS A 418 -13.07 22.67 28.27
N LEU A 419 -13.74 22.00 29.20
CA LEU A 419 -14.74 20.98 28.89
C LEU A 419 -15.90 21.55 28.07
N VAL A 420 -16.36 22.75 28.44
CA VAL A 420 -17.44 23.42 27.71
C VAL A 420 -17.01 23.73 26.27
N ALA A 421 -15.79 24.25 26.11
CA ALA A 421 -15.23 24.58 24.79
C ALA A 421 -15.10 23.34 23.90
N TYR A 422 -14.70 22.23 24.52
CA TYR A 422 -14.63 20.93 23.83
C TYR A 422 -16.01 20.48 23.36
N HIS A 423 -16.98 20.56 24.26
CA HIS A 423 -18.38 20.27 23.93
C HIS A 423 -18.87 21.09 22.72
N ASP A 424 -18.60 22.41 22.76
CA ASP A 424 -19.07 23.29 21.71
C ASP A 424 -18.42 23.00 20.36
N TRP A 425 -17.13 22.65 20.37
CA TRP A 425 -16.46 22.24 19.14
C TRP A 425 -17.20 21.06 18.47
N TRP A 426 -17.57 20.04 19.23
CA TRP A 426 -18.27 18.89 18.64
C TRP A 426 -19.55 19.31 17.92
N LEU A 427 -20.32 20.19 18.54
CA LEU A 427 -21.61 20.57 17.95
C LEU A 427 -21.44 21.57 16.81
N ARG A 428 -20.26 22.15 16.67
CA ARG A 428 -20.00 23.09 15.61
C ARG A 428 -19.25 22.46 14.42
N ASN A 429 -18.29 21.59 14.69
CA ASN A 429 -17.48 20.97 13.64
C ASN A 429 -17.80 19.48 13.39
N ARG A 430 -18.68 18.89 14.19
CA ARG A 430 -19.04 17.47 14.04
C ARG A 430 -20.55 17.22 14.13
N ASP A 431 -21.35 18.12 13.58
CA ASP A 431 -22.80 17.93 13.55
C ASP A 431 -23.37 18.52 12.26
N HIS A 432 -23.16 17.79 11.17
CA HIS A 432 -23.45 18.28 9.83
C HIS A 432 -24.89 18.74 9.66
N ASN A 433 -25.81 17.92 10.14
CA ASN A 433 -27.23 18.17 10.00
C ASN A 433 -27.83 19.03 11.12
N GLY A 434 -27.03 19.40 12.11
CA GLY A 434 -27.44 20.37 13.12
C GLY A 434 -28.50 19.86 14.08
N ASN A 435 -28.53 18.54 14.29
CA ASN A 435 -29.56 17.97 15.12
C ASN A 435 -29.11 17.76 16.57
N GLY A 436 -27.89 18.17 16.89
CA GLY A 436 -27.37 18.07 18.24
C GLY A 436 -26.76 16.73 18.57
N VAL A 437 -26.71 15.84 17.58
CA VAL A 437 -26.19 14.49 17.74
C VAL A 437 -24.95 14.41 16.88
N PRO A 438 -23.77 14.23 17.50
CA PRO A 438 -22.53 14.37 16.75
C PRO A 438 -22.18 13.20 15.84
N GLU A 439 -21.41 13.49 14.80
CA GLU A 439 -20.77 12.47 13.97
C GLU A 439 -19.28 12.43 14.30
N TYR A 440 -18.68 11.26 14.11
CA TYR A 440 -17.24 11.19 14.05
C TYR A 440 -16.84 11.71 12.67
N GLY A 441 -15.64 12.24 12.56
CA GLY A 441 -15.15 12.74 11.27
C GLY A 441 -13.66 13.06 11.26
N ALA A 442 -13.30 14.09 10.49
CA ALA A 442 -11.90 14.42 10.25
C ALA A 442 -11.73 15.94 10.10
N THR A 443 -10.62 16.48 10.58
CA THR A 443 -10.37 17.92 10.48
C THR A 443 -9.96 18.34 9.07
N ARG A 444 -10.00 19.65 8.80
CA ARG A 444 -9.32 20.14 7.61
C ARG A 444 -7.84 19.94 7.88
N ASP A 445 -7.14 19.27 6.95
CA ASP A 445 -5.80 18.74 7.22
C ASP A 445 -5.12 18.33 5.95
N LYS A 446 -3.80 18.52 5.90
CA LYS A 446 -2.99 18.11 4.77
C LYS A 446 -3.15 16.62 4.43
N ALA A 447 -3.48 15.78 5.40
CA ALA A 447 -3.71 14.35 5.13
C ALA A 447 -5.08 14.05 4.51
N HIS A 448 -6.04 14.98 4.65
CA HIS A 448 -7.44 14.72 4.28
C HIS A 448 -7.91 15.37 3.02
N ASN A 449 -7.32 16.53 2.69
CA ASN A 449 -7.82 17.39 1.64
C ASN A 449 -6.71 18.17 0.93
N THR A 450 -7.00 18.54 -0.31
CA THR A 450 -6.09 19.41 -1.06
C THR A 450 -6.08 20.81 -0.41
N GLU A 451 -5.10 21.62 -0.80
CA GLU A 451 -5.03 23.02 -0.41
C GLU A 451 -6.32 23.78 -0.74
N SER A 452 -6.97 23.41 -1.83
CA SER A 452 -8.21 24.05 -2.27
C SER A 452 -9.45 23.56 -1.52
N GLY A 453 -9.27 22.65 -0.55
CA GLY A 453 -10.35 22.16 0.29
C GLY A 453 -11.10 20.94 -0.23
N GLU A 454 -10.47 20.12 -1.08
CA GLU A 454 -11.18 19.00 -1.70
C GLU A 454 -10.70 17.66 -1.12
N MET A 455 -11.66 16.84 -0.71
CA MET A 455 -11.38 15.62 0.08
C MET A 455 -10.67 14.56 -0.74
N LEU A 456 -9.57 14.04 -0.19
CA LEU A 456 -8.73 13.09 -0.90
C LEU A 456 -9.26 11.67 -0.77
N PHE A 457 -9.08 10.88 -1.82
CA PHE A 457 -9.34 9.45 -1.78
C PHE A 457 -8.57 8.76 -2.90
N THR A 458 -8.33 7.46 -2.70
CA THR A 458 -7.57 6.64 -3.60
C THR A 458 -8.47 5.49 -4.06
N VAL A 459 -8.61 5.33 -5.38
CA VAL A 459 -9.37 4.19 -5.96
C VAL A 459 -8.39 3.10 -6.40
N LYS A 460 -8.63 1.86 -5.97
CA LYS A 460 -7.77 0.74 -6.28
C LYS A 460 -8.50 -0.28 -7.14
N LYS A 461 -7.84 -0.74 -8.20
CA LYS A 461 -8.36 -1.79 -9.08
C LYS A 461 -7.21 -2.67 -9.54
N GLY A 462 -7.19 -3.92 -9.06
CA GLY A 462 -6.06 -4.80 -9.31
C GLY A 462 -4.81 -4.11 -8.79
N ASP A 463 -3.80 -3.93 -9.64
CA ASP A 463 -2.54 -3.31 -9.24
C ASP A 463 -2.55 -1.79 -9.48
N LYS A 464 -3.61 -1.30 -10.11
CA LYS A 464 -3.73 0.13 -10.38
C LYS A 464 -4.21 0.88 -9.14
N GLU A 465 -3.58 2.02 -8.84
CA GLU A 465 -4.11 2.97 -7.84
C GLU A 465 -4.21 4.35 -8.49
N GLU A 466 -5.33 5.02 -8.28
CA GLU A 466 -5.48 6.41 -8.70
C GLU A 466 -6.00 7.25 -7.54
N THR A 467 -5.27 8.32 -7.24
CA THR A 467 -5.56 9.22 -6.15
C THR A 467 -6.27 10.46 -6.69
N GLN A 468 -7.48 10.72 -6.18
CA GLN A 468 -8.37 11.77 -6.66
C GLN A 468 -8.82 12.69 -5.53
N SER A 469 -9.52 13.75 -5.87
CA SER A 469 -10.05 14.67 -4.88
C SER A 469 -11.47 15.14 -5.20
N GLY A 470 -12.22 15.50 -4.16
CA GLY A 470 -13.53 16.13 -4.32
C GLY A 470 -14.68 15.22 -3.93
N LEU A 471 -15.61 15.71 -3.11
CA LEU A 471 -16.71 14.88 -2.59
C LEU A 471 -17.71 14.49 -3.66
N ASN A 472 -17.97 15.40 -4.60
CA ASN A 472 -18.86 15.07 -5.71
C ASN A 472 -18.25 13.98 -6.59
N ASN A 473 -16.93 14.02 -6.76
CA ASN A 473 -16.21 12.96 -7.47
C ASN A 473 -16.29 11.62 -6.74
N TYR A 474 -16.11 11.68 -5.42
CA TYR A 474 -16.24 10.51 -4.58
C TYR A 474 -17.64 9.88 -4.71
N ALA A 475 -18.67 10.72 -4.59
CA ALA A 475 -20.05 10.26 -4.68
C ALA A 475 -20.25 9.54 -6.02
N ARG A 476 -19.84 10.17 -7.11
CA ARG A 476 -19.86 9.56 -8.44
C ARG A 476 -19.12 8.22 -8.48
N VAL A 477 -17.89 8.16 -7.97
CA VAL A 477 -17.10 6.92 -8.02
C VAL A 477 -17.77 5.80 -7.23
N VAL A 478 -18.24 6.14 -6.03
CA VAL A 478 -18.97 5.20 -5.17
C VAL A 478 -20.23 4.65 -5.84
N GLU A 479 -21.00 5.53 -6.49
CA GLU A 479 -22.23 5.10 -7.14
C GLU A 479 -21.96 4.10 -8.25
N LYS A 480 -20.95 4.39 -9.07
CA LYS A 480 -20.55 3.50 -10.17
C LYS A 480 -20.02 2.16 -9.67
N GLY A 481 -19.32 2.16 -8.53
CA GLY A 481 -18.78 0.92 -7.96
C GLY A 481 -17.72 0.25 -8.84
N GLN A 482 -17.01 1.06 -9.62
CA GLN A 482 -16.01 0.58 -10.58
C GLN A 482 -14.61 0.59 -9.98
N TYR A 483 -14.42 -0.27 -8.98
CA TYR A 483 -13.18 -0.36 -8.25
C TYR A 483 -13.21 -1.62 -7.40
N ASP A 484 -12.04 -2.11 -7.01
CA ASP A 484 -11.96 -3.19 -6.01
C ASP A 484 -12.04 -2.65 -4.58
N SER A 485 -11.30 -1.57 -4.28
CA SER A 485 -11.35 -0.95 -2.95
CA SER A 485 -11.30 -0.95 -2.94
C SER A 485 -11.06 0.55 -2.99
N LEU A 486 -11.42 1.22 -1.90
CA LEU A 486 -11.17 2.64 -1.70
C LEU A 486 -10.35 2.84 -0.43
N GLU A 487 -9.43 3.79 -0.47
CA GLU A 487 -8.78 4.23 0.75
C GLU A 487 -9.03 5.73 0.86
N ILE A 488 -9.54 6.13 2.03
CA ILE A 488 -9.97 7.50 2.26
C ILE A 488 -9.37 7.98 3.60
N PRO A 489 -8.41 8.90 3.51
CA PRO A 489 -7.81 9.41 4.75
C PRO A 489 -8.85 9.89 5.78
N ALA A 490 -9.89 10.57 5.32
CA ALA A 490 -10.98 11.04 6.22
C ALA A 490 -11.66 9.89 6.93
N GLN A 491 -11.81 8.76 6.25
CA GLN A 491 -12.37 7.57 6.89
C GLN A 491 -11.49 7.01 7.99
N VAL A 492 -10.21 6.86 7.69
CA VAL A 492 -9.23 6.45 8.68
C VAL A 492 -9.28 7.39 9.88
N ALA A 493 -9.22 8.69 9.62
CA ALA A 493 -9.30 9.71 10.67
C ALA A 493 -10.56 9.59 11.53
N ALA A 494 -11.72 9.40 10.90
CA ALA A 494 -12.98 9.27 11.63
C ALA A 494 -12.96 8.06 12.59
N SER A 495 -12.48 6.91 12.11
CA SER A 495 -12.34 5.72 12.96
C SER A 495 -11.35 6.00 14.09
N TRP A 496 -10.28 6.70 13.79
CA TRP A 496 -9.32 7.10 14.83
C TRP A 496 -10.00 7.97 15.89
N GLU A 497 -10.93 8.81 15.44
CA GLU A 497 -11.62 9.75 16.32
C GLU A 497 -12.52 8.98 17.28
N SER A 498 -13.02 7.83 16.85
CA SER A 498 -13.78 6.95 17.74
C SER A 498 -12.85 6.19 18.69
N GLY A 499 -11.57 6.10 18.33
CA GLY A 499 -10.60 5.31 19.06
C GLY A 499 -10.53 3.87 18.60
N ARG A 500 -11.52 3.43 17.83
CA ARG A 500 -11.59 2.05 17.37
C ARG A 500 -11.16 2.03 15.90
N ASP A 501 -9.84 2.08 15.71
CA ASP A 501 -9.18 2.04 14.40
C ASP A 501 -9.75 0.91 13.55
N ASP A 502 -10.26 1.25 12.37
CA ASP A 502 -10.72 0.26 11.37
C ASP A 502 -11.92 -0.59 11.84
N ALA A 503 -12.78 -0.01 12.67
CA ALA A 503 -13.93 -0.77 13.19
C ALA A 503 -14.92 -1.00 12.06
N ALA A 504 -15.68 -2.09 12.18
CA ALA A 504 -16.68 -2.49 11.17
C ALA A 504 -17.69 -1.41 10.82
N VAL A 505 -18.26 -0.79 11.84
CA VAL A 505 -19.35 0.15 11.64
C VAL A 505 -18.92 1.41 10.86
N PHE A 506 -17.62 1.66 10.75
CA PHE A 506 -17.13 2.75 9.92
C PHE A 506 -16.80 2.33 8.48
N GLY A 507 -17.19 1.10 8.15
CA GLY A 507 -17.15 0.60 6.78
C GLY A 507 -15.91 -0.20 6.46
N PHE A 508 -15.29 -0.79 7.48
CA PHE A 508 -14.04 -1.50 7.29
C PHE A 508 -14.35 -2.99 7.33
N ILE A 509 -14.00 -3.66 6.22
CA ILE A 509 -14.28 -5.08 6.03
C ILE A 509 -13.30 -5.58 4.94
N ASP A 510 -12.67 -6.72 5.21
CA ASP A 510 -11.73 -7.34 4.26
C ASP A 510 -12.50 -7.81 3.03
N LYS A 511 -11.82 -7.98 1.90
CA LYS A 511 -12.49 -8.34 0.63
C LYS A 511 -13.13 -9.74 0.65
N GLU A 512 -12.45 -10.75 1.21
CA GLU A 512 -13.04 -12.09 1.38
C GLU A 512 -14.31 -12.08 2.26
N GLN A 513 -14.27 -11.27 3.31
CA GLN A 513 -15.42 -11.10 4.20
C GLN A 513 -16.57 -10.41 3.44
N LEU A 514 -16.25 -9.39 2.64
CA LEU A 514 -17.27 -8.65 1.91
C LEU A 514 -17.97 -9.51 0.84
N ASP A 515 -17.24 -10.49 0.32
CA ASP A 515 -17.78 -11.40 -0.71
C ASP A 515 -18.74 -12.40 -0.09
N LYS A 516 -18.43 -12.88 1.12
CA LYS A 516 -19.33 -13.75 1.84
C LYS A 516 -20.63 -13.01 2.12
N TYR A 517 -20.51 -11.77 2.60
CA TYR A 517 -21.67 -10.91 2.90
C TYR A 517 -22.58 -10.73 1.69
N VAL A 518 -22.01 -10.57 0.51
CA VAL A 518 -22.81 -10.45 -0.72
C VAL A 518 -23.40 -11.81 -1.16
N ALA A 519 -22.58 -12.86 -1.14
CA ALA A 519 -23.04 -14.20 -1.53
C ALA A 519 -24.11 -14.78 -0.60
N ASN A 520 -24.35 -14.14 0.54
CA ASN A 520 -25.43 -14.54 1.42
C ASN A 520 -26.64 -13.57 1.36
N GLY A 521 -26.59 -12.60 0.45
CA GLY A 521 -27.75 -11.74 0.15
C GLY A 521 -27.57 -10.26 0.41
N GLY A 522 -26.45 -9.89 1.03
CA GLY A 522 -26.19 -8.49 1.36
C GLY A 522 -25.80 -7.67 0.13
N LYS A 523 -26.07 -6.37 0.20
CA LYS A 523 -25.67 -5.47 -0.86
C LYS A 523 -24.32 -4.84 -0.52
N ARG A 524 -23.36 -4.96 -1.43
CA ARG A 524 -22.04 -4.34 -1.29
C ARG A 524 -22.17 -2.91 -0.79
N SER A 525 -23.16 -2.20 -1.30
CA SER A 525 -23.39 -0.80 -0.96
C SER A 525 -23.62 -0.54 0.53
N ASP A 526 -24.03 -1.56 1.28
CA ASP A 526 -24.26 -1.44 2.73
C ASP A 526 -23.00 -1.01 3.51
N TRP A 527 -21.83 -1.30 2.93
CA TRP A 527 -20.52 -1.08 3.55
C TRP A 527 -19.80 0.16 3.00
N THR A 528 -20.43 0.86 2.08
CA THR A 528 -19.87 2.10 1.55
C THR A 528 -20.15 3.23 2.53
N VAL A 529 -19.13 4.03 2.75
CA VAL A 529 -19.13 5.08 3.77
C VAL A 529 -19.35 6.39 2.99
N LYS A 530 -20.13 7.28 3.56
CA LYS A 530 -20.45 8.53 2.90
C LYS A 530 -20.01 9.67 3.77
N PHE A 531 -19.68 10.80 3.14
CA PHE A 531 -19.11 11.95 3.84
C PHE A 531 -19.82 13.22 3.46
N ALA A 532 -19.65 14.24 4.30
CA ALA A 532 -20.09 15.57 3.99
C ALA A 532 -19.10 16.58 4.54
N GLU A 533 -18.97 17.70 3.86
CA GLU A 533 -18.15 18.78 4.38
C GLU A 533 -19.00 19.61 5.31
N ASN A 534 -18.39 20.11 6.37
CA ASN A 534 -19.07 20.92 7.36
C ASN A 534 -18.54 22.33 7.16
N ARG A 535 -19.44 23.23 6.81
CA ARG A 535 -19.04 24.60 6.48
C ARG A 535 -19.83 25.55 7.34
N SER A 536 -19.26 26.71 7.62
CA SER A 536 -20.03 27.79 8.24
C SER A 536 -20.78 28.53 7.15
N GLN A 537 -21.63 29.47 7.55
CA GLN A 537 -22.52 30.15 6.60
C GLN A 537 -21.72 31.00 5.64
N ASP A 538 -20.58 31.50 6.08
CA ASP A 538 -19.69 32.27 5.19
C ASP A 538 -18.79 31.37 4.32
N GLY A 539 -19.09 30.07 4.29
CA GLY A 539 -18.36 29.13 3.44
C GLY A 539 -17.04 28.57 3.97
N THR A 540 -16.62 28.96 5.16
CA THR A 540 -15.36 28.47 5.73
C THR A 540 -15.40 26.95 6.01
N LEU A 541 -14.45 26.19 5.47
CA LEU A 541 -14.39 24.74 5.71
C LEU A 541 -14.00 24.41 7.15
N LEU A 542 -14.94 23.83 7.89
CA LEU A 542 -14.66 23.45 9.28
C LEU A 542 -14.07 22.06 9.43
N GLY A 543 -14.33 21.19 8.47
CA GLY A 543 -13.95 19.79 8.55
C GLY A 543 -14.93 18.89 7.81
N TYR A 544 -14.79 17.58 8.02
CA TYR A 544 -15.66 16.59 7.42
C TYR A 544 -16.40 15.81 8.50
N SER A 545 -17.61 15.35 8.18
CA SER A 545 -18.33 14.37 8.99
C SER A 545 -18.59 13.11 8.18
N LEU A 546 -18.42 11.95 8.79
CA LEU A 546 -19.08 10.74 8.28
C LEU A 546 -20.57 11.01 8.28
N LEU A 547 -21.28 10.63 7.23
CA LEU A 547 -22.73 10.78 7.25
C LEU A 547 -23.35 9.63 8.06
N GLN A 548 -23.07 9.68 9.35
CA GLN A 548 -23.39 8.61 10.27
C GLN A 548 -23.18 9.15 11.70
N GLU A 549 -24.16 8.93 12.57
CA GLU A 549 -24.06 9.39 13.96
C GLU A 549 -23.83 8.18 14.85
N SER A 550 -22.77 8.22 15.66
CA SER A 550 -22.35 7.03 16.39
C SER A 550 -22.96 6.94 17.80
N VAL A 551 -23.44 5.74 18.14
CA VAL A 551 -24.15 5.53 19.41
C VAL A 551 -23.20 5.59 20.62
N ASP A 552 -21.92 5.27 20.42
CA ASP A 552 -20.93 5.44 21.51
C ASP A 552 -20.72 6.90 21.86
N GLN A 553 -20.44 7.74 20.85
CA GLN A 553 -20.21 9.16 21.09
C GLN A 553 -21.47 9.88 21.57
N ALA A 554 -22.64 9.48 21.07
CA ALA A 554 -23.89 10.01 21.60
C ALA A 554 -24.01 9.68 23.08
N SER A 555 -23.71 8.42 23.44
CA SER A 555 -23.83 7.99 24.82
C SER A 555 -22.80 8.70 25.72
N TYR A 556 -21.57 8.86 25.21
CA TYR A 556 -20.54 9.56 25.97
C TYR A 556 -20.89 11.04 26.12
N MET A 557 -21.42 11.66 25.07
CA MET A 557 -21.82 13.05 25.18
C MET A 557 -22.97 13.19 26.18
N TYR A 558 -23.84 12.18 26.24
CA TYR A 558 -24.91 12.15 27.22
C TYR A 558 -24.37 12.24 28.64
N SER A 559 -23.45 11.36 28.99
CA SER A 559 -22.86 11.35 30.35
C SER A 559 -22.05 12.62 30.59
N ASP A 560 -21.35 13.06 29.55
CA ASP A 560 -20.53 14.25 29.60
C ASP A 560 -21.35 15.50 29.90
N ASN A 561 -22.53 15.59 29.28
CA ASN A 561 -23.49 16.66 29.59
C ASN A 561 -23.97 16.63 31.04
N HIS A 562 -24.25 15.45 31.56
CA HIS A 562 -24.58 15.32 32.99
C HIS A 562 -23.46 15.76 33.92
N TYR A 563 -22.24 15.31 33.65
CA TYR A 563 -21.08 15.71 34.46
C TYR A 563 -20.85 17.22 34.39
N LEU A 564 -21.01 17.80 33.20
CA LEU A 564 -20.93 19.26 33.02
C LEU A 564 -22.00 19.97 33.83
N ALA A 565 -23.19 19.39 33.93
CA ALA A 565 -24.27 19.98 34.71
C ALA A 565 -23.91 19.96 36.20
N GLU A 566 -23.38 18.83 36.68
CA GLU A 566 -22.88 18.78 38.07
C GLU A 566 -21.85 19.87 38.35
N MET A 567 -20.90 20.05 37.42
CA MET A 567 -19.86 21.05 37.56
C MET A 567 -20.46 22.45 37.55
N ALA A 568 -21.39 22.70 36.64
CA ALA A 568 -22.09 23.99 36.60
C ALA A 568 -22.78 24.28 37.92
N THR A 569 -23.42 23.26 38.49
CA THR A 569 -24.11 23.40 39.76
C THR A 569 -23.12 23.72 40.87
N ILE A 570 -22.00 23.03 40.89
CA ILE A 570 -20.93 23.30 41.87
C ILE A 570 -20.42 24.75 41.81
N LEU A 571 -20.32 25.30 40.60
CA LEU A 571 -19.81 26.64 40.41
C LEU A 571 -20.88 27.74 40.49
N GLY A 572 -22.09 27.38 40.89
CA GLY A 572 -23.20 28.32 40.95
C GLY A 572 -23.57 28.91 39.61
N LYS A 573 -23.67 28.05 38.58
CA LYS A 573 -24.18 28.46 37.27
C LYS A 573 -25.44 27.66 36.93
N PRO A 574 -26.56 27.97 37.61
CA PRO A 574 -27.78 27.15 37.51
C PRO A 574 -28.42 27.06 36.11
N GLU A 575 -28.34 28.14 35.32
CA GLU A 575 -28.87 28.15 33.96
C GLU A 575 -28.03 27.30 33.01
N GLU A 576 -26.71 27.31 33.18
CA GLU A 576 -25.84 26.44 32.36
C GLU A 576 -26.10 24.97 32.73
N ALA A 577 -26.25 24.73 34.04
CA ALA A 577 -26.60 23.41 34.56
C ALA A 577 -27.86 22.86 33.92
N LYS A 578 -28.90 23.69 33.91
CA LYS A 578 -30.21 23.32 33.37
C LYS A 578 -30.06 22.99 31.90
N ARG A 579 -29.32 23.80 31.18
CA ARG A 579 -29.16 23.57 29.74
C ARG A 579 -28.47 22.24 29.46
N TYR A 580 -27.43 21.92 30.22
CA TYR A 580 -26.73 20.63 30.04
C TYR A 580 -27.61 19.42 30.40
N ARG A 581 -28.42 19.54 31.45
CA ARG A 581 -29.39 18.47 31.77
C ARG A 581 -30.43 18.33 30.67
N GLN A 582 -30.89 19.44 30.10
CA GLN A 582 -31.85 19.36 29.01
C GLN A 582 -31.20 18.77 27.75
N LEU A 583 -29.96 19.18 27.47
CA LEU A 583 -29.21 18.62 26.36
C LEU A 583 -29.02 17.10 26.51
N ALA A 584 -28.77 16.65 27.75
CA ALA A 584 -28.59 15.23 28.02
C ALA A 584 -29.88 14.46 27.76
N GLN A 585 -31.02 14.96 28.24
CA GLN A 585 -32.30 14.29 28.00
C GLN A 585 -32.62 14.14 26.51
N GLN A 586 -32.46 15.21 25.75
CA GLN A 586 -32.66 15.17 24.29
C GLN A 586 -31.85 14.06 23.65
N LEU A 587 -30.61 13.87 24.09
CA LEU A 587 -29.73 12.82 23.50
C LEU A 587 -30.15 11.43 23.94
N ALA A 588 -30.61 11.30 25.18
CA ALA A 588 -31.18 10.04 25.66
C ALA A 588 -32.36 9.63 24.78
N ASP A 589 -33.27 10.57 24.55
CA ASP A 589 -34.46 10.29 23.72
C ASP A 589 -34.04 9.84 22.32
N TYR A 590 -33.03 10.50 21.76
CA TYR A 590 -32.54 10.16 20.42
C TYR A 590 -31.88 8.79 20.35
N ILE A 591 -31.02 8.50 21.32
CA ILE A 591 -30.32 7.21 21.41
C ILE A 591 -31.33 6.07 21.50
N ASN A 592 -32.31 6.23 22.38
CA ASN A 592 -33.34 5.22 22.59
C ASN A 592 -34.32 5.15 21.44
N THR A 593 -34.73 6.30 20.88
CA THR A 593 -35.68 6.29 19.75
C THR A 593 -35.00 5.83 18.45
N CYS A 594 -33.82 6.38 18.15
CA CYS A 594 -33.20 6.24 16.82
C CYS A 594 -32.16 5.11 16.69
N MET A 595 -31.40 4.87 17.75
CA MET A 595 -30.23 4.03 17.65
C MET A 595 -30.45 2.64 18.22
N PHE A 596 -31.52 2.47 18.98
CA PHE A 596 -31.96 1.13 19.43
C PHE A 596 -32.77 0.47 18.32
N ASP A 597 -32.47 -0.82 18.07
CA ASP A 597 -33.28 -1.66 17.21
C ASP A 597 -33.97 -2.73 18.05
N PRO A 598 -35.29 -2.62 18.25
CA PRO A 598 -36.00 -3.64 19.04
C PRO A 598 -35.92 -5.05 18.46
N THR A 599 -35.70 -5.18 17.16
CA THR A 599 -35.70 -6.50 16.54
C THR A 599 -34.48 -7.36 16.87
N THR A 600 -33.28 -6.79 16.78
CA THR A 600 -32.04 -7.49 17.12
C THR A 600 -31.63 -7.20 18.56
N GLN A 601 -32.39 -6.34 19.24
CA GLN A 601 -32.23 -6.11 20.68
C GLN A 601 -30.90 -5.47 21.00
N PHE A 602 -30.54 -4.48 20.18
CA PHE A 602 -29.22 -3.90 20.29
C PHE A 602 -29.19 -2.48 19.77
N TYR A 603 -28.16 -1.75 20.18
CA TYR A 603 -27.94 -0.37 19.74
C TYR A 603 -26.92 -0.35 18.62
N TYR A 604 -27.08 0.59 17.69
CA TYR A 604 -26.17 0.74 16.57
C TYR A 604 -26.00 2.20 16.21
N ASP A 605 -24.95 2.52 15.45
CA ASP A 605 -24.86 3.82 14.76
C ASP A 605 -26.05 3.95 13.79
N VAL A 606 -26.49 5.18 13.52
CA VAL A 606 -27.42 5.40 12.41
C VAL A 606 -26.83 6.26 11.27
N ARG A 607 -27.32 5.99 10.06
CA ARG A 607 -26.97 6.80 8.91
C ARG A 607 -27.64 8.16 8.98
N ILE A 608 -26.96 9.16 8.45
CA ILE A 608 -27.60 10.42 8.12
C ILE A 608 -28.05 10.27 6.68
N GLU A 609 -29.34 9.99 6.53
CA GLU A 609 -29.93 9.67 5.22
C GLU A 609 -30.31 10.98 4.52
N ASP A 610 -30.69 10.90 3.24
CA ASP A 610 -30.94 12.11 2.44
C ASP A 610 -32.04 12.98 3.04
N LYS A 611 -33.09 12.34 3.55
CA LYS A 611 -34.06 13.03 4.40
C LYS A 611 -34.21 12.29 5.74
N PRO A 612 -34.58 13.02 6.78
CA PRO A 612 -34.76 12.37 8.07
C PRO A 612 -36.00 11.51 8.04
N LEU A 613 -36.04 10.52 8.91
CA LEU A 613 -37.25 9.71 9.10
C LEU A 613 -38.38 10.55 9.68
N ALA A 614 -39.60 10.01 9.58
CA ALA A 614 -40.83 10.63 10.13
C ALA A 614 -40.73 11.03 11.61
N ASN A 615 -40.08 10.20 12.43
CA ASN A 615 -39.87 10.51 13.86
C ASN A 615 -38.72 11.49 14.16
N GLY A 616 -38.10 12.03 13.12
CA GLY A 616 -37.03 13.02 13.29
C GLY A 616 -35.64 12.46 13.35
N CYS A 617 -35.51 11.13 13.34
CA CYS A 617 -34.20 10.48 13.35
C CYS A 617 -33.54 10.73 12.01
N ALA A 618 -32.22 10.85 12.00
CA ALA A 618 -31.46 11.12 10.78
C ALA A 618 -31.54 9.96 9.76
N GLY A 619 -31.72 8.76 10.30
CA GLY A 619 -31.79 7.56 9.47
C GLY A 619 -31.95 6.33 10.33
N LYS A 620 -31.89 5.16 9.69
CA LYS A 620 -32.05 3.88 10.39
C LYS A 620 -30.76 3.38 11.02
N PRO A 621 -30.90 2.55 12.07
CA PRO A 621 -29.71 1.93 12.66
C PRO A 621 -28.99 1.09 11.62
N ILE A 622 -27.66 1.16 11.60
CA ILE A 622 -26.84 0.40 10.64
C ILE A 622 -26.69 -1.03 11.13
N VAL A 623 -27.82 -1.73 11.20
CA VAL A 623 -27.83 -3.08 11.74
C VAL A 623 -27.01 -4.05 10.90
N GLU A 624 -26.91 -3.79 9.60
CA GLU A 624 -26.29 -4.74 8.67
C GLU A 624 -24.76 -4.81 8.82
N ARG A 625 -24.14 -3.76 9.36
CA ARG A 625 -22.71 -3.81 9.66
C ARG A 625 -22.36 -4.51 10.98
N GLY A 626 -23.36 -5.05 11.66
CA GLY A 626 -23.11 -5.98 12.76
C GLY A 626 -23.02 -5.29 14.10
N LYS A 627 -22.96 -6.10 15.14
CA LYS A 627 -22.98 -5.61 16.52
C LYS A 627 -21.58 -5.39 17.08
N GLY A 628 -21.45 -4.36 17.92
CA GLY A 628 -20.17 -3.98 18.49
C GLY A 628 -20.28 -3.50 19.94
N PRO A 629 -19.13 -3.21 20.55
CA PRO A 629 -19.14 -2.74 21.92
C PRO A 629 -19.80 -1.37 22.06
N GLU A 630 -19.93 -0.64 20.97
CA GLU A 630 -20.68 0.63 21.00
C GLU A 630 -22.13 0.39 21.42
N GLY A 631 -22.61 -0.83 21.23
CA GLY A 631 -23.96 -1.20 21.57
C GLY A 631 -24.29 -1.27 23.06
N TRP A 632 -23.29 -1.37 23.93
CA TRP A 632 -23.57 -1.26 25.36
C TRP A 632 -23.14 0.07 25.96
N SER A 633 -22.71 0.99 25.11
CA SER A 633 -22.34 2.31 25.56
C SER A 633 -23.53 3.05 26.18
N PRO A 634 -24.75 2.82 25.66
CA PRO A 634 -25.87 3.45 26.35
C PRO A 634 -26.10 2.95 27.77
N LEU A 635 -25.69 1.72 28.04
CA LEU A 635 -25.79 1.17 29.38
C LEU A 635 -24.69 1.75 30.27
N PHE A 636 -23.45 1.73 29.78
CA PHE A 636 -22.36 2.24 30.58
C PHE A 636 -22.61 3.70 30.95
N ASN A 637 -23.10 4.50 29.98
CA ASN A 637 -23.29 5.95 30.19
C ASN A 637 -24.64 6.35 30.83
N GLY A 638 -25.53 5.38 31.01
CA GLY A 638 -26.79 5.61 31.67
C GLY A 638 -27.88 6.26 30.83
N ALA A 639 -27.67 6.28 29.50
CA ALA A 639 -28.66 6.81 28.57
C ALA A 639 -29.79 5.84 28.27
N ALA A 640 -29.55 4.54 28.45
CA ALA A 640 -30.55 3.52 28.11
C ALA A 640 -31.74 3.51 29.06
N THR A 641 -32.93 3.20 28.50
CA THR A 641 -34.09 2.89 29.30
C THR A 641 -33.87 1.48 29.83
N GLN A 642 -34.50 1.18 30.97
CA GLN A 642 -34.34 -0.13 31.60
C GLN A 642 -34.68 -1.27 30.63
N ALA A 643 -35.76 -1.11 29.88
CA ALA A 643 -36.22 -2.12 28.92
C ALA A 643 -35.19 -2.39 27.83
N ASN A 644 -34.63 -1.33 27.26
CA ASN A 644 -33.60 -1.46 26.22
C ASN A 644 -32.36 -2.12 26.78
N ALA A 645 -32.01 -1.75 28.02
CA ALA A 645 -30.89 -2.38 28.74
C ALA A 645 -31.10 -3.88 28.95
N ASP A 646 -32.32 -4.25 29.31
CA ASP A 646 -32.67 -5.66 29.52
C ASP A 646 -32.40 -6.42 28.21
N ALA A 647 -32.81 -5.81 27.10
CA ALA A 647 -32.61 -6.38 25.76
C ALA A 647 -31.12 -6.54 25.45
N VAL A 648 -30.33 -5.49 25.69
CA VAL A 648 -28.91 -5.50 25.36
C VAL A 648 -28.12 -6.56 26.13
N VAL A 649 -28.41 -6.71 27.42
CA VAL A 649 -27.70 -7.66 28.28
C VAL A 649 -27.93 -9.12 27.84
N LYS A 650 -29.11 -9.43 27.30
CA LYS A 650 -29.35 -10.78 26.76
C LYS A 650 -28.39 -11.10 25.59
N VAL A 651 -28.12 -10.08 24.80
CA VAL A 651 -27.23 -10.20 23.65
C VAL A 651 -25.79 -10.36 24.13
N MET A 652 -25.40 -9.54 25.10
CA MET A 652 -24.06 -9.61 25.64
C MET A 652 -23.75 -11.00 26.21
N LEU A 653 -24.78 -11.61 26.78
CA LEU A 653 -24.60 -12.88 27.48
C LEU A 653 -24.74 -14.08 26.55
N ASP A 654 -25.05 -13.83 25.28
CA ASP A 654 -25.27 -14.89 24.30
C ASP A 654 -23.92 -15.35 23.72
N PRO A 655 -23.58 -16.63 23.89
CA PRO A 655 -22.34 -17.16 23.33
C PRO A 655 -22.18 -17.02 21.81
N LYS A 656 -23.31 -16.90 21.10
CA LYS A 656 -23.32 -16.59 19.66
C LYS A 656 -22.87 -15.19 19.35
N GLU A 657 -22.97 -14.27 20.33
CA GLU A 657 -22.68 -12.86 20.07
C GLU A 657 -21.38 -12.42 20.75
N PHE A 658 -21.45 -12.17 22.05
CA PHE A 658 -20.33 -11.63 22.79
C PHE A 658 -19.87 -12.51 23.96
N ASN A 659 -20.61 -13.55 24.30
CA ASN A 659 -20.25 -14.30 25.51
C ASN A 659 -19.26 -15.41 25.15
N THR A 660 -18.06 -15.00 24.75
CA THR A 660 -16.98 -15.87 24.28
C THR A 660 -15.98 -16.25 25.40
N PHE A 661 -15.03 -17.12 25.08
CA PHE A 661 -13.98 -17.59 26.00
C PHE A 661 -13.32 -16.44 26.79
N VAL A 662 -13.01 -15.34 26.10
CA VAL A 662 -12.83 -14.05 26.78
C VAL A 662 -13.95 -13.18 26.24
N PRO A 663 -14.93 -12.83 27.09
CA PRO A 663 -16.14 -12.21 26.59
C PRO A 663 -16.04 -10.71 26.33
N LEU A 664 -17.01 -10.20 25.60
CA LEU A 664 -17.22 -8.76 25.37
C LEU A 664 -16.15 -8.10 24.51
N GLY A 665 -15.85 -8.76 23.39
CA GLY A 665 -14.91 -8.26 22.43
C GLY A 665 -15.47 -7.16 21.56
N THR A 666 -14.62 -6.65 20.68
CA THR A 666 -14.92 -5.47 19.88
C THR A 666 -15.73 -5.71 18.61
N ALA A 667 -16.13 -6.96 18.37
CA ALA A 667 -17.15 -7.27 17.38
C ALA A 667 -17.76 -8.62 17.73
N ALA A 668 -19.07 -8.73 17.57
CA ALA A 668 -19.74 -9.99 17.84
C ALA A 668 -19.29 -11.05 16.82
N LEU A 669 -19.36 -12.32 17.21
CA LEU A 669 -19.06 -13.42 16.30
C LEU A 669 -19.90 -13.37 15.05
N THR A 670 -21.09 -12.77 15.16
CA THR A 670 -22.00 -12.59 14.05
C THR A 670 -21.71 -11.39 13.17
N ASN A 671 -20.75 -10.55 13.54
CA ASN A 671 -20.43 -9.41 12.73
C ASN A 671 -19.80 -9.91 11.44
N PRO A 672 -20.31 -9.46 10.28
CA PRO A 672 -19.72 -9.85 9.00
C PRO A 672 -18.22 -9.57 8.89
N ALA A 673 -17.74 -8.53 9.57
CA ALA A 673 -16.34 -8.13 9.50
C ALA A 673 -15.50 -8.66 10.67
N PHE A 674 -16.06 -9.54 11.48
CA PHE A 674 -15.33 -10.14 12.60
C PHE A 674 -13.99 -10.71 12.16
N GLY A 675 -12.98 -10.58 13.02
CA GLY A 675 -11.76 -11.36 12.91
C GLY A 675 -11.11 -11.45 14.27
N ALA A 676 -10.71 -12.66 14.65
CA ALA A 676 -10.18 -12.91 16.01
C ALA A 676 -8.86 -12.20 16.27
N ASP A 677 -8.15 -11.89 15.20
CA ASP A 677 -6.87 -11.22 15.31
C ASP A 677 -6.94 -9.78 14.79
N ILE A 678 -8.15 -9.24 14.68
CA ILE A 678 -8.32 -7.85 14.26
C ILE A 678 -8.63 -6.99 15.50
N TYR A 679 -7.75 -6.04 15.79
CA TYR A 679 -7.75 -5.28 17.04
C TYR A 679 -9.11 -4.73 17.45
N TRP A 680 -9.79 -4.04 16.54
CA TRP A 680 -11.11 -3.45 16.84
C TRP A 680 -12.26 -4.11 16.07
N ARG A 681 -12.04 -5.32 15.53
CA ARG A 681 -13.12 -6.10 14.93
C ARG A 681 -13.21 -7.52 15.49
N GLY A 682 -12.99 -7.67 16.79
CA GLY A 682 -13.04 -8.99 17.40
C GLY A 682 -12.30 -9.11 18.71
N ARG A 683 -11.11 -8.54 18.77
CA ARG A 683 -10.27 -8.68 19.96
C ARG A 683 -10.89 -7.98 21.17
N VAL A 684 -10.65 -8.54 22.34
CA VAL A 684 -11.20 -7.99 23.59
C VAL A 684 -10.24 -7.00 24.25
N TRP A 685 -10.66 -5.75 24.40
CA TRP A 685 -9.90 -4.75 25.15
C TRP A 685 -10.57 -4.59 26.52
N VAL A 686 -9.76 -4.31 27.54
CA VAL A 686 -10.19 -4.29 28.94
C VAL A 686 -11.07 -3.07 29.26
N ASP A 687 -10.86 -1.96 28.56
CA ASP A 687 -11.78 -0.81 28.67
C ASP A 687 -13.21 -1.14 28.26
N GLN A 688 -13.37 -1.76 27.09
CA GLN A 688 -14.71 -2.00 26.56
C GLN A 688 -15.38 -3.10 27.38
N PHE A 689 -14.57 -4.06 27.82
CA PHE A 689 -15.02 -5.11 28.74
C PHE A 689 -15.55 -4.47 30.02
N TRP A 690 -14.76 -3.56 30.60
CA TRP A 690 -15.15 -2.92 31.84
C TRP A 690 -16.37 -2.00 31.65
N PHE A 691 -16.42 -1.22 30.56
CA PHE A 691 -17.62 -0.40 30.27
C PHE A 691 -18.88 -1.30 30.23
N GLY A 692 -18.71 -2.51 29.69
CA GLY A 692 -19.78 -3.50 29.62
C GLY A 692 -20.26 -3.99 30.98
N LEU A 693 -19.32 -4.34 31.86
CA LEU A 693 -19.72 -4.84 33.17
C LEU A 693 -20.37 -3.72 34.01
N LYS A 694 -19.77 -2.54 33.97
CA LYS A 694 -20.35 -1.38 34.62
C LYS A 694 -21.75 -1.03 34.12
N GLY A 695 -21.95 -1.12 32.80
CA GLY A 695 -23.26 -0.90 32.23
C GLY A 695 -24.26 -1.92 32.73
N MET A 696 -23.83 -3.19 32.79
CA MET A 696 -24.66 -4.26 33.32
C MET A 696 -25.08 -3.99 34.76
N GLU A 697 -24.11 -3.64 35.61
CA GLU A 697 -24.35 -3.34 37.02
C GLU A 697 -25.36 -2.24 37.17
N ARG A 698 -25.20 -1.19 36.39
CA ARG A 698 -26.04 -0.03 36.52
C ARG A 698 -27.53 -0.35 36.31
N TYR A 699 -27.80 -1.32 35.43
CA TYR A 699 -29.17 -1.70 35.12
C TYR A 699 -29.60 -2.99 35.85
N GLY A 700 -28.90 -3.33 36.93
CA GLY A 700 -29.29 -4.42 37.82
C GLY A 700 -28.71 -5.79 37.56
N TYR A 701 -27.70 -5.89 36.71
CA TYR A 701 -27.15 -7.21 36.36
C TYR A 701 -25.75 -7.47 36.93
N ARG A 702 -25.44 -6.92 38.10
CA ARG A 702 -24.12 -7.18 38.71
C ARG A 702 -23.81 -8.68 38.85
N ASP A 703 -24.81 -9.48 39.19
CA ASP A 703 -24.62 -10.94 39.35
C ASP A 703 -24.00 -11.53 38.10
N ASP A 704 -24.52 -11.16 36.95
CA ASP A 704 -23.99 -11.68 35.67
C ASP A 704 -22.65 -11.06 35.30
N ALA A 705 -22.50 -9.78 35.60
CA ALA A 705 -21.24 -9.09 35.47
C ALA A 705 -20.12 -9.77 36.24
N LEU A 706 -20.38 -10.14 37.49
CA LEU A 706 -19.40 -10.87 38.30
C LEU A 706 -18.99 -12.20 37.64
N LYS A 707 -19.92 -12.88 37.00
CA LYS A 707 -19.61 -14.14 36.30
C LYS A 707 -18.68 -13.92 35.11
N LEU A 708 -18.94 -12.87 34.32
CA LEU A 708 -18.06 -12.52 33.19
C LEU A 708 -16.66 -12.15 33.67
N ALA A 709 -16.59 -11.44 34.80
CA ALA A 709 -15.32 -11.03 35.37
C ALA A 709 -14.49 -12.24 35.79
N ASP A 710 -15.18 -13.23 36.36
CA ASP A 710 -14.54 -14.48 36.75
C ASP A 710 -14.06 -15.27 35.53
N THR A 711 -14.87 -15.30 34.49
CA THR A 711 -14.49 -15.93 33.24
C THR A 711 -13.24 -15.28 32.65
N PHE A 712 -13.22 -13.95 32.68
CA PHE A 712 -12.08 -13.19 32.22
C PHE A 712 -10.86 -13.52 33.04
N PHE A 713 -10.99 -13.47 34.35
CA PHE A 713 -9.87 -13.78 35.22
C PHE A 713 -9.29 -15.18 34.97
N ARG A 714 -10.14 -16.16 34.70
CA ARG A 714 -9.63 -17.53 34.48
C ARG A 714 -9.07 -17.74 33.09
N HIS A 715 -9.56 -16.97 32.10
CA HIS A 715 -9.22 -17.25 30.70
C HIS A 715 -8.27 -16.27 30.01
N ALA A 716 -8.15 -15.05 30.51
CA ALA A 716 -7.24 -14.07 29.93
C ALA A 716 -5.78 -14.46 30.18
N LYS A 717 -5.06 -14.82 29.12
CA LYS A 717 -3.70 -15.37 29.27
C LYS A 717 -2.72 -14.35 29.85
N GLY A 718 -1.82 -14.82 30.71
CA GLY A 718 -0.77 -13.98 31.29
C GLY A 718 -1.13 -13.23 32.55
N LEU A 719 -2.40 -13.21 32.90
CA LEU A 719 -2.91 -12.38 34.00
C LEU A 719 -2.20 -12.63 35.34
N THR A 720 -1.99 -13.89 35.70
CA THR A 720 -1.34 -14.20 36.99
C THR A 720 0.17 -14.47 36.89
N ALA A 721 0.75 -14.31 35.71
CA ALA A 721 2.20 -14.40 35.54
C ALA A 721 2.86 -13.00 35.73
N ASP A 722 4.17 -12.92 35.52
CA ASP A 722 4.92 -11.69 35.81
C ASP A 722 5.31 -10.90 34.55
N GLY A 723 4.58 -11.09 33.45
CA GLY A 723 4.82 -10.36 32.23
C GLY A 723 4.17 -8.96 32.26
N PRO A 724 4.61 -8.06 31.38
CA PRO A 724 3.98 -6.74 31.32
C PRO A 724 2.54 -6.84 30.80
N ILE A 725 1.72 -5.88 31.22
CA ILE A 725 0.33 -5.82 30.78
C ILE A 725 0.27 -5.36 29.33
N GLN A 726 -0.50 -6.11 28.54
CA GLN A 726 -0.68 -5.80 27.12
C GLN A 726 -2.08 -5.24 26.82
N ALA A 727 -2.39 -5.01 25.55
CA ALA A 727 -3.54 -4.22 25.16
C ALA A 727 -4.84 -5.00 24.95
N ASN A 728 -4.75 -6.22 24.43
CA ASN A 728 -5.98 -6.90 24.01
C ASN A 728 -5.85 -8.42 23.89
N TYR A 729 -6.99 -9.09 23.72
CA TYR A 729 -7.06 -10.57 23.75
C TYR A 729 -7.87 -11.15 22.61
N ASN A 730 -7.44 -12.32 22.17
CA ASN A 730 -8.18 -13.13 21.21
C ASN A 730 -9.42 -13.60 21.96
N PRO A 731 -10.61 -13.31 21.41
CA PRO A 731 -11.82 -13.65 22.16
C PRO A 731 -12.08 -15.16 22.25
N LEU A 732 -11.47 -15.92 21.34
CA LEU A 732 -11.63 -17.37 21.29
C LEU A 732 -10.58 -18.14 22.09
N THR A 733 -9.33 -17.66 22.07
CA THR A 733 -8.22 -18.34 22.75
C THR A 733 -7.70 -17.64 24.00
N GLY A 734 -7.99 -16.33 24.10
CA GLY A 734 -7.48 -15.53 25.21
C GLY A 734 -6.02 -15.12 25.11
N ALA A 735 -5.39 -15.31 23.94
CA ALA A 735 -3.97 -14.96 23.78
C ALA A 735 -3.80 -13.45 23.65
N GLN A 736 -2.76 -12.94 24.30
CA GLN A 736 -2.47 -11.50 24.33
C GLN A 736 -1.74 -10.98 23.12
N GLN A 737 -2.08 -9.75 22.72
CA GLN A 737 -1.35 -8.97 21.74
C GLN A 737 -1.30 -7.51 22.22
N GLY A 738 -0.43 -6.71 21.61
CA GLY A 738 -0.42 -5.26 21.84
C GLY A 738 0.74 -4.85 22.69
N ALA A 739 0.92 -3.55 22.84
CA ALA A 739 2.12 -3.01 23.48
C ALA A 739 2.21 -3.49 24.92
N PRO A 740 3.41 -3.88 25.37
CA PRO A 740 3.60 -4.17 26.81
C PRO A 740 3.54 -2.90 27.66
N ASN A 741 3.15 -3.05 28.92
CA ASN A 741 3.03 -1.96 29.87
C ASN A 741 1.96 -0.96 29.44
N PHE A 742 0.84 -1.50 28.96
CA PHE A 742 -0.18 -0.70 28.30
C PHE A 742 -1.07 -0.04 29.35
N SER A 743 -1.10 1.30 29.33
CA SER A 743 -1.68 2.06 30.44
C SER A 743 -3.15 1.81 30.69
N TRP A 744 -4.00 1.87 29.66
CA TRP A 744 -5.43 1.79 29.97
C TRP A 744 -5.87 0.38 30.32
N SER A 745 -5.14 -0.62 29.86
CA SER A 745 -5.34 -1.97 30.37
C SER A 745 -5.06 -2.05 31.86
N ALA A 746 -3.94 -1.47 32.26
CA ALA A 746 -3.60 -1.34 33.68
C ALA A 746 -4.73 -0.63 34.41
N ALA A 747 -5.17 0.51 33.86
CA ALA A 747 -6.24 1.28 34.48
C ALA A 747 -7.53 0.48 34.67
N HIS A 748 -7.99 -0.20 33.61
CA HIS A 748 -9.22 -0.96 33.71
C HIS A 748 -9.06 -2.32 34.41
N LEU A 749 -7.84 -2.88 34.42
CA LEU A 749 -7.60 -4.09 35.23
C LEU A 749 -7.66 -3.72 36.71
N TYR A 750 -7.06 -2.58 37.05
CA TYR A 750 -7.17 -2.02 38.38
C TYR A 750 -8.64 -1.81 38.81
N MET A 751 -9.45 -1.19 37.95
CA MET A 751 -10.88 -0.95 38.24
CA MET A 751 -10.86 -0.95 38.29
C MET A 751 -11.63 -2.27 38.41
N LEU A 752 -11.30 -3.24 37.55
CA LEU A 752 -11.89 -4.58 37.67
C LEU A 752 -11.56 -5.22 39.02
N TYR A 753 -10.32 -5.08 39.47
CA TYR A 753 -9.93 -5.56 40.79
C TYR A 753 -10.79 -4.94 41.90
N ASN A 754 -11.00 -3.62 41.83
CA ASN A 754 -11.82 -2.90 42.80
C ASN A 754 -13.30 -3.29 42.78
N ASP A 755 -13.85 -3.42 41.58
CA ASP A 755 -15.30 -3.54 41.37
C ASP A 755 -15.81 -4.98 41.19
N PHE A 756 -15.04 -5.81 40.50
CA PHE A 756 -15.58 -7.07 40.01
C PHE A 756 -14.82 -8.36 40.36
N PHE A 757 -13.48 -8.33 40.46
CA PHE A 757 -12.73 -9.59 40.71
C PHE A 757 -12.93 -10.04 42.15
N ARG A 758 -13.17 -11.33 42.34
CA ARG A 758 -13.41 -11.91 43.68
C ARG A 758 -12.91 -13.35 43.72
N LYS A 759 -12.76 -13.86 44.93
CA LYS A 759 -12.26 -15.22 45.15
C LYS A 759 -13.29 -16.26 44.74
N ASN B 1 1.62 -20.13 -49.94
CA ASN B 1 0.19 -20.53 -49.90
C ASN B 1 -0.29 -20.85 -48.47
N ALA B 2 -1.36 -20.16 -48.05
CA ALA B 2 -1.84 -20.26 -46.66
C ALA B 2 -2.24 -21.67 -46.22
N ASP B 3 -2.61 -22.52 -47.16
CA ASP B 3 -3.07 -23.89 -46.86
C ASP B 3 -1.95 -24.84 -46.43
N ASN B 4 -0.70 -24.41 -46.58
CA ASN B 4 0.41 -25.16 -46.05
C ASN B 4 0.58 -24.95 -44.53
N TYR B 5 -0.19 -24.04 -43.92
CA TYR B 5 0.01 -23.69 -42.51
C TYR B 5 -1.25 -23.81 -41.68
N LYS B 6 -1.68 -25.06 -41.50
CA LYS B 6 -2.90 -25.36 -40.77
C LYS B 6 -2.69 -25.37 -39.25
N ASN B 7 -3.58 -24.70 -38.53
CA ASN B 7 -3.61 -24.71 -37.09
C ASN B 7 -2.28 -24.29 -36.43
N VAL B 8 -1.72 -23.20 -36.91
CA VAL B 8 -0.44 -22.72 -36.35
C VAL B 8 -0.59 -22.39 -34.86
N ILE B 9 -1.70 -21.76 -34.49
CA ILE B 9 -2.09 -21.58 -33.09
C ILE B 9 -3.39 -22.35 -32.80
N ASN B 10 -3.53 -22.85 -31.58
CA ASN B 10 -4.77 -23.49 -31.14
C ASN B 10 -5.88 -22.44 -31.01
N ARG B 11 -6.84 -22.49 -31.93
CA ARG B 11 -7.93 -21.51 -31.97
C ARG B 11 -9.28 -22.12 -31.61
N THR B 12 -9.25 -23.32 -31.02
CA THR B 12 -10.46 -23.98 -30.56
C THR B 12 -10.87 -23.43 -29.20
N GLY B 13 -12.16 -23.56 -28.90
CA GLY B 13 -12.67 -23.14 -27.59
C GLY B 13 -14.16 -22.99 -27.56
N ALA B 14 -14.70 -23.10 -26.36
CA ALA B 14 -16.11 -23.03 -26.09
C ALA B 14 -16.22 -22.22 -24.80
N PRO B 15 -16.16 -20.89 -24.90
CA PRO B 15 -16.17 -20.07 -23.72
C PRO B 15 -17.42 -20.28 -22.87
N GLN B 16 -17.24 -20.30 -21.55
CA GLN B 16 -18.38 -20.33 -20.63
C GLN B 16 -18.54 -19.06 -19.81
N TYR B 17 -17.64 -18.09 -19.99
CA TYR B 17 -17.70 -16.81 -19.26
C TYR B 17 -17.41 -15.66 -20.20
N MET B 18 -17.96 -14.47 -19.91
CA MET B 18 -17.57 -13.27 -20.65
C MET B 18 -16.07 -13.02 -20.46
N LYS B 19 -15.61 -13.21 -19.22
CA LYS B 19 -14.20 -13.17 -18.86
C LYS B 19 -13.74 -14.61 -18.60
N ASP B 20 -13.50 -15.35 -19.67
CA ASP B 20 -13.04 -16.74 -19.56
C ASP B 20 -11.50 -16.74 -19.47
N TYR B 21 -11.02 -16.41 -18.29
CA TYR B 21 -9.65 -16.03 -18.10
C TYR B 21 -8.75 -17.21 -17.69
N ASP B 22 -7.48 -17.15 -18.09
CA ASP B 22 -6.43 -18.01 -17.52
C ASP B 22 -6.05 -17.44 -16.14
N TYR B 23 -5.16 -18.13 -15.44
CA TYR B 23 -4.71 -17.69 -14.12
C TYR B 23 -4.26 -16.23 -14.08
N ASP B 24 -3.82 -15.70 -15.21
CA ASP B 24 -3.28 -14.36 -15.30
C ASP B 24 -4.29 -13.30 -15.79
N ASP B 25 -5.57 -13.65 -15.85
CA ASP B 25 -6.66 -12.74 -16.27
C ASP B 25 -6.65 -12.33 -17.76
N HIS B 26 -6.01 -13.13 -18.60
CA HIS B 26 -6.08 -12.95 -20.06
C HIS B 26 -7.07 -13.97 -20.59
N GLN B 27 -7.76 -13.67 -21.68
CA GLN B 27 -8.71 -14.63 -22.22
C GLN B 27 -7.91 -15.87 -22.61
N ARG B 28 -8.44 -17.05 -22.25
CA ARG B 28 -7.69 -18.33 -22.35
C ARG B 28 -7.77 -19.02 -23.70
N PHE B 29 -8.54 -18.42 -24.62
CA PHE B 29 -8.66 -18.89 -25.99
C PHE B 29 -8.06 -17.85 -26.95
N ASN B 30 -7.85 -18.24 -28.20
CA ASN B 30 -7.14 -17.43 -29.18
C ASN B 30 -7.97 -17.10 -30.44
N PRO B 31 -8.95 -16.18 -30.30
CA PRO B 31 -9.80 -15.89 -31.47
C PRO B 31 -9.06 -15.30 -32.67
N PHE B 32 -9.61 -15.60 -33.85
CA PHE B 32 -9.17 -15.07 -35.12
C PHE B 32 -9.77 -13.67 -35.32
N PHE B 33 -8.90 -12.66 -35.45
CA PHE B 33 -9.25 -11.28 -35.84
C PHE B 33 -8.43 -10.92 -37.09
N ASP B 34 -8.96 -10.03 -37.93
CA ASP B 34 -8.25 -9.55 -39.12
C ASP B 34 -8.84 -8.22 -39.58
N LEU B 35 -8.09 -7.54 -40.43
CA LEU B 35 -8.46 -6.25 -41.03
C LEU B 35 -8.65 -5.13 -40.02
N GLY B 36 -8.16 -5.31 -38.80
CA GLY B 36 -8.35 -4.36 -37.73
C GLY B 36 -9.76 -4.33 -37.15
N ALA B 37 -10.48 -5.43 -37.34
CA ALA B 37 -11.87 -5.52 -36.88
C ALA B 37 -11.97 -5.62 -35.36
N TRP B 38 -13.17 -5.37 -34.86
CA TRP B 38 -13.43 -5.31 -33.43
C TRP B 38 -14.26 -6.49 -32.91
N HIS B 39 -14.20 -7.61 -33.63
CA HIS B 39 -14.71 -8.87 -33.09
C HIS B 39 -13.92 -10.04 -33.66
N GLY B 40 -13.96 -11.19 -33.00
CA GLY B 40 -13.17 -12.33 -33.46
C GLY B 40 -13.90 -13.61 -33.16
N HIS B 41 -13.35 -14.71 -33.70
CA HIS B 41 -14.05 -15.98 -33.75
C HIS B 41 -13.10 -17.15 -33.38
N LEU B 42 -13.67 -18.20 -32.79
CA LEU B 42 -12.93 -19.45 -32.50
C LEU B 42 -13.40 -20.58 -33.41
N LEU B 43 -12.64 -21.69 -33.43
CA LEU B 43 -13.03 -22.92 -34.11
C LEU B 43 -13.81 -23.84 -33.19
N PRO B 44 -14.71 -24.67 -33.77
CA PRO B 44 -15.40 -25.68 -32.99
C PRO B 44 -14.46 -26.84 -32.64
N ASP B 45 -14.75 -27.53 -31.53
CA ASP B 45 -13.83 -28.52 -30.93
C ASP B 45 -14.47 -29.91 -30.85
N GLY B 46 -15.50 -30.15 -31.68
CA GLY B 46 -16.27 -31.39 -31.58
C GLY B 46 -17.76 -31.16 -31.71
N PRO B 47 -18.58 -32.21 -31.49
CA PRO B 47 -20.02 -32.27 -31.77
C PRO B 47 -20.89 -31.09 -31.33
N ASN B 48 -20.65 -30.58 -30.13
CA ASN B 48 -21.53 -29.59 -29.51
C ASN B 48 -21.35 -28.18 -30.07
N THR B 49 -20.24 -27.95 -30.75
CA THR B 49 -19.95 -26.67 -31.37
C THR B 49 -19.90 -26.77 -32.89
N MET B 50 -19.74 -28.00 -33.38
CA MET B 50 -19.74 -28.29 -34.80
C MET B 50 -20.93 -27.62 -35.50
N GLY B 51 -20.70 -27.09 -36.70
CA GLY B 51 -21.71 -26.36 -37.45
C GLY B 51 -21.66 -24.85 -37.22
N GLY B 52 -20.81 -24.40 -36.32
CA GLY B 52 -20.67 -22.97 -36.04
C GLY B 52 -19.25 -22.64 -35.63
N PHE B 53 -18.97 -21.35 -35.52
CA PHE B 53 -17.69 -20.87 -35.02
C PHE B 53 -17.94 -20.22 -33.67
N PRO B 54 -17.75 -20.99 -32.60
CA PRO B 54 -18.18 -20.51 -31.32
C PRO B 54 -17.26 -19.42 -30.78
N GLY B 55 -17.66 -18.82 -29.67
CA GLY B 55 -16.86 -17.81 -29.02
C GLY B 55 -16.84 -16.51 -29.80
N VAL B 56 -17.94 -15.77 -29.75
CA VAL B 56 -17.97 -14.42 -30.31
C VAL B 56 -17.26 -13.51 -29.31
N ALA B 57 -16.06 -13.07 -29.69
CA ALA B 57 -15.24 -12.19 -28.87
C ALA B 57 -15.42 -10.76 -29.36
N LEU B 58 -15.92 -9.92 -28.47
CA LEU B 58 -16.17 -8.54 -28.77
C LEU B 58 -15.10 -7.68 -28.09
N LEU B 59 -14.58 -6.72 -28.84
CA LEU B 59 -13.69 -5.72 -28.30
C LEU B 59 -14.51 -4.48 -27.98
N THR B 60 -14.80 -4.31 -26.69
CA THR B 60 -15.68 -3.29 -26.20
C THR B 60 -14.80 -2.10 -25.81
N GLU B 61 -14.37 -1.40 -26.84
CA GLU B 61 -13.53 -0.22 -26.75
C GLU B 61 -12.08 -0.46 -26.28
N GLU B 62 -11.89 -0.93 -25.06
CA GLU B 62 -10.54 -1.12 -24.52
C GLU B 62 -10.31 -2.52 -23.93
N TYR B 63 -11.30 -3.41 -24.05
CA TYR B 63 -11.24 -4.78 -23.45
C TYR B 63 -11.84 -5.83 -24.37
N ILE B 64 -11.39 -7.07 -24.20
CA ILE B 64 -11.98 -8.21 -24.87
C ILE B 64 -12.97 -8.93 -23.93
N ASN B 65 -14.17 -9.13 -24.44
CA ASN B 65 -15.27 -9.74 -23.70
C ASN B 65 -16.05 -10.69 -24.58
N PHE B 66 -16.22 -11.93 -24.13
CA PHE B 66 -17.01 -12.90 -24.89
C PHE B 66 -18.51 -12.62 -24.75
N MET B 67 -19.24 -12.78 -25.85
CA MET B 67 -20.71 -12.59 -25.91
C MET B 67 -21.48 -13.89 -25.83
N ALA B 68 -20.90 -14.95 -26.39
CA ALA B 68 -21.64 -16.17 -26.65
C ALA B 68 -20.66 -17.27 -26.95
N SER B 69 -21.08 -18.51 -26.71
CA SER B 69 -20.30 -19.65 -27.15
C SER B 69 -20.86 -20.06 -28.49
N ASN B 70 -21.95 -20.84 -28.53
CA ASN B 70 -22.59 -21.17 -29.79
C ASN B 70 -23.45 -19.99 -30.20
N PHE B 71 -23.27 -19.56 -31.43
CA PHE B 71 -24.00 -18.42 -31.95
C PHE B 71 -24.06 -18.54 -33.45
N ASP B 72 -25.25 -18.83 -33.97
CA ASP B 72 -25.43 -19.10 -35.39
C ASP B 72 -24.85 -20.46 -35.77
N ARG B 73 -25.01 -21.44 -34.89
CA ARG B 73 -24.53 -22.80 -35.18
C ARG B 73 -25.58 -23.51 -36.05
N LEU B 74 -25.14 -24.09 -37.17
CA LEU B 74 -26.02 -24.78 -38.10
C LEU B 74 -26.25 -26.26 -37.75
N THR B 75 -27.52 -26.68 -37.72
CA THR B 75 -27.89 -28.08 -37.84
C THR B 75 -28.70 -28.27 -39.13
N VAL B 76 -28.67 -29.51 -39.64
CA VAL B 76 -29.19 -29.80 -40.98
C VAL B 76 -30.11 -31.00 -40.87
N TRP B 77 -31.30 -30.86 -41.46
CA TRP B 77 -32.35 -31.87 -41.42
C TRP B 77 -32.80 -32.22 -42.84
N GLN B 78 -32.99 -33.51 -43.09
CA GLN B 78 -33.52 -34.03 -44.36
C GLN B 78 -34.78 -34.85 -44.04
N ASP B 79 -35.93 -34.33 -44.45
CA ASP B 79 -37.22 -34.99 -44.21
C ASP B 79 -37.32 -35.42 -42.75
N GLY B 80 -37.01 -34.49 -41.84
CA GLY B 80 -37.17 -34.72 -40.41
C GLY B 80 -36.12 -35.55 -39.69
N LYS B 81 -35.13 -36.07 -40.42
CA LYS B 81 -34.02 -36.79 -39.76
C LYS B 81 -32.80 -35.88 -39.70
N LYS B 82 -32.16 -35.79 -38.53
CA LYS B 82 -30.96 -34.97 -38.42
C LYS B 82 -29.83 -35.59 -39.21
N VAL B 83 -29.19 -34.78 -40.04
CA VAL B 83 -28.00 -35.22 -40.75
C VAL B 83 -26.84 -35.25 -39.75
N ASP B 84 -26.14 -36.39 -39.73
CA ASP B 84 -25.13 -36.72 -38.74
C ASP B 84 -23.75 -36.52 -39.39
N PHE B 85 -23.03 -35.48 -38.96
CA PHE B 85 -21.78 -35.08 -39.58
C PHE B 85 -20.58 -35.48 -38.74
N THR B 86 -19.47 -35.78 -39.41
CA THR B 86 -18.15 -35.71 -38.76
C THR B 86 -17.47 -34.39 -39.11
N LEU B 87 -16.56 -33.96 -38.23
CA LEU B 87 -15.97 -32.62 -38.26
C LEU B 87 -14.47 -32.64 -38.59
N GLU B 88 -14.09 -31.84 -39.59
CA GLU B 88 -12.72 -31.38 -39.77
C GLU B 88 -12.74 -29.85 -39.66
N ALA B 89 -11.93 -29.32 -38.74
CA ALA B 89 -11.89 -27.88 -38.46
C ALA B 89 -10.44 -27.40 -38.36
N TYR B 90 -10.09 -26.35 -39.11
CA TYR B 90 -8.74 -25.76 -39.00
C TYR B 90 -8.66 -24.26 -39.30
N SER B 91 -7.64 -23.62 -38.75
CA SER B 91 -7.28 -22.26 -39.11
C SER B 91 -6.21 -22.33 -40.18
N ILE B 92 -6.17 -21.33 -41.06
CA ILE B 92 -5.01 -21.03 -41.88
C ILE B 92 -4.72 -19.56 -41.69
N PRO B 93 -3.57 -19.06 -42.15
CA PRO B 93 -3.36 -17.64 -42.03
C PRO B 93 -4.43 -16.91 -42.82
N GLY B 94 -5.27 -16.14 -42.12
CA GLY B 94 -6.31 -15.34 -42.78
C GLY B 94 -7.70 -15.94 -42.81
N ALA B 95 -7.87 -17.18 -42.34
CA ALA B 95 -9.17 -17.83 -42.42
C ALA B 95 -9.39 -18.93 -41.40
N LEU B 96 -10.65 -19.13 -41.06
CA LEU B 96 -11.06 -20.29 -40.29
C LEU B 96 -11.92 -21.16 -41.19
N VAL B 97 -11.72 -22.48 -41.13
CA VAL B 97 -12.42 -23.40 -42.01
C VAL B 97 -12.98 -24.55 -41.21
N GLN B 98 -14.21 -24.95 -41.51
CA GLN B 98 -14.72 -26.25 -41.04
C GLN B 98 -15.45 -27.01 -42.14
N LYS B 99 -15.22 -28.31 -42.19
CA LYS B 99 -15.85 -29.19 -43.17
C LYS B 99 -16.69 -30.21 -42.43
N LEU B 100 -17.96 -30.31 -42.84
CA LEU B 100 -18.91 -31.24 -42.23
C LEU B 100 -19.20 -32.32 -43.23
N THR B 101 -18.99 -33.58 -42.85
CA THR B 101 -19.07 -34.68 -43.79
C THR B 101 -20.11 -35.72 -43.34
N ALA B 102 -21.10 -35.92 -44.20
CA ALA B 102 -22.00 -37.07 -44.10
C ALA B 102 -22.08 -37.67 -45.49
N LYS B 103 -22.80 -38.78 -45.62
CA LYS B 103 -22.78 -39.56 -46.85
C LYS B 103 -23.39 -38.79 -48.02
N ASP B 104 -24.59 -38.26 -47.84
CA ASP B 104 -25.31 -37.59 -48.91
C ASP B 104 -25.32 -36.06 -48.81
N VAL B 105 -24.92 -35.53 -47.65
CA VAL B 105 -24.77 -34.09 -47.45
C VAL B 105 -23.36 -33.74 -46.94
N GLN B 106 -22.76 -32.72 -47.54
CA GLN B 106 -21.51 -32.13 -47.07
C GLN B 106 -21.63 -30.60 -46.98
N VAL B 107 -20.98 -30.02 -45.96
CA VAL B 107 -20.93 -28.58 -45.80
C VAL B 107 -19.48 -28.11 -45.64
N GLU B 108 -19.12 -27.08 -46.41
CA GLU B 108 -17.81 -26.42 -46.30
C GLU B 108 -18.05 -24.96 -45.89
N MET B 109 -17.49 -24.60 -44.74
CA MET B 109 -17.62 -23.27 -44.16
C MET B 109 -16.24 -22.63 -44.11
N THR B 110 -16.15 -21.42 -44.65
CA THR B 110 -14.91 -20.65 -44.65
C THR B 110 -15.23 -19.25 -44.12
N LEU B 111 -14.49 -18.82 -43.11
CA LEU B 111 -14.72 -17.53 -42.48
C LEU B 111 -13.50 -16.63 -42.68
N ARG B 112 -13.74 -15.46 -43.26
CA ARG B 112 -12.69 -14.46 -43.48
C ARG B 112 -13.25 -13.10 -43.12
N PHE B 113 -12.39 -12.11 -43.05
CA PHE B 113 -12.85 -10.75 -42.79
C PHE B 113 -12.98 -9.97 -44.08
N ALA B 114 -14.05 -9.18 -44.15
CA ALA B 114 -14.40 -8.41 -45.34
C ALA B 114 -14.09 -6.92 -45.16
N THR B 115 -14.35 -6.40 -43.97
CA THR B 115 -14.07 -5.00 -43.66
C THR B 115 -13.51 -4.89 -42.24
N PRO B 116 -13.13 -3.67 -41.81
CA PRO B 116 -12.68 -3.43 -40.44
C PRO B 116 -13.78 -3.55 -39.39
N ARG B 117 -14.99 -3.89 -39.79
CA ARG B 117 -16.05 -4.16 -38.82
C ARG B 117 -16.85 -5.42 -39.10
N THR B 118 -16.51 -6.18 -40.15
CA THR B 118 -17.37 -7.28 -40.60
C THR B 118 -16.59 -8.51 -41.07
N SER B 119 -16.98 -9.68 -40.56
CA SER B 119 -16.49 -10.94 -41.09
C SER B 119 -17.54 -11.59 -41.98
N LEU B 120 -17.07 -12.41 -42.92
CA LEU B 120 -17.93 -13.08 -43.89
C LEU B 120 -17.76 -14.60 -43.82
N LEU B 121 -18.88 -15.31 -43.64
CA LEU B 121 -18.90 -16.77 -43.63
C LEU B 121 -19.51 -17.24 -44.94
N GLU B 122 -18.80 -18.14 -45.64
CA GLU B 122 -19.36 -18.85 -46.80
C GLU B 122 -19.76 -20.26 -46.36
N THR B 123 -21.04 -20.60 -46.54
CA THR B 123 -21.54 -21.93 -46.20
C THR B 123 -21.94 -22.64 -47.49
N LYS B 124 -21.01 -23.43 -48.03
CA LYS B 124 -21.27 -24.25 -49.21
C LYS B 124 -21.94 -25.56 -48.79
N ILE B 125 -23.20 -25.75 -49.19
CA ILE B 125 -23.93 -27.00 -48.93
C ILE B 125 -24.08 -27.84 -50.20
N THR B 126 -23.62 -29.10 -50.16
CA THR B 126 -23.78 -30.05 -51.26
C THR B 126 -24.77 -31.08 -50.79
N SER B 127 -25.83 -31.29 -51.57
CA SER B 127 -26.89 -32.23 -51.20
C SER B 127 -27.67 -32.69 -52.42
N ASN B 128 -28.01 -33.96 -52.45
CA ASN B 128 -28.82 -34.51 -53.53
C ASN B 128 -30.32 -34.38 -53.29
N LYS B 129 -30.72 -33.87 -52.10
CA LYS B 129 -32.14 -33.62 -51.79
C LYS B 129 -32.36 -32.23 -51.17
N PRO B 130 -33.63 -31.78 -51.10
CA PRO B 130 -33.95 -30.59 -50.32
C PRO B 130 -33.62 -30.78 -48.83
N LEU B 131 -33.38 -29.67 -48.14
CA LEU B 131 -32.96 -29.70 -46.75
C LEU B 131 -33.61 -28.58 -45.97
N ASP B 132 -33.71 -28.80 -44.66
CA ASP B 132 -34.13 -27.78 -43.74
C ASP B 132 -32.93 -27.39 -42.89
N LEU B 133 -32.64 -26.11 -42.90
CA LEU B 133 -31.49 -25.54 -42.20
C LEU B 133 -32.01 -24.88 -40.94
N VAL B 134 -31.32 -25.11 -39.82
CA VAL B 134 -31.64 -24.49 -38.53
C VAL B 134 -30.34 -23.92 -37.95
N TRP B 135 -30.42 -22.66 -37.54
CA TRP B 135 -29.32 -21.99 -36.83
C TRP B 135 -29.78 -21.62 -35.43
N ASP B 136 -28.96 -21.91 -34.43
CA ASP B 136 -29.24 -21.36 -33.10
C ASP B 136 -28.05 -20.74 -32.39
N GLY B 137 -28.36 -20.04 -31.31
CA GLY B 137 -27.36 -19.38 -30.51
C GLY B 137 -27.95 -18.91 -29.21
N GLU B 138 -27.07 -18.67 -28.24
CA GLU B 138 -27.46 -18.11 -26.95
C GLU B 138 -26.35 -17.23 -26.39
N LEU B 139 -26.75 -16.19 -25.67
CA LEU B 139 -25.81 -15.30 -25.02
C LEU B 139 -25.30 -15.98 -23.78
N LEU B 140 -24.04 -15.72 -23.46
CA LEU B 140 -23.45 -16.22 -22.22
C LEU B 140 -24.16 -15.59 -21.03
N GLU B 141 -24.26 -16.36 -19.95
CA GLU B 141 -24.88 -15.89 -18.71
C GLU B 141 -23.84 -15.52 -17.66
N LYS B 142 -22.81 -16.37 -17.54
CA LYS B 142 -21.82 -16.25 -16.48
C LYS B 142 -20.76 -15.18 -16.79
N LEU B 143 -20.37 -14.45 -15.74
CA LEU B 143 -19.39 -13.37 -15.88
C LEU B 143 -17.97 -13.86 -15.92
N GLU B 144 -17.57 -14.56 -14.85
CA GLU B 144 -16.20 -14.95 -14.61
C GLU B 144 -16.22 -16.06 -13.57
N ALA B 145 -15.31 -17.03 -13.71
CA ALA B 145 -15.14 -18.05 -12.66
C ALA B 145 -14.58 -17.34 -11.44
N LYS B 146 -15.23 -17.50 -10.29
CA LYS B 146 -14.76 -16.90 -9.05
C LYS B 146 -13.69 -17.79 -8.46
N GLU B 147 -12.47 -17.26 -8.37
CA GLU B 147 -11.33 -18.04 -7.94
C GLU B 147 -11.62 -18.67 -6.56
N GLY B 148 -11.38 -19.98 -6.43
CA GLY B 148 -11.63 -20.69 -5.18
C GLY B 148 -13.08 -21.03 -4.86
N LYS B 149 -14.02 -20.56 -5.69
CA LYS B 149 -15.46 -20.75 -5.46
C LYS B 149 -16.17 -21.26 -6.72
N PRO B 150 -16.01 -22.57 -7.03
CA PRO B 150 -16.52 -23.14 -8.28
C PRO B 150 -18.05 -23.16 -8.42
N LEU B 151 -18.78 -23.10 -7.31
CA LEU B 151 -20.24 -23.08 -7.35
C LEU B 151 -20.80 -21.66 -7.31
N SER B 152 -19.93 -20.67 -7.19
CA SER B 152 -20.35 -19.32 -6.88
C SER B 152 -19.96 -18.33 -7.97
N ASP B 153 -20.25 -18.70 -9.22
CA ASP B 153 -19.97 -17.79 -10.32
C ASP B 153 -21.11 -16.75 -10.45
N LYS B 154 -20.73 -15.50 -10.68
CA LYS B 154 -21.69 -14.39 -10.80
C LYS B 154 -22.16 -14.18 -12.25
N THR B 155 -23.34 -13.59 -12.42
CA THR B 155 -23.89 -13.39 -13.75
C THR B 155 -23.47 -12.04 -14.34
N ILE B 156 -23.41 -12.00 -15.67
CA ILE B 156 -23.09 -10.77 -16.39
C ILE B 156 -24.13 -9.69 -16.07
N ALA B 157 -25.41 -10.07 -16.14
CA ALA B 157 -26.51 -9.16 -15.79
C ALA B 157 -26.45 -8.66 -14.34
N GLY B 158 -26.06 -9.53 -13.40
CA GLY B 158 -25.86 -9.14 -12.00
C GLY B 158 -24.78 -8.09 -11.78
N GLU B 159 -23.65 -8.24 -12.49
CA GLU B 159 -22.52 -7.33 -12.36
C GLU B 159 -22.74 -6.01 -13.13
N TYR B 160 -23.39 -6.08 -14.29
CA TYR B 160 -23.63 -4.90 -15.15
C TYR B 160 -25.11 -4.81 -15.48
N PRO B 161 -25.92 -4.30 -14.54
CA PRO B 161 -27.37 -4.25 -14.75
C PRO B 161 -27.82 -3.41 -15.95
N ASP B 162 -27.02 -2.44 -16.39
CA ASP B 162 -27.38 -1.62 -17.55
C ASP B 162 -26.92 -2.19 -18.89
N TYR B 163 -26.21 -3.32 -18.87
CA TYR B 163 -25.76 -3.96 -20.11
C TYR B 163 -26.95 -4.44 -20.94
N GLN B 164 -27.91 -5.06 -20.25
CA GLN B 164 -29.22 -5.48 -20.82
C GLN B 164 -29.17 -5.94 -22.27
N ARG B 165 -28.40 -6.99 -22.52
CA ARG B 165 -28.28 -7.55 -23.85
C ARG B 165 -29.61 -8.12 -24.34
N LYS B 166 -29.93 -7.87 -25.61
CA LYS B 166 -31.14 -8.41 -26.24
C LYS B 166 -30.90 -8.80 -27.68
N ILE B 167 -31.38 -9.97 -28.04
CA ILE B 167 -31.42 -10.46 -29.40
C ILE B 167 -32.77 -10.08 -30.02
N SER B 168 -32.72 -9.57 -31.25
CA SER B 168 -33.89 -9.16 -32.01
C SER B 168 -33.76 -9.68 -33.42
N ALA B 169 -34.87 -10.09 -34.04
CA ALA B 169 -34.83 -10.53 -35.44
C ALA B 169 -35.04 -9.35 -36.36
N THR B 170 -34.36 -9.40 -37.50
CA THR B 170 -34.38 -8.32 -38.47
C THR B 170 -34.85 -8.87 -39.79
N ARG B 171 -34.97 -8.00 -40.78
CA ARG B 171 -35.42 -8.42 -42.12
C ARG B 171 -34.51 -9.42 -42.83
N ASP B 172 -33.23 -9.42 -42.52
CA ASP B 172 -32.30 -10.32 -43.20
C ASP B 172 -31.39 -11.07 -42.24
N GLY B 173 -31.85 -11.23 -41.00
CA GLY B 173 -31.09 -11.93 -39.97
C GLY B 173 -31.54 -11.56 -38.57
N LEU B 174 -30.59 -11.14 -37.76
CA LEU B 174 -30.83 -10.80 -36.38
C LEU B 174 -29.71 -9.90 -35.85
N LYS B 175 -29.88 -9.40 -34.63
CA LYS B 175 -28.88 -8.56 -34.01
C LYS B 175 -28.95 -8.71 -32.52
N VAL B 176 -27.84 -8.39 -31.87
CA VAL B 176 -27.81 -8.27 -30.43
C VAL B 176 -27.56 -6.80 -30.15
N THR B 177 -28.34 -6.22 -29.24
CA THR B 177 -28.18 -4.83 -28.83
C THR B 177 -27.59 -4.78 -27.43
N PHE B 178 -26.87 -3.71 -27.12
CA PHE B 178 -26.21 -3.55 -25.82
C PHE B 178 -26.48 -2.16 -25.25
N GLY B 179 -26.81 -2.13 -23.97
CA GLY B 179 -26.96 -0.91 -23.24
C GLY B 179 -25.61 -0.33 -22.89
N LYS B 180 -25.65 0.93 -22.49
CA LYS B 180 -24.47 1.68 -22.15
C LYS B 180 -23.90 1.25 -20.81
N VAL B 181 -22.61 0.90 -20.82
CA VAL B 181 -21.87 0.53 -19.63
C VAL B 181 -20.53 1.25 -19.67
N ARG B 182 -20.25 2.06 -18.65
CA ARG B 182 -18.99 2.79 -18.58
C ARG B 182 -18.13 2.18 -17.46
N ALA B 183 -17.93 0.87 -17.56
CA ALA B 183 -17.14 0.10 -16.61
C ALA B 183 -15.67 0.27 -16.98
N THR B 184 -15.09 1.35 -16.47
CA THR B 184 -13.76 1.83 -16.83
C THR B 184 -12.66 0.76 -16.99
N TRP B 185 -12.74 -0.30 -16.18
CA TRP B 185 -11.68 -1.31 -16.11
C TRP B 185 -12.09 -2.66 -16.68
N ASP B 186 -13.31 -2.77 -17.25
CA ASP B 186 -13.85 -4.08 -17.66
C ASP B 186 -14.66 -4.12 -18.98
N LEU B 187 -15.50 -3.13 -19.20
CA LEU B 187 -16.53 -3.18 -20.24
C LEU B 187 -16.99 -1.77 -20.59
N LEU B 188 -16.75 -1.36 -21.85
CA LEU B 188 -17.08 -0.01 -22.30
C LEU B 188 -17.92 -0.09 -23.58
N THR B 189 -19.16 0.38 -23.47
CA THR B 189 -20.10 0.39 -24.57
C THR B 189 -20.74 1.77 -24.62
N SER B 190 -21.16 2.16 -25.81
CA SER B 190 -21.70 3.49 -26.07
C SER B 190 -23.18 3.59 -25.71
N GLY B 191 -23.87 2.45 -25.71
CA GLY B 191 -25.33 2.43 -25.66
C GLY B 191 -25.94 2.18 -27.02
N GLU B 192 -25.12 2.35 -28.07
CA GLU B 192 -25.53 2.18 -29.47
C GLU B 192 -24.80 1.03 -30.18
N SER B 193 -23.99 0.27 -29.44
CA SER B 193 -23.23 -0.80 -30.05
C SER B 193 -24.13 -1.98 -30.37
N GLU B 194 -23.78 -2.71 -31.42
CA GLU B 194 -24.57 -3.84 -31.91
C GLU B 194 -23.69 -4.92 -32.49
N TYR B 195 -24.16 -6.15 -32.40
CA TYR B 195 -23.62 -7.27 -33.14
C TYR B 195 -24.68 -7.75 -34.13
N GLN B 196 -24.41 -7.59 -35.42
CA GLN B 196 -25.42 -7.87 -36.46
C GLN B 196 -25.06 -9.10 -37.29
N VAL B 197 -26.08 -9.91 -37.56
CA VAL B 197 -25.97 -11.02 -38.47
C VAL B 197 -26.92 -10.76 -39.65
N HIS B 198 -26.36 -10.68 -40.86
CA HIS B 198 -27.17 -10.54 -42.09
C HIS B 198 -26.90 -11.77 -42.95
N LYS B 199 -27.94 -12.29 -43.61
CA LYS B 199 -27.77 -13.46 -44.47
C LYS B 199 -28.28 -13.22 -45.90
N SER B 200 -27.78 -14.03 -46.82
CA SER B 200 -28.10 -13.89 -48.25
C SER B 200 -29.44 -14.52 -48.64
N LEU B 201 -29.90 -15.51 -47.89
CA LEU B 201 -31.17 -16.19 -48.19
C LEU B 201 -32.20 -15.82 -47.15
N PRO B 202 -33.48 -15.86 -47.52
CA PRO B 202 -34.48 -15.47 -46.54
C PRO B 202 -34.51 -16.47 -45.39
N VAL B 203 -34.63 -15.95 -44.17
CA VAL B 203 -34.73 -16.76 -42.98
C VAL B 203 -35.87 -16.25 -42.12
N GLN B 204 -36.43 -17.15 -41.31
CA GLN B 204 -37.38 -16.80 -40.28
C GLN B 204 -36.65 -16.97 -38.95
N THR B 205 -36.82 -16.04 -38.02
CA THR B 205 -36.14 -16.12 -36.74
C THR B 205 -37.05 -15.90 -35.54
N GLU B 206 -37.08 -16.88 -34.65
CA GLU B 206 -37.76 -16.81 -33.36
C GLU B 206 -36.74 -16.48 -32.24
N ILE B 207 -37.01 -15.46 -31.45
CA ILE B 207 -36.21 -15.14 -30.27
C ILE B 207 -37.01 -15.37 -28.99
N ASN B 208 -36.48 -16.21 -28.12
CA ASN B 208 -37.03 -16.40 -26.77
C ASN B 208 -35.89 -16.24 -25.74
N GLY B 209 -36.03 -15.27 -24.84
CA GLY B 209 -35.00 -14.97 -23.84
C GLY B 209 -33.66 -14.59 -24.45
N ASN B 210 -32.60 -15.24 -23.97
CA ASN B 210 -31.25 -15.00 -24.48
C ASN B 210 -30.87 -15.93 -25.65
N ARG B 211 -31.86 -16.56 -26.29
CA ARG B 211 -31.63 -17.56 -27.34
C ARG B 211 -32.36 -17.21 -28.62
N PHE B 212 -31.88 -17.72 -29.74
CA PHE B 212 -32.63 -17.65 -31.00
C PHE B 212 -32.62 -18.97 -31.76
N THR B 213 -33.60 -19.12 -32.63
CA THR B 213 -33.62 -20.17 -33.62
C THR B 213 -34.04 -19.56 -34.95
N SER B 214 -33.19 -19.75 -35.97
CA SER B 214 -33.48 -19.27 -37.33
C SER B 214 -33.62 -20.48 -38.25
N LYS B 215 -34.51 -20.37 -39.24
CA LYS B 215 -34.84 -21.49 -40.09
C LYS B 215 -34.95 -21.08 -41.55
N ALA B 216 -34.45 -21.93 -42.43
CA ALA B 216 -34.57 -21.75 -43.87
C ALA B 216 -34.69 -23.13 -44.50
N HIS B 217 -35.39 -23.21 -45.63
CA HIS B 217 -35.51 -24.44 -46.40
C HIS B 217 -34.82 -24.24 -47.73
N ILE B 218 -33.98 -25.20 -48.12
CA ILE B 218 -33.32 -25.14 -49.44
C ILE B 218 -33.66 -26.39 -50.26
N ASN B 219 -33.58 -26.22 -51.57
CA ASN B 219 -34.04 -27.24 -52.52
C ASN B 219 -32.98 -28.24 -52.91
N GLY B 220 -31.74 -27.99 -52.50
CA GLY B 220 -30.62 -28.81 -52.94
C GLY B 220 -29.34 -28.04 -52.74
N SER B 221 -28.31 -28.40 -53.48
CA SER B 221 -27.00 -27.78 -53.32
C SER B 221 -27.08 -26.26 -53.53
N THR B 222 -26.33 -25.52 -52.72
CA THR B 222 -26.31 -24.07 -52.81
C THR B 222 -25.19 -23.53 -51.93
N THR B 223 -24.85 -22.26 -52.13
CA THR B 223 -23.91 -21.59 -51.26
C THR B 223 -24.54 -20.31 -50.73
N LEU B 224 -24.59 -20.18 -49.40
CA LEU B 224 -25.09 -18.97 -48.77
C LEU B 224 -23.96 -18.17 -48.13
N TYR B 225 -24.26 -16.89 -47.84
CA TYR B 225 -23.30 -16.00 -47.25
C TYR B 225 -23.92 -15.29 -46.04
N THR B 226 -23.12 -15.21 -44.98
CA THR B 226 -23.50 -14.58 -43.73
C THR B 226 -22.47 -13.56 -43.33
N THR B 227 -22.92 -12.37 -42.93
CA THR B 227 -22.01 -11.38 -42.38
C THR B 227 -22.21 -11.25 -40.89
N TYR B 228 -21.10 -11.06 -40.18
CA TYR B 228 -21.08 -10.80 -38.75
C TYR B 228 -20.34 -9.50 -38.55
N SER B 229 -21.01 -8.54 -37.93
CA SER B 229 -20.46 -7.18 -37.70
C SER B 229 -20.59 -6.72 -36.23
N HIS B 230 -19.47 -6.37 -35.59
CA HIS B 230 -19.54 -5.67 -34.32
C HIS B 230 -19.35 -4.18 -34.56
N LEU B 231 -20.37 -3.41 -34.22
CA LEU B 231 -20.41 -1.96 -34.51
C LEU B 231 -20.56 -1.23 -33.19
N LEU B 232 -19.71 -0.23 -32.94
CA LEU B 232 -19.50 0.29 -31.58
C LEU B 232 -20.21 1.61 -31.28
N THR B 233 -20.67 2.29 -32.33
CA THR B 233 -21.44 3.52 -32.20
C THR B 233 -22.54 3.57 -33.26
N ALA B 234 -23.51 4.47 -33.09
CA ALA B 234 -24.59 4.61 -34.07
C ALA B 234 -24.01 4.97 -35.43
N GLN B 235 -22.89 5.68 -35.41
CA GLN B 235 -22.23 6.14 -36.64
C GLN B 235 -21.61 4.96 -37.41
N GLU B 236 -20.97 4.05 -36.67
CA GLU B 236 -20.46 2.80 -37.26
C GLU B 236 -21.59 1.93 -37.78
N VAL B 237 -22.69 1.85 -37.05
CA VAL B 237 -23.82 1.07 -37.50
C VAL B 237 -24.28 1.53 -38.88
N SER B 238 -24.51 2.85 -39.04
CA SER B 238 -24.94 3.41 -40.34
C SER B 238 -23.94 3.12 -41.44
N LYS B 239 -22.69 3.47 -41.19
CA LYS B 239 -21.62 3.30 -42.16
C LYS B 239 -21.54 1.86 -42.70
N GLU B 240 -21.84 0.86 -41.86
CA GLU B 240 -21.63 -0.54 -42.27
C GLU B 240 -22.77 -1.11 -43.11
N GLN B 241 -23.93 -0.47 -43.11
CA GLN B 241 -25.10 -1.05 -43.78
C GLN B 241 -24.90 -1.18 -45.28
N MET B 242 -24.32 -0.16 -45.92
CA MET B 242 -24.02 -0.22 -47.36
C MET B 242 -22.96 -1.29 -47.65
N GLN B 243 -21.98 -1.38 -46.77
CA GLN B 243 -20.91 -2.37 -46.87
C GLN B 243 -21.46 -3.78 -46.77
N ILE B 244 -22.36 -4.02 -45.82
CA ILE B 244 -22.98 -5.33 -45.62
C ILE B 244 -23.71 -5.73 -46.90
N ARG B 245 -24.46 -4.78 -47.45
CA ARG B 245 -25.16 -5.04 -48.71
C ARG B 245 -24.17 -5.36 -49.81
N ASP B 246 -23.08 -4.59 -49.90
CA ASP B 246 -22.08 -4.84 -50.94
C ASP B 246 -21.41 -6.23 -50.78
N ILE B 247 -21.13 -6.62 -49.55
CA ILE B 247 -20.52 -7.93 -49.26
C ILE B 247 -21.41 -9.08 -49.66
N LEU B 248 -22.69 -8.97 -49.34
CA LEU B 248 -23.64 -10.01 -49.68
C LEU B 248 -23.92 -9.98 -51.18
N ALA B 249 -23.68 -8.86 -51.83
CA ALA B 249 -23.84 -8.75 -53.27
C ALA B 249 -22.64 -9.33 -54.02
N ARG B 250 -21.43 -9.19 -53.48
CA ARG B 250 -20.23 -9.70 -54.16
C ARG B 250 -19.29 -10.43 -53.21
N PRO B 251 -19.80 -11.50 -52.58
CA PRO B 251 -19.01 -12.23 -51.60
C PRO B 251 -17.66 -12.72 -52.14
N ALA B 252 -17.63 -13.21 -53.38
CA ALA B 252 -16.40 -13.73 -53.99
C ALA B 252 -15.28 -12.69 -54.03
N PHE B 253 -15.64 -11.43 -54.26
CA PHE B 253 -14.65 -10.37 -54.30
C PHE B 253 -13.99 -10.15 -52.94
N TYR B 254 -14.77 -10.22 -51.86
CA TYR B 254 -14.22 -10.04 -50.52
C TYR B 254 -13.40 -11.27 -50.10
N LEU B 255 -13.88 -12.47 -50.44
CA LEU B 255 -13.12 -13.69 -50.19
C LEU B 255 -11.75 -13.65 -50.87
N THR B 256 -11.73 -13.21 -52.13
CA THR B 256 -10.50 -13.15 -52.88
C THR B 256 -9.59 -12.04 -52.37
N ALA B 257 -10.14 -10.87 -52.03
CA ALA B 257 -9.35 -9.79 -51.42
C ALA B 257 -8.59 -10.30 -50.20
N SER B 258 -9.29 -11.03 -49.32
CA SER B 258 -8.69 -11.63 -48.13
C SER B 258 -7.58 -12.62 -48.50
N GLN B 259 -7.90 -13.57 -49.37
CA GLN B 259 -6.93 -14.59 -49.80
C GLN B 259 -5.65 -13.97 -50.33
N GLN B 260 -5.83 -13.00 -51.21
CA GLN B 260 -4.71 -12.35 -51.91
C GLN B 260 -3.87 -11.47 -50.97
N ARG B 261 -4.53 -10.81 -50.02
CA ARG B 261 -3.83 -10.02 -48.99
C ARG B 261 -2.94 -10.94 -48.15
N TRP B 262 -3.44 -12.12 -47.81
CA TRP B 262 -2.69 -13.10 -47.01
C TRP B 262 -1.61 -13.84 -47.79
N GLU B 263 -1.84 -14.12 -49.08
CA GLU B 263 -0.78 -14.65 -49.94
C GLU B 263 0.40 -13.69 -49.96
N GLU B 264 0.09 -12.39 -50.02
CA GLU B 264 1.10 -11.36 -50.05
C GLU B 264 1.85 -11.21 -48.70
N TYR B 265 1.15 -11.29 -47.56
CA TYR B 265 1.85 -11.31 -46.26
C TYR B 265 2.88 -12.44 -46.21
N LEU B 266 2.47 -13.62 -46.67
CA LEU B 266 3.34 -14.80 -46.63
C LEU B 266 4.50 -14.74 -47.62
N LYS B 267 4.24 -14.16 -48.80
CA LYS B 267 5.27 -14.02 -49.82
C LYS B 267 6.34 -13.02 -49.37
N LYS B 268 5.94 -11.88 -48.84
CA LYS B 268 6.88 -10.86 -48.40
C LYS B 268 7.58 -11.26 -47.10
N GLY B 269 6.85 -12.01 -46.27
CA GLY B 269 7.29 -12.35 -44.93
C GLY B 269 8.18 -13.57 -44.85
N LEU B 270 7.88 -14.63 -45.61
CA LEU B 270 8.60 -15.91 -45.43
C LEU B 270 9.80 -15.98 -46.35
N THR B 271 10.83 -15.22 -46.00
CA THR B 271 11.96 -14.97 -46.89
C THR B 271 13.23 -15.69 -46.46
N ASN B 272 13.10 -16.74 -45.65
CA ASN B 272 14.26 -17.50 -45.19
C ASN B 272 14.20 -19.00 -45.53
N PRO B 273 14.83 -19.42 -46.65
CA PRO B 273 14.85 -20.82 -47.08
C PRO B 273 15.68 -21.72 -46.16
N ASP B 274 16.55 -21.14 -45.35
CA ASP B 274 17.38 -21.91 -44.41
C ASP B 274 16.60 -22.34 -43.16
N ALA B 275 15.45 -21.71 -42.92
CA ALA B 275 14.63 -22.04 -41.76
C ALA B 275 14.06 -23.46 -41.90
N THR B 276 14.01 -24.21 -40.79
CA THR B 276 13.36 -25.53 -40.81
C THR B 276 11.84 -25.32 -40.90
N PRO B 277 11.07 -26.39 -41.20
CA PRO B 277 9.61 -26.19 -41.20
C PRO B 277 9.09 -25.67 -39.85
N GLU B 278 9.68 -26.16 -38.76
CA GLU B 278 9.31 -25.74 -37.41
C GLU B 278 9.51 -24.21 -37.24
N GLN B 279 10.65 -23.69 -37.68
CA GLN B 279 10.98 -22.27 -37.49
C GLN B 279 10.14 -21.38 -38.38
N THR B 280 9.78 -21.91 -39.55
CA THR B 280 8.89 -21.22 -40.48
C THR B 280 7.48 -21.07 -39.90
N ARG B 281 6.98 -22.13 -39.25
CA ARG B 281 5.70 -22.07 -38.53
C ARG B 281 5.66 -20.98 -37.46
N VAL B 282 6.76 -20.79 -36.74
CA VAL B 282 6.86 -19.69 -35.77
C VAL B 282 6.76 -18.32 -36.45
N ALA B 283 7.40 -18.15 -37.61
CA ALA B 283 7.23 -16.90 -38.40
C ALA B 283 5.78 -16.69 -38.82
N VAL B 284 5.08 -17.77 -39.18
CA VAL B 284 3.68 -17.67 -39.56
C VAL B 284 2.86 -17.34 -38.33
N LYS B 285 3.19 -17.97 -37.20
CA LYS B 285 2.56 -17.64 -35.93
C LYS B 285 2.71 -16.15 -35.63
N ALA B 286 3.91 -15.63 -35.85
CA ALA B 286 4.19 -14.23 -35.59
C ALA B 286 3.35 -13.31 -36.48
N ILE B 287 3.29 -13.65 -37.76
CA ILE B 287 2.46 -12.93 -38.69
C ILE B 287 0.98 -12.93 -38.30
N GLU B 288 0.42 -14.10 -38.00
CA GLU B 288 -0.97 -14.22 -37.53
C GLU B 288 -1.24 -13.39 -36.27
N THR B 289 -0.29 -13.41 -35.34
CA THR B 289 -0.42 -12.72 -34.06
C THR B 289 -0.39 -11.21 -34.28
N LEU B 290 0.61 -10.73 -35.01
CA LEU B 290 0.69 -9.29 -35.24
C LEU B 290 -0.56 -8.77 -35.99
N ASN B 291 -0.99 -9.48 -37.02
CA ASN B 291 -2.17 -9.04 -37.77
C ASN B 291 -3.47 -9.12 -36.97
N GLY B 292 -3.58 -10.06 -36.03
CA GLY B 292 -4.76 -10.16 -35.14
C GLY B 292 -4.81 -9.08 -34.08
N ASN B 293 -3.65 -8.50 -33.73
CA ASN B 293 -3.57 -7.41 -32.75
C ASN B 293 -3.70 -6.02 -33.37
N TRP B 294 -3.79 -6.01 -34.69
CA TRP B 294 -4.04 -4.80 -35.47
C TRP B 294 -5.50 -4.38 -35.33
N ARG B 295 -5.70 -3.11 -35.00
CA ARG B 295 -7.01 -2.52 -34.83
C ARG B 295 -7.15 -1.33 -35.76
N SER B 296 -8.32 -1.19 -36.37
CA SER B 296 -8.65 -0.06 -37.21
C SER B 296 -8.95 1.15 -36.33
N PRO B 297 -9.10 2.35 -36.95
CA PRO B 297 -9.44 3.51 -36.15
C PRO B 297 -10.67 3.28 -35.29
N GLY B 298 -10.62 3.81 -34.08
CA GLY B 298 -11.76 3.77 -33.19
C GLY B 298 -11.64 4.80 -32.09
N GLY B 299 -12.74 5.50 -31.82
CA GLY B 299 -12.76 6.50 -30.76
C GLY B 299 -11.78 7.58 -31.07
N ALA B 300 -10.92 7.90 -30.11
CA ALA B 300 -9.99 9.03 -30.22
C ALA B 300 -8.80 8.74 -31.11
N VAL B 301 -8.52 7.47 -31.40
CA VAL B 301 -7.38 7.12 -32.23
C VAL B 301 -7.87 7.04 -33.69
N LYS B 302 -7.41 7.97 -34.52
CA LYS B 302 -7.92 8.14 -35.90
C LYS B 302 -7.18 7.27 -36.95
N PHE B 303 -6.20 6.47 -36.51
CA PHE B 303 -5.38 5.67 -37.40
C PHE B 303 -5.44 4.21 -37.01
N ASN B 304 -5.16 3.34 -37.99
CA ASN B 304 -4.93 1.93 -37.71
C ASN B 304 -3.76 1.85 -36.74
N THR B 305 -3.86 0.92 -35.80
CA THR B 305 -2.83 0.76 -34.79
C THR B 305 -2.61 -0.74 -34.53
N VAL B 306 -1.58 -1.06 -33.76
CA VAL B 306 -1.39 -2.47 -33.33
C VAL B 306 -1.18 -2.45 -31.82
N THR B 307 -2.03 -3.18 -31.10
CA THR B 307 -1.97 -3.24 -29.64
C THR B 307 -1.11 -4.41 -29.19
N PRO B 308 -0.77 -4.47 -27.89
CA PRO B 308 0.18 -5.50 -27.44
C PRO B 308 -0.43 -6.91 -27.43
N SER B 309 -1.73 -7.02 -27.14
CA SER B 309 -2.43 -8.30 -27.17
C SER B 309 -3.94 -8.14 -27.17
N VAL B 310 -4.56 -8.61 -28.24
CA VAL B 310 -6.01 -8.57 -28.37
C VAL B 310 -6.68 -9.37 -27.23
N THR B 311 -6.04 -10.43 -26.74
CA THR B 311 -6.56 -11.26 -25.65
C THR B 311 -6.10 -10.80 -24.27
N GLY B 312 -5.32 -9.73 -24.20
CA GLY B 312 -4.76 -9.27 -22.93
C GLY B 312 -5.74 -8.55 -22.02
N ARG B 313 -5.60 -8.77 -20.71
CA ARG B 313 -6.40 -8.10 -19.70
C ARG B 313 -6.36 -6.57 -19.87
N TRP B 314 -5.17 -6.04 -20.08
CA TRP B 314 -4.95 -4.58 -20.16
C TRP B 314 -4.40 -4.11 -21.50
N PHE B 315 -4.31 -5.03 -22.47
CA PHE B 315 -3.66 -4.72 -23.75
C PHE B 315 -4.59 -4.72 -24.97
N SER B 316 -5.90 -4.81 -24.75
CA SER B 316 -6.84 -5.10 -25.83
C SER B 316 -7.51 -3.82 -26.31
N GLY B 317 -8.65 -3.94 -27.00
CA GLY B 317 -9.23 -2.75 -27.62
C GLY B 317 -8.18 -2.18 -28.57
N ASN B 318 -8.06 -0.85 -28.61
CA ASN B 318 -7.01 -0.23 -29.40
C ASN B 318 -5.97 0.47 -28.54
N GLN B 319 -5.77 0.01 -27.32
CA GLN B 319 -4.79 0.63 -26.43
C GLN B 319 -3.39 0.50 -27.03
N THR B 320 -2.73 1.63 -27.21
CA THR B 320 -1.43 1.68 -27.90
C THR B 320 -0.34 2.36 -27.08
N TRP B 321 0.84 1.74 -27.03
CA TRP B 321 2.05 2.33 -26.41
C TRP B 321 3.13 2.65 -27.43
N PRO B 322 4.05 3.61 -27.12
CA PRO B 322 5.03 3.93 -28.15
C PRO B 322 6.10 2.86 -28.42
N TRP B 323 6.81 2.38 -27.40
CA TRP B 323 7.87 1.41 -27.67
C TRP B 323 7.36 0.03 -28.13
N ASP B 324 6.10 -0.28 -27.81
CA ASP B 324 5.44 -1.41 -28.46
C ASP B 324 5.36 -1.16 -29.95
N THR B 325 5.00 0.07 -30.30
CA THR B 325 4.76 0.45 -31.68
C THR B 325 6.06 0.43 -32.48
N TRP B 326 7.13 0.96 -31.91
CA TRP B 326 8.42 0.97 -32.57
C TRP B 326 8.91 -0.45 -32.90
N LYS B 327 8.74 -1.38 -31.96
CA LYS B 327 9.14 -2.80 -32.18
C LYS B 327 8.21 -3.48 -33.17
N GLN B 328 6.91 -3.27 -32.99
CA GLN B 328 5.90 -3.77 -33.89
C GLN B 328 6.18 -3.33 -35.33
N ALA B 329 6.32 -2.03 -35.57
CA ALA B 329 6.49 -1.54 -36.94
C ALA B 329 7.82 -1.97 -37.55
N PHE B 330 8.82 -2.20 -36.70
CA PHE B 330 10.14 -2.61 -37.16
C PHE B 330 10.01 -3.93 -37.89
N ALA B 331 9.20 -4.84 -37.34
CA ALA B 331 8.98 -6.17 -37.94
C ALA B 331 7.90 -6.12 -39.03
N MET B 332 6.78 -5.45 -38.76
CA MET B 332 5.69 -5.35 -39.72
C MET B 332 6.07 -4.64 -41.03
N ALA B 333 7.13 -3.84 -41.00
CA ALA B 333 7.66 -3.24 -42.22
C ALA B 333 7.90 -4.31 -43.30
N HIS B 334 8.31 -5.49 -42.84
CA HIS B 334 8.76 -6.55 -43.73
C HIS B 334 7.67 -7.49 -44.25
N PHE B 335 6.42 -7.26 -43.86
CA PHE B 335 5.30 -8.01 -44.47
C PHE B 335 3.93 -7.31 -44.49
N ASN B 336 3.72 -6.34 -43.60
CA ASN B 336 2.50 -5.54 -43.63
C ASN B 336 2.88 -4.08 -43.47
N PRO B 337 3.63 -3.54 -44.46
CA PRO B 337 4.16 -2.20 -44.32
C PRO B 337 3.09 -1.13 -44.17
N ASP B 338 1.93 -1.32 -44.80
CA ASP B 338 0.84 -0.35 -44.74
C ASP B 338 0.45 -0.07 -43.29
N ILE B 339 0.36 -1.12 -42.50
CA ILE B 339 -0.08 -1.01 -41.10
C ILE B 339 1.07 -0.58 -40.20
N ALA B 340 2.30 -0.98 -40.52
CA ALA B 340 3.45 -0.48 -39.79
C ALA B 340 3.46 1.06 -39.83
N LYS B 341 3.22 1.63 -41.01
CA LYS B 341 3.19 3.09 -41.14
C LYS B 341 2.08 3.69 -40.30
N GLU B 342 0.89 3.10 -40.36
CA GLU B 342 -0.26 3.65 -39.66
C GLU B 342 -0.08 3.55 -38.16
N ASN B 343 0.47 2.43 -37.71
CA ASN B 343 0.73 2.21 -36.29
C ASN B 343 1.58 3.34 -35.74
N ILE B 344 2.65 3.68 -36.47
CA ILE B 344 3.55 4.75 -36.07
C ILE B 344 2.83 6.10 -36.09
N ARG B 345 2.00 6.30 -37.10
CA ARG B 345 1.20 7.53 -37.22
C ARG B 345 0.19 7.68 -36.08
N ALA B 346 -0.38 6.57 -35.63
CA ALA B 346 -1.31 6.59 -34.49
C ALA B 346 -0.65 7.17 -33.25
N VAL B 347 0.54 6.67 -32.93
CA VAL B 347 1.28 7.14 -31.75
C VAL B 347 1.67 8.62 -31.90
N PHE B 348 2.19 9.01 -33.07
CA PHE B 348 2.59 10.41 -33.23
C PHE B 348 1.41 11.37 -33.37
N SER B 349 0.20 10.85 -33.61
CA SER B 349 -0.98 11.70 -33.76
C SER B 349 -1.34 12.43 -32.47
N TRP B 350 -0.82 11.95 -31.35
CA TRP B 350 -1.09 12.55 -30.05
C TRP B 350 0.15 13.15 -29.40
N GLN B 351 1.20 13.35 -30.20
CA GLN B 351 2.40 14.06 -29.75
C GLN B 351 1.98 15.47 -29.32
N ILE B 352 2.52 15.95 -28.20
CA ILE B 352 2.11 17.25 -27.66
C ILE B 352 2.61 18.40 -28.55
N GLN B 353 1.70 19.29 -28.93
CA GLN B 353 1.99 20.47 -29.77
C GLN B 353 2.09 21.73 -28.92
N PRO B 354 2.63 22.83 -29.49
CA PRO B 354 2.58 24.12 -28.79
C PRO B 354 1.16 24.55 -28.46
N GLY B 355 0.97 25.13 -27.28
CA GLY B 355 -0.34 25.54 -26.82
C GLY B 355 -1.29 24.40 -26.47
N ASP B 356 -0.73 23.21 -26.20
CA ASP B 356 -1.56 22.08 -25.76
C ASP B 356 -2.33 22.52 -24.52
N SER B 357 -3.61 22.22 -24.51
CA SER B 357 -4.50 22.68 -23.45
C SER B 357 -4.27 21.98 -22.10
N VAL B 358 -3.55 20.86 -22.09
CA VAL B 358 -3.23 20.15 -20.85
C VAL B 358 -1.79 20.37 -20.38
N ARG B 359 -0.81 20.12 -21.24
CA ARG B 359 0.58 20.17 -20.82
C ARG B 359 1.49 20.85 -21.84
N PRO B 360 1.33 22.19 -21.99
CA PRO B 360 2.10 22.94 -22.98
C PRO B 360 3.60 22.97 -22.67
N GLN B 361 3.97 22.70 -21.42
CA GLN B 361 5.35 22.55 -21.02
C GLN B 361 6.02 21.25 -21.53
N ASP B 362 5.25 20.34 -22.12
CA ASP B 362 5.79 19.06 -22.61
C ASP B 362 5.79 18.97 -24.13
N VAL B 363 6.05 20.07 -24.84
CA VAL B 363 6.03 20.04 -26.30
C VAL B 363 6.98 18.96 -26.82
N GLY B 364 6.49 18.17 -27.78
CA GLY B 364 7.26 17.06 -28.37
C GLY B 364 7.02 15.70 -27.73
N PHE B 365 6.42 15.71 -26.54
CA PHE B 365 6.21 14.52 -25.71
C PHE B 365 5.23 13.55 -26.38
N VAL B 366 5.49 12.26 -26.25
CA VAL B 366 4.61 11.26 -26.85
C VAL B 366 3.96 10.46 -25.72
N PRO B 367 2.61 10.49 -25.63
CA PRO B 367 1.92 9.78 -24.57
C PRO B 367 2.25 8.27 -24.51
N ASP B 368 2.34 7.79 -23.28
CA ASP B 368 2.60 6.39 -22.95
C ASP B 368 1.48 5.49 -23.44
N LEU B 369 0.24 5.93 -23.26
CA LEU B 369 -0.91 5.08 -23.52
C LEU B 369 -2.03 5.91 -24.13
N ILE B 370 -2.32 5.64 -25.39
CA ILE B 370 -3.50 6.18 -26.07
C ILE B 370 -4.48 5.05 -26.35
N ALA B 371 -5.75 5.39 -26.48
CA ALA B 371 -6.84 4.42 -26.52
C ALA B 371 -8.14 5.09 -26.94
N TRP B 372 -9.15 4.26 -27.17
CA TRP B 372 -10.48 4.71 -27.57
C TRP B 372 -10.91 5.93 -26.80
N ASN B 373 -10.76 5.87 -25.47
CA ASN B 373 -11.27 6.91 -24.59
C ASN B 373 -10.19 7.84 -24.11
N LEU B 374 -10.39 9.12 -24.39
CA LEU B 374 -9.58 10.17 -23.81
C LEU B 374 -9.69 10.21 -22.29
N SER B 375 -8.65 10.73 -21.64
CA SER B 375 -8.68 10.96 -20.21
C SER B 375 -9.69 12.07 -19.90
N PRO B 376 -10.16 12.10 -18.63
CA PRO B 376 -11.00 13.22 -18.20
C PRO B 376 -10.37 14.58 -18.44
N GLU B 377 -9.04 14.67 -18.36
CA GLU B 377 -8.33 15.93 -18.61
C GLU B 377 -8.50 16.38 -20.07
N ARG B 378 -8.75 15.44 -20.96
CA ARG B 378 -9.00 15.75 -22.37
C ARG B 378 -10.48 15.57 -22.77
N GLY B 379 -11.37 15.55 -21.78
CA GLY B 379 -12.81 15.52 -22.02
C GLY B 379 -13.46 14.14 -22.10
N GLY B 380 -12.68 13.07 -22.03
CA GLY B 380 -13.26 11.72 -22.08
C GLY B 380 -13.47 11.14 -20.70
N ASP B 381 -13.83 9.85 -20.65
CA ASP B 381 -14.00 9.14 -19.39
C ASP B 381 -13.05 7.93 -19.28
N GLY B 382 -11.99 7.95 -20.09
CA GLY B 382 -11.04 6.86 -20.17
C GLY B 382 -10.08 6.80 -19.00
N GLY B 383 -9.95 5.61 -18.42
CA GLY B 383 -9.08 5.39 -17.27
C GLY B 383 -7.67 4.90 -17.61
N ASN B 384 -7.44 4.47 -18.86
CA ASN B 384 -6.12 4.01 -19.27
C ASN B 384 -5.23 5.09 -19.90
N TRP B 385 -5.81 5.95 -20.74
CA TRP B 385 -5.05 7.05 -21.35
C TRP B 385 -4.04 7.59 -20.34
N ASN B 386 -2.76 7.56 -20.67
CA ASN B 386 -1.68 7.94 -19.73
C ASN B 386 -0.67 8.94 -20.29
N GLU B 387 -0.46 10.02 -19.54
CA GLU B 387 0.53 11.03 -19.90
C GLU B 387 1.40 11.40 -18.68
N ARG B 388 1.62 10.42 -17.81
CA ARG B 388 2.50 10.54 -16.67
C ARG B 388 3.96 10.35 -17.06
N ASN B 389 4.18 9.80 -18.25
CA ASN B 389 5.47 9.39 -18.72
C ASN B 389 5.40 9.03 -20.19
N THR B 390 6.54 8.83 -20.82
CA THR B 390 6.57 8.37 -22.21
C THR B 390 7.19 6.94 -22.20
N LYS B 391 7.83 6.53 -23.27
CA LYS B 391 8.62 5.28 -23.31
C LYS B 391 10.00 5.59 -23.92
N PRO B 392 10.90 4.59 -24.03
CA PRO B 392 12.26 4.91 -24.50
C PRO B 392 12.39 5.23 -25.99
N SER B 393 13.52 5.80 -26.36
CA SER B 393 13.73 6.36 -27.69
C SER B 393 14.14 5.32 -28.75
N LEU B 394 13.14 4.64 -29.30
CA LEU B 394 13.30 3.74 -30.44
C LEU B 394 12.46 4.20 -31.64
N ALA B 395 11.97 5.45 -31.63
CA ALA B 395 11.12 5.93 -32.73
C ALA B 395 11.83 6.05 -34.09
N ALA B 396 13.01 6.65 -34.11
CA ALA B 396 13.75 6.86 -35.38
C ALA B 396 14.20 5.52 -35.98
N TRP B 397 14.59 4.61 -35.10
CA TRP B 397 14.92 3.22 -35.50
C TRP B 397 13.78 2.59 -36.29
N SER B 398 12.57 2.64 -35.73
CA SER B 398 11.35 2.11 -36.37
C SER B 398 11.02 2.81 -37.70
N VAL B 399 10.99 4.14 -37.67
CA VAL B 399 10.74 4.91 -38.88
C VAL B 399 11.71 4.59 -40.00
N MET B 400 12.99 4.46 -39.66
CA MET B 400 14.04 4.13 -40.63
C MET B 400 13.87 2.73 -41.24
N GLU B 401 13.33 1.79 -40.47
CA GLU B 401 13.11 0.44 -40.97
C GLU B 401 12.00 0.47 -42.02
N VAL B 402 10.93 1.23 -41.73
CA VAL B 402 9.88 1.42 -42.73
C VAL B 402 10.48 2.05 -44.00
N TYR B 403 11.40 2.99 -43.85
CA TYR B 403 12.08 3.60 -45.00
C TYR B 403 12.98 2.60 -45.71
N ASN B 404 13.82 1.88 -44.98
CA ASN B 404 14.60 0.81 -45.59
C ASN B 404 13.75 -0.05 -46.54
N VAL B 405 12.53 -0.38 -46.11
CA VAL B 405 11.63 -1.19 -46.93
C VAL B 405 10.98 -0.40 -48.08
N THR B 406 10.43 0.78 -47.78
CA THR B 406 9.64 1.52 -48.78
C THR B 406 10.47 2.45 -49.67
N GLN B 407 11.62 2.90 -49.16
CA GLN B 407 12.49 3.87 -49.83
C GLN B 407 11.73 5.14 -50.21
N ASP B 408 10.77 5.50 -49.36
CA ASP B 408 9.88 6.60 -49.62
C ASP B 408 10.39 7.81 -48.84
N LYS B 409 10.93 8.76 -49.57
CA LYS B 409 11.53 9.94 -48.96
C LYS B 409 10.53 10.88 -48.25
N THR B 410 9.29 10.92 -48.73
CA THR B 410 8.25 11.74 -48.09
C THR B 410 7.93 11.28 -46.67
N TRP B 411 8.03 9.95 -46.46
CA TRP B 411 7.85 9.35 -45.14
C TRP B 411 8.86 9.93 -44.16
N VAL B 412 10.15 9.93 -44.52
CA VAL B 412 11.18 10.56 -43.70
C VAL B 412 10.86 12.05 -43.49
N ALA B 413 10.43 12.74 -44.55
CA ALA B 413 10.11 14.18 -44.46
C ALA B 413 8.99 14.44 -43.44
N GLU B 414 7.95 13.63 -43.49
CA GLU B 414 6.85 13.73 -42.54
C GLU B 414 7.33 13.51 -41.10
N MET B 415 8.07 12.43 -40.88
CA MET B 415 8.40 11.97 -39.53
C MET B 415 9.57 12.68 -38.88
N TYR B 416 10.46 13.27 -39.69
CA TYR B 416 11.69 13.86 -39.14
C TYR B 416 11.48 14.96 -38.10
N PRO B 417 10.58 15.94 -38.36
CA PRO B 417 10.37 16.97 -37.34
C PRO B 417 9.75 16.45 -36.03
N LYS B 418 8.89 15.45 -36.13
CA LYS B 418 8.27 14.81 -34.96
C LYS B 418 9.32 14.07 -34.12
N LEU B 419 10.20 13.32 -34.80
CA LEU B 419 11.33 12.66 -34.14
C LEU B 419 12.31 13.64 -33.49
N VAL B 420 12.58 14.78 -34.15
CA VAL B 420 13.48 15.79 -33.57
C VAL B 420 12.81 16.48 -32.36
N ALA B 421 11.52 16.71 -32.47
CA ALA B 421 10.75 17.30 -31.34
C ALA B 421 10.77 16.37 -30.13
N TYR B 422 10.75 15.06 -30.39
CA TYR B 422 10.75 14.06 -29.31
C TYR B 422 12.09 14.06 -28.60
N HIS B 423 13.15 14.01 -29.39
CA HIS B 423 14.52 14.11 -28.92
C HIS B 423 14.75 15.42 -28.13
N ASP B 424 14.21 16.53 -28.61
CA ASP B 424 14.35 17.83 -27.91
C ASP B 424 13.66 17.80 -26.54
N TRP B 425 12.50 17.15 -26.47
CA TRP B 425 11.77 17.04 -25.21
C TRP B 425 12.61 16.33 -24.17
N TRP B 426 13.26 15.24 -24.57
CA TRP B 426 14.13 14.52 -23.66
C TRP B 426 15.18 15.45 -23.05
N LEU B 427 15.81 16.25 -23.89
CA LEU B 427 16.92 17.11 -23.43
C LEU B 427 16.45 18.32 -22.62
N ARG B 428 15.28 18.87 -22.95
CA ARG B 428 14.70 19.94 -22.14
C ARG B 428 14.17 19.41 -20.81
N ASN B 429 13.39 18.32 -20.87
CA ASN B 429 12.56 17.87 -19.75
C ASN B 429 13.06 16.65 -18.99
N ARG B 430 14.14 16.02 -19.47
CA ARG B 430 14.69 14.84 -18.80
C ARG B 430 16.22 14.87 -18.68
N ASP B 431 16.79 16.06 -18.49
CA ASP B 431 18.21 16.16 -18.15
C ASP B 431 18.42 17.26 -17.11
N HIS B 432 18.30 16.88 -15.84
CA HIS B 432 18.35 17.82 -14.72
C HIS B 432 19.72 18.50 -14.60
N ASN B 433 20.79 17.71 -14.66
CA ASN B 433 22.17 18.24 -14.54
C ASN B 433 22.76 18.82 -15.82
N GLY B 434 21.95 18.97 -16.88
CA GLY B 434 22.37 19.61 -18.13
C GLY B 434 23.54 19.00 -18.91
N ASN B 435 23.87 17.73 -18.67
CA ASN B 435 25.04 17.12 -19.32
C ASN B 435 24.71 16.34 -20.60
N GLY B 436 23.46 16.41 -21.06
CA GLY B 436 23.03 15.73 -22.29
C GLY B 436 22.77 14.23 -22.17
N VAL B 437 23.02 13.66 -20.99
CA VAL B 437 22.70 12.26 -20.71
C VAL B 437 21.33 12.20 -20.01
N PRO B 438 20.29 11.67 -20.67
CA PRO B 438 18.96 11.83 -20.10
C PRO B 438 18.70 10.97 -18.88
N GLU B 439 17.73 11.41 -18.07
CA GLU B 439 17.22 10.61 -16.96
C GLU B 439 15.80 10.19 -17.29
N TYR B 440 15.38 9.03 -16.78
CA TYR B 440 13.96 8.67 -16.73
C TYR B 440 13.31 9.50 -15.63
N GLY B 441 12.02 9.76 -15.78
CA GLY B 441 11.30 10.59 -14.82
C GLY B 441 9.81 10.61 -15.01
N ALA B 442 9.20 11.75 -14.67
CA ALA B 442 7.75 11.82 -14.60
C ALA B 442 7.29 13.23 -14.95
N THR B 443 6.16 13.33 -15.63
CA THR B 443 5.66 14.63 -16.02
C THR B 443 5.05 15.34 -14.83
N ARG B 444 4.77 16.62 -15.02
CA ARG B 444 3.96 17.34 -14.08
C ARG B 444 2.57 16.80 -14.33
N ASP B 445 1.92 16.35 -13.26
CA ASP B 445 0.70 15.56 -13.39
C ASP B 445 0.02 15.47 -12.04
N LYS B 446 -1.30 15.36 -12.04
CA LYS B 446 -2.04 15.32 -10.77
C LYS B 446 -1.70 14.06 -9.93
N ALA B 447 -1.18 13.00 -10.56
CA ALA B 447 -0.73 11.82 -9.82
C ALA B 447 0.63 12.05 -9.14
N HIS B 448 1.36 13.07 -9.59
CA HIS B 448 2.75 13.26 -9.20
C HIS B 448 2.99 14.34 -8.19
N ASN B 449 2.15 15.38 -8.24
CA ASN B 449 2.36 16.57 -7.43
C ASN B 449 1.05 17.26 -7.09
N THR B 450 1.12 18.14 -6.10
CA THR B 450 0.00 18.96 -5.66
C THR B 450 -0.31 20.04 -6.68
N GLU B 451 -1.48 20.66 -6.54
CA GLU B 451 -1.84 21.87 -7.28
C GLU B 451 -0.69 22.89 -7.31
N SER B 452 0.01 23.02 -6.18
CA SER B 452 1.08 24.01 -6.05
C SER B 452 2.45 23.51 -6.49
N GLY B 453 2.47 22.35 -7.14
CA GLY B 453 3.66 21.85 -7.78
C GLY B 453 4.70 21.31 -6.83
N GLU B 454 4.26 20.74 -5.71
CA GLU B 454 5.16 20.03 -4.79
C GLU B 454 5.00 18.51 -4.96
N MET B 455 6.13 17.77 -5.01
CA MET B 455 6.13 16.33 -5.36
C MET B 455 5.48 15.49 -4.29
N LEU B 456 4.52 14.66 -4.67
CA LEU B 456 3.85 13.76 -3.74
C LEU B 456 4.72 12.55 -3.39
N PHE B 457 4.72 12.18 -2.11
CA PHE B 457 5.28 10.91 -1.66
C PHE B 457 4.63 10.43 -0.37
N THR B 458 4.81 9.14 -0.09
CA THR B 458 4.23 8.51 1.08
C THR B 458 5.31 7.78 1.85
N VAL B 459 5.44 8.14 3.12
CA VAL B 459 6.38 7.48 4.03
C VAL B 459 5.63 6.40 4.81
N LYS B 460 6.13 5.17 4.73
CA LYS B 460 5.71 4.10 5.61
C LYS B 460 6.78 3.91 6.69
N LYS B 461 6.33 3.78 7.93
CA LYS B 461 7.21 3.50 9.07
C LYS B 461 6.41 2.64 10.03
N GLY B 462 6.82 1.38 10.16
CA GLY B 462 6.00 0.36 10.81
C GLY B 462 4.62 0.40 10.20
N ASP B 463 3.58 0.45 11.04
CA ASP B 463 2.20 0.51 10.54
C ASP B 463 1.75 1.94 10.27
N LYS B 464 2.61 2.93 10.44
CA LYS B 464 2.26 4.30 10.03
C LYS B 464 2.42 4.51 8.52
N GLU B 465 1.44 5.17 7.91
CA GLU B 465 1.46 5.50 6.48
C GLU B 465 1.02 6.96 6.30
N GLU B 466 1.91 7.80 5.80
CA GLU B 466 1.66 9.23 5.75
C GLU B 466 2.07 9.84 4.41
N THR B 467 1.08 10.33 3.68
CA THR B 467 1.30 10.97 2.41
C THR B 467 1.61 12.45 2.65
N GLN B 468 2.66 12.93 1.99
CA GLN B 468 3.18 14.28 2.17
C GLN B 468 3.66 14.79 0.81
N SER B 469 4.17 16.02 0.79
CA SER B 469 4.64 16.62 -0.45
C SER B 469 5.89 17.47 -0.22
N GLY B 470 6.66 17.68 -1.28
CA GLY B 470 7.83 18.56 -1.23
C GLY B 470 9.13 17.80 -1.40
N LEU B 471 9.96 18.25 -2.33
CA LEU B 471 11.22 17.57 -2.65
C LEU B 471 12.28 17.77 -1.56
N ASN B 472 12.33 18.97 -0.99
CA ASN B 472 13.23 19.20 0.14
C ASN B 472 12.82 18.38 1.36
N ASN B 473 11.50 18.21 1.55
CA ASN B 473 11.00 17.31 2.59
C ASN B 473 11.45 15.88 2.29
N TYR B 474 11.28 15.45 1.05
CA TYR B 474 11.73 14.11 0.64
C TYR B 474 13.23 13.91 0.85
N ALA B 475 14.04 14.91 0.47
CA ALA B 475 15.51 14.79 0.59
C ALA B 475 15.93 14.61 2.03
N ARG B 476 15.36 15.42 2.92
CA ARG B 476 15.58 15.27 4.36
C ARG B 476 15.19 13.87 4.86
N VAL B 477 13.98 13.41 4.53
CA VAL B 477 13.55 12.08 4.94
C VAL B 477 14.58 11.03 4.51
N VAL B 478 15.06 11.13 3.28
CA VAL B 478 16.03 10.20 2.74
C VAL B 478 17.37 10.34 3.47
N GLU B 479 17.88 11.57 3.58
CA GLU B 479 19.15 11.86 4.30
C GLU B 479 19.21 11.12 5.63
N LYS B 480 18.12 11.22 6.39
CA LYS B 480 18.14 10.80 7.80
C LYS B 480 17.64 9.38 7.99
N GLY B 481 17.28 8.70 6.90
CA GLY B 481 16.79 7.32 6.98
C GLY B 481 15.48 7.17 7.74
N GLN B 482 14.65 8.21 7.74
CA GLN B 482 13.41 8.22 8.50
C GLN B 482 12.20 7.65 7.74
N TYR B 483 12.26 6.34 7.51
CA TYR B 483 11.24 5.58 6.80
C TYR B 483 11.63 4.11 6.89
N ASP B 484 10.65 3.23 6.65
CA ASP B 484 10.92 1.79 6.40
C ASP B 484 10.74 1.47 4.93
N SER B 485 9.77 2.11 4.31
CA SER B 485 9.66 2.15 2.85
C SER B 485 9.06 3.49 2.41
N LEU B 486 9.20 3.76 1.13
CA LEU B 486 8.70 4.97 0.54
C LEU B 486 7.92 4.59 -0.71
N GLU B 487 6.77 5.22 -0.93
CA GLU B 487 5.96 5.02 -2.13
C GLU B 487 5.83 6.35 -2.86
N ILE B 488 6.33 6.39 -4.09
CA ILE B 488 6.51 7.66 -4.79
C ILE B 488 5.92 7.58 -6.22
N PRO B 489 4.75 8.19 -6.45
CA PRO B 489 4.15 8.09 -7.79
C PRO B 489 5.10 8.45 -8.95
N ALA B 490 5.97 9.44 -8.77
CA ALA B 490 6.98 9.79 -9.78
C ALA B 490 7.98 8.66 -10.08
N GLN B 491 8.27 7.85 -9.07
CA GLN B 491 9.14 6.69 -9.22
C GLN B 491 8.47 5.62 -10.04
N VAL B 492 7.18 5.40 -9.74
CA VAL B 492 6.38 4.51 -10.54
C VAL B 492 6.40 4.96 -11.99
N ALA B 493 6.12 6.25 -12.23
CA ALA B 493 6.08 6.77 -13.58
C ALA B 493 7.45 6.64 -14.28
N ALA B 494 8.54 6.86 -13.55
CA ALA B 494 9.86 6.80 -14.17
C ALA B 494 10.19 5.36 -14.59
N SER B 495 9.80 4.36 -13.80
CA SER B 495 10.03 2.98 -14.18
C SER B 495 9.15 2.60 -15.39
N TRP B 496 7.91 3.07 -15.42
CA TRP B 496 7.05 2.95 -16.59
C TRP B 496 7.70 3.58 -17.84
N GLU B 497 8.35 4.73 -17.66
CA GLU B 497 9.00 5.42 -18.77
C GLU B 497 10.14 4.60 -19.39
N SER B 498 10.83 3.83 -18.57
CA SER B 498 11.82 2.86 -19.08
C SER B 498 11.16 1.71 -19.82
N GLY B 499 9.88 1.53 -19.55
CA GLY B 499 9.15 0.36 -20.00
C GLY B 499 9.28 -0.83 -19.07
N ARG B 500 10.19 -0.76 -18.10
CA ARG B 500 10.49 -1.93 -17.25
CA ARG B 500 10.49 -1.92 -17.25
C ARG B 500 9.94 -1.70 -15.84
N ASP B 501 8.62 -1.88 -15.70
CA ASP B 501 7.89 -1.67 -14.44
C ASP B 501 8.56 -2.35 -13.26
N ASP B 502 8.80 -1.62 -12.18
CA ASP B 502 9.36 -2.21 -10.94
C ASP B 502 10.67 -3.02 -11.16
N ALA B 503 11.49 -2.59 -12.11
CA ALA B 503 12.81 -3.21 -12.30
C ALA B 503 13.70 -2.86 -11.11
N ALA B 504 14.66 -3.74 -10.83
CA ALA B 504 15.62 -3.58 -9.74
C ALA B 504 16.31 -2.23 -9.70
N VAL B 505 16.81 -1.79 -10.85
CA VAL B 505 17.69 -0.63 -10.91
C VAL B 505 16.97 0.68 -10.58
N PHE B 506 15.64 0.65 -10.55
CA PHE B 506 14.89 1.85 -10.17
C PHE B 506 14.47 1.80 -8.71
N GLY B 507 14.99 0.84 -7.96
CA GLY B 507 14.81 0.78 -6.52
C GLY B 507 13.75 -0.20 -6.06
N PHE B 508 13.20 -0.97 -7.00
CA PHE B 508 12.11 -1.86 -6.67
C PHE B 508 12.63 -3.24 -6.24
N ILE B 509 12.26 -3.63 -5.02
CA ILE B 509 12.68 -4.89 -4.44
C ILE B 509 11.69 -5.29 -3.32
N ASP B 510 11.34 -6.57 -3.26
CA ASP B 510 10.34 -7.06 -2.28
C ASP B 510 10.89 -6.97 -0.85
N LYS B 511 10.01 -6.86 0.12
CA LYS B 511 10.44 -6.73 1.51
C LYS B 511 11.40 -7.85 1.90
N GLU B 512 11.03 -9.10 1.61
CA GLU B 512 11.85 -10.26 1.94
C GLU B 512 13.22 -10.17 1.25
N GLN B 513 13.23 -9.81 -0.03
CA GLN B 513 14.49 -9.71 -0.77
C GLN B 513 15.41 -8.66 -0.15
N LEU B 514 14.82 -7.53 0.27
CA LEU B 514 15.60 -6.42 0.81
C LEU B 514 16.19 -6.74 2.17
N ASP B 515 15.40 -7.40 3.03
CA ASP B 515 15.87 -7.88 4.34
C ASP B 515 16.98 -8.90 4.13
N LYS B 516 16.83 -9.78 3.15
CA LYS B 516 17.86 -10.74 2.84
C LYS B 516 19.15 -10.07 2.35
N TYR B 517 19.02 -8.97 1.62
CA TYR B 517 20.17 -8.17 1.15
C TYR B 517 20.90 -7.48 2.30
N VAL B 518 20.14 -6.94 3.26
CA VAL B 518 20.72 -6.29 4.43
C VAL B 518 21.41 -7.33 5.31
N ALA B 519 20.78 -8.50 5.43
CA ALA B 519 21.33 -9.63 6.20
C ALA B 519 22.59 -10.23 5.60
N ASN B 520 22.98 -9.81 4.39
CA ASN B 520 24.27 -10.17 3.78
C ASN B 520 25.23 -8.98 3.71
N GLY B 521 25.11 -8.04 4.64
CA GLY B 521 26.00 -6.88 4.68
C GLY B 521 25.71 -5.77 3.68
N GLY B 522 24.49 -5.76 3.13
CA GLY B 522 24.05 -4.67 2.27
C GLY B 522 23.40 -3.55 3.06
N LYS B 523 23.55 -2.31 2.58
CA LYS B 523 22.89 -1.16 3.20
C LYS B 523 21.50 -0.97 2.58
N ARG B 524 20.49 -0.95 3.45
CA ARG B 524 19.10 -0.80 3.03
C ARG B 524 18.86 0.41 2.10
N SER B 525 19.58 1.50 2.37
CA SER B 525 19.43 2.74 1.62
C SER B 525 20.01 2.72 0.21
N ASP B 526 20.69 1.63 -0.16
CA ASP B 526 21.20 1.45 -1.52
C ASP B 526 20.02 1.38 -2.51
N TRP B 527 18.87 0.95 -2.02
CA TRP B 527 17.68 0.77 -2.84
C TRP B 527 16.69 1.92 -2.75
N THR B 528 17.11 3.04 -2.18
CA THR B 528 16.24 4.21 -2.12
CA THR B 528 16.27 4.24 -2.09
C THR B 528 16.66 5.22 -3.20
N VAL B 529 15.68 5.68 -3.97
CA VAL B 529 15.95 6.54 -5.11
C VAL B 529 15.82 8.00 -4.74
N LYS B 530 16.65 8.83 -5.36
CA LYS B 530 16.59 10.28 -5.17
C LYS B 530 15.95 10.95 -6.37
N PHE B 531 15.41 12.15 -6.16
CA PHE B 531 14.66 12.89 -7.16
C PHE B 531 15.06 14.34 -7.22
N ALA B 532 14.85 14.94 -8.38
CA ALA B 532 15.02 16.38 -8.55
C ALA B 532 13.93 16.87 -9.48
N GLU B 533 13.54 18.14 -9.34
CA GLU B 533 12.57 18.76 -10.23
C GLU B 533 13.28 19.49 -11.37
N ASN B 534 12.67 19.46 -12.55
CA ASN B 534 13.20 20.14 -13.70
C ASN B 534 12.39 21.40 -13.99
N ARG B 535 13.02 22.56 -13.79
CA ARG B 535 12.39 23.81 -14.16
C ARG B 535 13.10 24.41 -15.35
N SER B 536 12.32 24.97 -16.27
CA SER B 536 12.88 25.70 -17.38
C SER B 536 13.52 26.99 -16.87
N GLN B 537 14.28 27.64 -17.75
CA GLN B 537 14.90 28.93 -17.45
C GLN B 537 13.90 29.90 -16.78
N ASP B 538 12.66 29.93 -17.28
CA ASP B 538 11.63 30.86 -16.78
C ASP B 538 10.76 30.36 -15.61
N GLY B 539 11.17 29.26 -14.98
CA GLY B 539 10.51 28.80 -13.75
C GLY B 539 9.30 27.88 -13.91
N THR B 540 8.93 27.53 -15.14
CA THR B 540 7.83 26.58 -15.36
C THR B 540 8.28 25.20 -14.95
N LEU B 541 7.50 24.53 -14.11
CA LEU B 541 7.81 23.17 -13.68
C LEU B 541 7.57 22.20 -14.84
N LEU B 542 8.64 21.53 -15.28
CA LEU B 542 8.58 20.63 -16.44
C LEU B 542 8.22 19.20 -16.07
N GLY B 543 8.47 18.85 -14.81
CA GLY B 543 8.33 17.49 -14.33
C GLY B 543 9.46 17.14 -13.39
N TYR B 544 9.81 15.86 -13.34
CA TYR B 544 10.80 15.35 -12.40
C TYR B 544 11.73 14.37 -13.09
N SER B 545 12.99 14.33 -12.64
CA SER B 545 13.93 13.27 -13.02
C SER B 545 14.24 12.46 -11.80
N LEU B 546 14.50 11.17 -11.99
CA LEU B 546 15.27 10.41 -11.03
C LEU B 546 16.66 11.03 -11.07
N LEU B 547 17.34 11.10 -9.91
CA LEU B 547 18.74 11.53 -9.91
C LEU B 547 19.60 10.31 -10.25
N GLN B 548 19.45 9.89 -11.51
CA GLN B 548 19.93 8.60 -11.97
C GLN B 548 19.95 8.65 -13.50
N GLU B 549 21.09 8.30 -14.10
CA GLU B 549 21.17 8.26 -15.55
C GLU B 549 21.16 6.80 -15.96
N SER B 550 20.26 6.47 -16.88
CA SER B 550 19.99 5.09 -17.25
C SER B 550 20.75 4.71 -18.51
N VAL B 551 21.41 3.56 -18.45
CA VAL B 551 22.33 3.16 -19.50
C VAL B 551 21.59 2.75 -20.78
N ASP B 552 20.40 2.17 -20.63
CA ASP B 552 19.55 1.86 -21.80
C ASP B 552 19.10 3.13 -22.53
N GLN B 553 18.56 4.11 -21.82
CA GLN B 553 18.07 5.31 -22.52
C GLN B 553 19.21 6.11 -23.15
N ALA B 554 20.36 6.19 -22.49
CA ALA B 554 21.54 6.81 -23.10
C ALA B 554 21.91 6.05 -24.38
N SER B 555 21.91 4.72 -24.30
CA SER B 555 22.22 3.92 -25.47
C SER B 555 21.18 4.05 -26.58
N TYR B 556 19.89 4.12 -26.23
CA TYR B 556 18.86 4.34 -27.22
C TYR B 556 19.01 5.74 -27.81
N MET B 557 19.37 6.73 -26.99
CA MET B 557 19.54 8.08 -27.53
C MET B 557 20.73 8.14 -28.51
N TYR B 558 21.79 7.39 -28.21
CA TYR B 558 22.93 7.23 -29.11
C TYR B 558 22.48 6.82 -30.53
N SER B 559 21.80 5.68 -30.62
CA SER B 559 21.36 5.18 -31.91
C SER B 559 20.30 6.09 -32.53
N ASP B 560 19.35 6.59 -31.73
CA ASP B 560 18.33 7.51 -32.24
C ASP B 560 19.00 8.70 -32.93
N ASN B 561 20.04 9.21 -32.31
CA ASN B 561 20.85 10.29 -32.87
C ASN B 561 21.46 9.93 -34.24
N HIS B 562 22.02 8.73 -34.34
CA HIS B 562 22.57 8.28 -35.60
C HIS B 562 21.48 8.16 -36.66
N TYR B 563 20.32 7.65 -36.27
CA TYR B 563 19.23 7.50 -37.23
C TYR B 563 18.73 8.89 -37.63
N LEU B 564 18.65 9.80 -36.67
CA LEU B 564 18.34 11.19 -36.98
C LEU B 564 19.38 11.75 -37.95
N ALA B 565 20.67 11.45 -37.73
CA ALA B 565 21.73 11.94 -38.63
C ALA B 565 21.51 11.46 -40.06
N GLU B 566 21.17 10.18 -40.20
CA GLU B 566 20.94 9.61 -41.53
C GLU B 566 19.76 10.24 -42.26
N MET B 567 18.66 10.41 -41.53
CA MET B 567 17.47 11.11 -42.06
C MET B 567 17.81 12.54 -42.44
N ALA B 568 18.59 13.21 -41.61
CA ALA B 568 19.05 14.57 -41.89
C ALA B 568 19.86 14.60 -43.19
N THR B 569 20.68 13.57 -43.41
CA THR B 569 21.46 13.49 -44.65
C THR B 569 20.54 13.31 -45.84
N ILE B 570 19.58 12.40 -45.69
CA ILE B 570 18.60 12.12 -46.73
C ILE B 570 17.78 13.36 -47.11
N LEU B 571 17.45 14.19 -46.11
CA LEU B 571 16.73 15.46 -46.33
C LEU B 571 17.67 16.66 -46.54
N GLY B 572 18.96 16.39 -46.74
CA GLY B 572 19.93 17.43 -47.10
C GLY B 572 20.17 18.49 -46.04
N LYS B 573 20.38 18.07 -44.81
CA LYS B 573 20.64 18.96 -43.68
C LYS B 573 21.95 18.55 -42.99
N PRO B 574 23.08 18.65 -43.71
CA PRO B 574 24.35 18.05 -43.26
C PRO B 574 24.90 18.60 -41.95
N GLU B 575 24.57 19.84 -41.60
CA GLU B 575 25.05 20.44 -40.35
C GLU B 575 24.36 19.82 -39.13
N GLU B 576 23.04 19.65 -39.21
CA GLU B 576 22.30 18.92 -38.20
C GLU B 576 22.81 17.47 -38.08
N ALA B 577 23.03 16.84 -39.24
CA ALA B 577 23.64 15.50 -39.28
C ALA B 577 24.96 15.44 -38.50
N LYS B 578 25.83 16.43 -38.68
CA LYS B 578 27.13 16.48 -37.97
C LYS B 578 26.95 16.61 -36.47
N ARG B 579 26.08 17.53 -36.05
CA ARG B 579 25.84 17.74 -34.62
C ARG B 579 25.24 16.47 -33.96
N TYR B 580 24.33 15.79 -34.66
CA TYR B 580 23.79 14.54 -34.13
C TYR B 580 24.86 13.46 -33.95
N ARG B 581 25.81 13.37 -34.88
CA ARG B 581 26.91 12.42 -34.77
C ARG B 581 27.88 12.76 -33.64
N GLN B 582 28.12 14.05 -33.43
CA GLN B 582 28.95 14.53 -32.31
C GLN B 582 28.29 14.23 -30.96
N LEU B 583 26.99 14.55 -30.84
CA LEU B 583 26.24 14.22 -29.63
C LEU B 583 26.31 12.72 -29.36
N ALA B 584 26.16 11.94 -30.42
CA ALA B 584 26.23 10.49 -30.34
C ALA B 584 27.57 10.07 -29.73
N GLN B 585 28.66 10.61 -30.25
CA GLN B 585 29.99 10.24 -29.74
C GLN B 585 30.19 10.63 -28.28
N GLN B 586 29.74 11.82 -27.89
CA GLN B 586 29.81 12.23 -26.47
C GLN B 586 29.00 11.30 -25.58
N LEU B 587 27.81 10.94 -26.01
CA LEU B 587 27.05 9.88 -25.32
C LEU B 587 27.85 8.59 -25.27
N ALA B 588 28.44 8.19 -26.40
CA ALA B 588 29.23 6.95 -26.44
C ALA B 588 30.36 6.96 -25.41
N ASP B 589 31.09 8.07 -25.34
CA ASP B 589 32.17 8.23 -24.35
C ASP B 589 31.68 8.11 -22.91
N TYR B 590 30.56 8.80 -22.64
CA TYR B 590 29.95 8.79 -21.31
C TYR B 590 29.58 7.38 -20.87
N ILE B 591 28.87 6.66 -21.75
CA ILE B 591 28.44 5.28 -21.49
C ILE B 591 29.63 4.39 -21.14
N ASN B 592 30.66 4.42 -21.97
CA ASN B 592 31.83 3.56 -21.78
C ASN B 592 32.71 3.94 -20.58
N THR B 593 32.80 5.23 -20.28
CA THR B 593 33.60 5.70 -19.13
C THR B 593 32.87 5.54 -17.79
N CYS B 594 31.61 5.99 -17.75
CA CYS B 594 30.83 6.10 -16.51
C CYS B 594 29.97 4.87 -16.17
N MET B 595 29.34 4.29 -17.18
CA MET B 595 28.32 3.25 -16.95
C MET B 595 28.91 1.84 -16.95
N PHE B 596 30.10 1.66 -17.55
CA PHE B 596 30.77 0.35 -17.51
C PHE B 596 31.43 0.11 -16.16
N ASP B 597 31.34 -1.13 -15.67
CA ASP B 597 31.96 -1.55 -14.43
C ASP B 597 32.92 -2.74 -14.66
N PRO B 598 34.22 -2.45 -14.82
CA PRO B 598 35.21 -3.49 -15.03
C PRO B 598 35.11 -4.65 -14.05
N THR B 599 34.94 -4.36 -12.75
CA THR B 599 34.94 -5.41 -11.72
C THR B 599 33.96 -6.52 -12.02
N THR B 600 32.72 -6.12 -12.30
CA THR B 600 31.64 -7.08 -12.54
C THR B 600 31.39 -7.31 -14.03
N GLN B 601 32.17 -6.63 -14.88
CA GLN B 601 32.19 -6.89 -16.33
C GLN B 601 30.85 -6.58 -16.97
N PHE B 602 30.28 -5.42 -16.67
CA PHE B 602 28.90 -5.10 -17.11
C PHE B 602 28.62 -3.60 -17.03
N TYR B 603 27.54 -3.17 -17.69
CA TYR B 603 27.10 -1.78 -17.65
C TYR B 603 25.92 -1.65 -16.68
N TYR B 604 25.73 -0.45 -16.14
CA TYR B 604 24.66 -0.17 -15.19
C TYR B 604 24.24 1.28 -15.33
N ASP B 605 23.08 1.62 -14.77
CA ASP B 605 22.74 3.01 -14.54
C ASP B 605 23.81 3.60 -13.62
N VAL B 606 23.88 4.93 -13.60
CA VAL B 606 24.68 5.63 -12.59
C VAL B 606 23.78 6.56 -11.79
N ARG B 607 24.16 6.80 -10.53
CA ARG B 607 23.51 7.83 -9.70
C ARG B 607 23.97 9.20 -10.18
N ILE B 608 23.11 10.20 -10.07
CA ILE B 608 23.55 11.58 -10.13
C ILE B 608 23.85 12.02 -8.68
N GLU B 609 25.12 11.94 -8.28
CA GLU B 609 25.56 12.32 -6.94
C GLU B 609 25.62 13.85 -6.75
N ASP B 610 25.85 14.28 -5.51
CA ASP B 610 25.80 15.71 -5.17
C ASP B 610 26.80 16.51 -5.98
N LYS B 611 28.00 15.96 -6.14
CA LYS B 611 28.97 16.51 -7.09
C LYS B 611 29.57 15.39 -7.95
N PRO B 612 29.91 15.69 -9.21
CA PRO B 612 30.52 14.73 -10.13
C PRO B 612 31.79 14.02 -9.60
N LEU B 613 32.11 12.86 -10.17
CA LEU B 613 33.39 12.20 -9.92
C LEU B 613 34.54 13.01 -10.55
N ALA B 614 35.76 12.70 -10.14
CA ALA B 614 36.96 13.37 -10.67
C ALA B 614 36.97 13.35 -12.19
N ASN B 615 36.61 12.20 -12.79
CA ASN B 615 36.61 12.05 -14.25
C ASN B 615 35.44 12.73 -15.00
N GLY B 616 34.51 13.36 -14.30
CA GLY B 616 33.39 14.11 -14.92
C GLY B 616 32.03 13.40 -14.93
N CYS B 617 32.03 12.09 -14.65
CA CYS B 617 30.80 11.29 -14.57
C CYS B 617 29.92 11.71 -13.39
N ALA B 618 28.60 11.67 -13.58
CA ALA B 618 27.66 12.06 -12.53
C ALA B 618 27.73 11.18 -11.28
N GLY B 619 28.12 9.92 -11.42
CA GLY B 619 28.26 9.05 -10.25
C GLY B 619 28.79 7.67 -10.60
N LYS B 620 28.95 6.81 -9.59
CA LYS B 620 29.40 5.44 -9.81
C LYS B 620 28.27 4.61 -10.42
N PRO B 621 28.63 3.52 -11.11
CA PRO B 621 27.58 2.62 -11.54
C PRO B 621 26.88 2.00 -10.34
N ILE B 622 25.57 1.76 -10.45
CA ILE B 622 24.76 1.19 -9.38
C ILE B 622 24.86 -0.33 -9.40
N VAL B 623 26.05 -0.81 -9.07
CA VAL B 623 26.36 -2.22 -9.20
C VAL B 623 25.53 -3.03 -8.22
N GLU B 624 25.26 -2.44 -7.06
CA GLU B 624 24.68 -3.20 -5.95
C GLU B 624 23.20 -3.54 -6.11
N ARG B 625 22.50 -2.89 -7.04
CA ARG B 625 21.12 -3.28 -7.39
C ARG B 625 21.10 -4.37 -8.47
N GLY B 626 22.29 -4.75 -8.95
CA GLY B 626 22.43 -5.95 -9.76
C GLY B 626 22.33 -5.71 -11.26
N LYS B 627 22.53 -6.78 -12.00
CA LYS B 627 22.60 -6.71 -13.45
C LYS B 627 21.22 -6.91 -14.05
N GLY B 628 20.96 -6.18 -15.12
CA GLY B 628 19.77 -6.39 -15.93
C GLY B 628 20.09 -6.20 -17.41
N PRO B 629 19.08 -6.33 -18.27
CA PRO B 629 19.24 -6.28 -19.73
C PRO B 629 19.65 -4.91 -20.26
N GLU B 630 19.44 -3.86 -19.45
CA GLU B 630 19.97 -2.55 -19.78
C GLU B 630 21.50 -2.61 -19.97
N GLY B 631 22.13 -3.61 -19.35
CA GLY B 631 23.56 -3.83 -19.46
C GLY B 631 24.09 -4.14 -20.84
N TRP B 632 23.27 -4.73 -21.73
CA TRP B 632 23.71 -4.98 -23.12
C TRP B 632 23.10 -4.01 -24.11
N SER B 633 22.43 -2.99 -23.60
CA SER B 633 21.84 -1.97 -24.45
C SER B 633 22.93 -1.20 -25.23
N PRO B 634 24.08 -0.90 -24.60
CA PRO B 634 25.15 -0.24 -25.38
C PRO B 634 25.66 -1.08 -26.56
N LEU B 635 25.59 -2.41 -26.44
CA LEU B 635 25.93 -3.29 -27.55
C LEU B 635 24.88 -3.22 -28.66
N PHE B 636 23.62 -3.47 -28.29
CA PHE B 636 22.56 -3.44 -29.27
C PHE B 636 22.65 -2.12 -30.04
N ASN B 637 22.81 -1.01 -29.31
CA ASN B 637 22.79 0.32 -29.91
C ASN B 637 24.11 0.74 -30.58
N GLY B 638 25.16 -0.07 -30.42
CA GLY B 638 26.43 0.19 -31.09
C GLY B 638 27.28 1.28 -30.44
N ALA B 639 27.05 1.52 -29.15
CA ALA B 639 27.82 2.51 -28.41
C ALA B 639 29.02 1.89 -27.71
N ALA B 640 28.94 0.60 -27.40
CA ALA B 640 30.03 -0.07 -26.72
C ALA B 640 31.33 -0.01 -27.51
N THR B 641 32.46 0.13 -26.80
CA THR B 641 33.77 -0.15 -27.38
C THR B 641 33.86 -1.66 -27.44
N GLN B 642 34.72 -2.17 -28.30
CA GLN B 642 34.85 -3.62 -28.45
C GLN B 642 35.22 -4.30 -27.14
N ALA B 643 36.17 -3.72 -26.40
CA ALA B 643 36.64 -4.36 -25.17
C ALA B 643 35.49 -4.53 -24.17
N ASN B 644 34.77 -3.45 -23.93
CA ASN B 644 33.61 -3.49 -23.03
C ASN B 644 32.55 -4.49 -23.49
N ALA B 645 32.34 -4.55 -24.81
CA ALA B 645 31.41 -5.50 -25.42
C ALA B 645 31.83 -6.94 -25.12
N ASP B 646 33.13 -7.22 -25.27
CA ASP B 646 33.67 -8.54 -24.96
C ASP B 646 33.39 -8.93 -23.51
N ALA B 647 33.53 -7.99 -22.59
CA ALA B 647 33.25 -8.23 -21.16
C ALA B 647 31.79 -8.61 -20.97
N VAL B 648 30.91 -7.73 -21.44
CA VAL B 648 29.45 -7.93 -21.36
C VAL B 648 29.00 -9.29 -21.94
N VAL B 649 29.53 -9.68 -23.09
CA VAL B 649 29.09 -10.93 -23.72
C VAL B 649 29.45 -12.17 -22.89
N LYS B 650 30.60 -12.17 -22.23
CA LYS B 650 30.94 -13.26 -21.31
C LYS B 650 29.93 -13.38 -20.16
N VAL B 651 29.44 -12.23 -19.67
CA VAL B 651 28.46 -12.18 -18.60
C VAL B 651 27.12 -12.73 -19.11
N MET B 652 26.71 -12.29 -20.30
CA MET B 652 25.50 -12.79 -20.99
C MET B 652 25.53 -14.32 -21.21
N LEU B 653 26.69 -14.87 -21.56
CA LEU B 653 26.82 -16.31 -21.85
C LEU B 653 27.04 -17.19 -20.61
N ASP B 654 27.07 -16.56 -19.43
CA ASP B 654 27.32 -17.28 -18.18
C ASP B 654 26.05 -17.91 -17.60
N PRO B 655 26.02 -19.24 -17.47
CA PRO B 655 24.83 -19.85 -16.88
C PRO B 655 24.47 -19.31 -15.46
N LYS B 656 25.45 -18.74 -14.77
CA LYS B 656 25.27 -18.24 -13.42
C LYS B 656 24.66 -16.84 -13.41
N GLU B 657 24.53 -16.22 -14.58
CA GLU B 657 24.07 -14.83 -14.69
C GLU B 657 22.83 -14.72 -15.59
N PHE B 658 23.03 -14.87 -16.90
CA PHE B 658 21.94 -14.69 -17.88
C PHE B 658 21.72 -15.87 -18.80
N ASN B 659 22.67 -16.81 -18.87
CA ASN B 659 22.58 -17.86 -19.85
C ASN B 659 21.77 -19.03 -19.33
N THR B 660 20.51 -18.75 -19.06
CA THR B 660 19.62 -19.70 -18.41
C THR B 660 18.89 -20.59 -19.43
N PHE B 661 18.12 -21.56 -18.93
CA PHE B 661 17.31 -22.48 -19.77
C PHE B 661 16.54 -21.74 -20.88
N VAL B 662 15.94 -20.59 -20.55
CA VAL B 662 15.59 -19.58 -21.55
C VAL B 662 16.42 -18.37 -21.19
N PRO B 663 17.42 -18.06 -22.02
CA PRO B 663 18.42 -17.09 -21.63
C PRO B 663 18.05 -15.59 -21.84
N LEU B 664 18.86 -14.73 -21.22
CA LEU B 664 18.81 -13.27 -21.38
C LEU B 664 17.53 -12.65 -20.82
N GLY B 665 17.22 -13.03 -19.58
CA GLY B 665 16.08 -12.51 -18.82
C GLY B 665 16.31 -11.12 -18.28
N THR B 666 15.32 -10.61 -17.56
CA THR B 666 15.29 -9.20 -17.19
C THR B 666 15.94 -8.88 -15.83
N ALA B 667 16.56 -9.88 -15.25
CA ALA B 667 17.46 -9.72 -14.10
C ALA B 667 18.38 -10.92 -14.09
N ALA B 668 19.66 -10.69 -13.78
CA ALA B 668 20.61 -11.80 -13.63
C ALA B 668 20.17 -12.65 -12.44
N LEU B 669 20.47 -13.94 -12.48
CA LEU B 669 20.20 -14.85 -11.37
C LEU B 669 20.82 -14.36 -10.05
N THR B 670 21.87 -13.56 -10.17
CA THR B 670 22.61 -13.02 -9.05
C THR B 670 22.05 -11.71 -8.53
N ASN B 671 21.08 -11.13 -9.24
CA ASN B 671 20.48 -9.87 -8.83
C ASN B 671 19.76 -10.07 -7.51
N PRO B 672 20.04 -9.22 -6.50
CA PRO B 672 19.37 -9.39 -5.19
C PRO B 672 17.84 -9.35 -5.27
N ALA B 673 17.30 -8.58 -6.23
CA ALA B 673 15.85 -8.45 -6.41
C ALA B 673 15.26 -9.42 -7.45
N PHE B 674 16.01 -10.48 -7.80
CA PHE B 674 15.61 -11.43 -8.85
C PHE B 674 14.49 -12.34 -8.38
N GLY B 675 13.63 -12.70 -9.31
CA GLY B 675 12.66 -13.76 -9.15
C GLY B 675 12.20 -14.20 -10.53
N ALA B 676 12.23 -15.50 -10.77
CA ALA B 676 11.89 -16.08 -12.07
C ALA B 676 10.50 -15.64 -12.60
N ASP B 677 9.58 -15.35 -11.69
CA ASP B 677 8.23 -14.92 -12.05
C ASP B 677 7.98 -13.43 -11.97
N ILE B 678 8.97 -12.65 -11.54
CA ILE B 678 8.78 -11.20 -11.30
C ILE B 678 8.91 -10.44 -12.61
N TYR B 679 7.85 -9.69 -12.92
CA TYR B 679 7.59 -9.12 -14.26
C TYR B 679 8.83 -8.67 -15.02
N TRP B 680 9.54 -7.65 -14.49
CA TRP B 680 10.79 -7.13 -15.08
C TRP B 680 12.02 -7.31 -14.15
N ARG B 681 12.01 -8.36 -13.33
CA ARG B 681 13.13 -8.69 -12.47
C ARG B 681 13.42 -10.20 -12.53
N GLY B 682 13.30 -10.78 -13.71
CA GLY B 682 13.61 -12.21 -13.88
C GLY B 682 13.03 -12.80 -15.13
N ARG B 683 11.78 -12.46 -15.43
CA ARG B 683 11.10 -12.99 -16.61
C ARG B 683 11.91 -12.71 -17.86
N VAL B 684 11.84 -13.61 -18.83
CA VAL B 684 12.52 -13.44 -20.10
C VAL B 684 11.55 -12.85 -21.09
N TRP B 685 11.78 -11.61 -21.47
CA TRP B 685 10.97 -11.01 -22.52
C TRP B 685 11.75 -11.17 -23.81
N VAL B 686 11.03 -11.27 -24.92
CA VAL B 686 11.66 -11.53 -26.22
C VAL B 686 12.37 -10.30 -26.79
N ASP B 687 11.90 -9.10 -26.48
CA ASP B 687 12.55 -7.90 -27.02
C ASP B 687 13.97 -7.78 -26.47
N GLN B 688 14.12 -7.94 -25.15
CA GLN B 688 15.42 -7.78 -24.53
C GLN B 688 16.35 -8.89 -24.98
N PHE B 689 15.78 -10.10 -25.12
CA PHE B 689 16.50 -11.24 -25.66
C PHE B 689 17.06 -10.94 -27.06
N TRP B 690 16.24 -10.34 -27.92
CA TRP B 690 16.65 -9.98 -29.29
C TRP B 690 17.67 -8.84 -29.30
N PHE B 691 17.48 -7.82 -28.47
CA PHE B 691 18.46 -6.75 -28.32
C PHE B 691 19.82 -7.35 -27.95
N GLY B 692 19.80 -8.36 -27.10
CA GLY B 692 21.02 -9.05 -26.69
C GLY B 692 21.66 -9.80 -27.83
N LEU B 693 20.86 -10.53 -28.59
CA LEU B 693 21.36 -11.26 -29.75
C LEU B 693 21.94 -10.29 -30.80
N LYS B 694 21.22 -9.21 -31.07
CA LYS B 694 21.73 -8.19 -31.97
C LYS B 694 22.99 -7.53 -31.46
N GLY B 695 23.03 -7.28 -30.16
CA GLY B 695 24.23 -6.74 -29.52
C GLY B 695 25.43 -7.65 -29.71
N MET B 696 25.23 -8.94 -29.44
CA MET B 696 26.28 -9.93 -29.62
C MET B 696 26.78 -9.94 -31.06
N GLU B 697 25.83 -10.05 -31.98
CA GLU B 697 26.09 -10.07 -33.41
C GLU B 697 26.95 -8.87 -33.83
N ARG B 698 26.51 -7.67 -33.48
CA ARG B 698 27.21 -6.46 -33.88
C ARG B 698 28.68 -6.43 -33.42
N TYR B 699 28.99 -7.09 -32.31
CA TYR B 699 30.36 -7.11 -31.77
C TYR B 699 31.09 -8.43 -32.01
N GLY B 700 30.59 -9.24 -32.94
CA GLY B 700 31.35 -10.41 -33.44
C GLY B 700 30.97 -11.77 -32.89
N TYR B 701 29.87 -11.84 -32.14
CA TYR B 701 29.48 -13.11 -31.54
C TYR B 701 28.19 -13.66 -32.17
N ARG B 702 28.05 -13.50 -33.48
CA ARG B 702 26.88 -14.02 -34.21
C ARG B 702 26.77 -15.52 -34.04
N ASP B 703 27.90 -16.23 -34.08
CA ASP B 703 27.95 -17.68 -33.78
C ASP B 703 27.21 -17.99 -32.49
N ASP B 704 27.58 -17.29 -31.43
CA ASP B 704 27.01 -17.51 -30.10
C ASP B 704 25.51 -17.12 -30.04
N ALA B 705 25.15 -16.06 -30.77
CA ALA B 705 23.77 -15.63 -30.93
C ALA B 705 22.91 -16.69 -31.62
N LEU B 706 23.45 -17.35 -32.66
CA LEU B 706 22.73 -18.41 -33.38
C LEU B 706 22.38 -19.58 -32.46
N LYS B 707 23.26 -19.85 -31.51
CA LYS B 707 23.08 -20.92 -30.54
C LYS B 707 22.02 -20.54 -29.48
N LEU B 708 21.99 -19.29 -29.06
CA LEU B 708 20.96 -18.86 -28.10
C LEU B 708 19.58 -18.85 -28.77
N ALA B 709 19.51 -18.40 -30.02
CA ALA B 709 18.25 -18.40 -30.75
C ALA B 709 17.69 -19.82 -30.84
N ASP B 710 18.55 -20.79 -31.11
CA ASP B 710 18.10 -22.17 -31.21
C ASP B 710 17.57 -22.68 -29.86
N THR B 711 18.26 -22.32 -28.79
CA THR B 711 17.87 -22.75 -27.45
C THR B 711 16.53 -22.14 -27.08
N PHE B 712 16.36 -20.85 -27.37
CA PHE B 712 15.14 -20.14 -27.07
C PHE B 712 13.95 -20.84 -27.71
N PHE B 713 14.05 -21.12 -29.02
CA PHE B 713 12.97 -21.79 -29.76
C PHE B 713 12.62 -23.18 -29.22
N ARG B 714 13.60 -23.90 -28.67
CA ARG B 714 13.32 -25.26 -28.17
C ARG B 714 12.77 -25.24 -26.75
N HIS B 715 13.15 -24.24 -25.95
CA HIS B 715 12.78 -24.18 -24.53
C HIS B 715 11.59 -23.27 -24.18
N ALA B 716 11.24 -22.32 -25.04
CA ALA B 716 10.09 -21.46 -24.79
C ALA B 716 8.82 -22.29 -25.01
N LYS B 717 8.11 -22.60 -23.93
CA LYS B 717 7.07 -23.63 -24.00
C LYS B 717 5.91 -23.22 -24.90
N GLY B 718 5.52 -24.12 -25.80
CA GLY B 718 4.38 -23.92 -26.69
C GLY B 718 4.73 -23.27 -28.03
N LEU B 719 5.86 -22.60 -28.08
CA LEU B 719 6.27 -21.82 -29.25
C LEU B 719 6.30 -22.59 -30.56
N THR B 720 6.96 -23.77 -30.55
CA THR B 720 7.04 -24.59 -31.76
C THR B 720 5.90 -25.56 -31.87
N ALA B 721 5.06 -25.65 -30.82
CA ALA B 721 3.79 -26.37 -30.88
C ALA B 721 2.72 -25.38 -31.31
N ASP B 722 1.51 -25.51 -30.78
CA ASP B 722 0.35 -24.71 -31.22
C ASP B 722 -0.08 -23.72 -30.14
N GLY B 723 0.84 -23.41 -29.22
CA GLY B 723 0.54 -22.49 -28.14
C GLY B 723 0.72 -21.08 -28.63
N PRO B 724 0.06 -20.12 -28.00
CA PRO B 724 0.22 -18.74 -28.42
C PRO B 724 1.62 -18.19 -28.10
N ILE B 725 2.00 -17.10 -28.76
CA ILE B 725 3.26 -16.45 -28.43
C ILE B 725 3.05 -15.61 -27.18
N GLN B 726 3.91 -15.80 -26.18
CA GLN B 726 3.79 -15.11 -24.89
C GLN B 726 4.65 -13.85 -24.78
N ALA B 727 4.21 -12.94 -23.91
CA ALA B 727 4.97 -11.74 -23.56
C ALA B 727 6.24 -12.10 -22.82
N ASN B 728 6.18 -13.17 -22.04
CA ASN B 728 7.39 -13.62 -21.36
C ASN B 728 7.40 -15.13 -21.10
N TYR B 729 8.59 -15.64 -20.78
CA TYR B 729 8.82 -17.03 -20.42
C TYR B 729 9.75 -17.12 -19.19
N ASN B 730 9.48 -18.09 -18.33
CA ASN B 730 10.28 -18.30 -17.14
C ASN B 730 11.73 -18.68 -17.55
N PRO B 731 12.75 -17.99 -17.02
CA PRO B 731 14.12 -18.27 -17.44
C PRO B 731 14.61 -19.65 -16.98
N LEU B 732 14.10 -20.11 -15.84
CA LEU B 732 14.51 -21.40 -15.29
C LEU B 732 13.83 -22.59 -15.94
N THR B 733 12.55 -22.47 -16.27
CA THR B 733 11.77 -23.61 -16.75
C THR B 733 11.24 -23.45 -18.17
N GLY B 734 11.27 -22.24 -18.72
CA GLY B 734 10.65 -22.00 -20.01
C GLY B 734 9.13 -21.92 -20.05
N ALA B 735 8.49 -21.94 -18.88
CA ALA B 735 7.02 -21.89 -18.82
C ALA B 735 6.50 -20.55 -19.37
N GLN B 736 5.29 -20.61 -19.92
CA GLN B 736 4.58 -19.45 -20.45
C GLN B 736 4.26 -18.48 -19.32
N GLN B 737 4.43 -17.19 -19.57
CA GLN B 737 4.08 -16.14 -18.61
C GLN B 737 3.42 -14.95 -19.32
N GLY B 738 2.64 -14.17 -18.56
CA GLY B 738 2.07 -12.91 -19.07
C GLY B 738 1.13 -13.10 -20.24
N ALA B 739 0.89 -12.02 -20.98
CA ALA B 739 -0.16 -12.00 -22.01
C ALA B 739 0.11 -13.00 -23.14
N PRO B 740 -0.90 -13.83 -23.50
CA PRO B 740 -0.77 -14.64 -24.71
C PRO B 740 -1.02 -13.79 -25.95
N ASN B 741 -0.48 -14.21 -27.10
CA ASN B 741 -0.60 -13.46 -28.37
C ASN B 741 -0.02 -12.06 -28.26
N PHE B 742 1.24 -11.96 -27.82
CA PHE B 742 1.86 -10.68 -27.52
C PHE B 742 2.64 -10.13 -28.70
N SER B 743 2.32 -8.89 -29.09
CA SER B 743 2.81 -8.28 -30.31
C SER B 743 4.33 -8.18 -30.41
N TRP B 744 5.00 -7.52 -29.47
CA TRP B 744 6.43 -7.33 -29.69
C TRP B 744 7.19 -8.66 -29.64
N SER B 745 6.67 -9.63 -28.90
CA SER B 745 7.25 -10.99 -28.94
C SER B 745 7.20 -11.54 -30.35
N ALA B 746 6.03 -11.44 -30.99
CA ALA B 746 5.89 -11.86 -32.37
C ALA B 746 6.87 -11.12 -33.28
N ALA B 747 6.97 -9.81 -33.10
CA ALA B 747 7.80 -8.94 -33.90
C ALA B 747 9.24 -9.40 -33.87
N HIS B 748 9.76 -9.57 -32.66
CA HIS B 748 11.16 -9.94 -32.51
C HIS B 748 11.41 -11.36 -32.94
N LEU B 749 10.47 -12.25 -32.67
CA LEU B 749 10.57 -13.63 -33.16
C LEU B 749 10.58 -13.70 -34.69
N TYR B 750 9.81 -12.82 -35.33
CA TYR B 750 9.81 -12.78 -36.79
C TYR B 750 11.20 -12.40 -37.32
N MET B 751 11.77 -11.36 -36.73
CA MET B 751 13.12 -10.94 -37.10
C MET B 751 14.17 -12.05 -36.81
N LEU B 752 14.00 -12.76 -35.71
CA LEU B 752 14.84 -13.90 -35.40
C LEU B 752 14.74 -14.96 -36.48
N TYR B 753 13.52 -15.23 -36.93
CA TYR B 753 13.30 -16.21 -37.99
C TYR B 753 14.04 -15.81 -39.23
N ASN B 754 13.96 -14.53 -39.58
CA ASN B 754 14.55 -14.07 -40.81
C ASN B 754 16.08 -14.06 -40.75
N ASP B 755 16.63 -13.53 -39.65
CA ASP B 755 18.07 -13.25 -39.58
C ASP B 755 18.94 -14.19 -38.76
N PHE B 756 18.37 -14.96 -37.84
CA PHE B 756 19.20 -15.79 -36.93
C PHE B 756 19.01 -17.29 -37.09
N PHE B 757 18.62 -17.72 -38.29
CA PHE B 757 18.59 -19.14 -38.59
C PHE B 757 19.24 -19.39 -39.94
N ARG B 758 20.21 -20.30 -39.96
CA ARG B 758 20.96 -20.60 -41.16
C ARG B 758 21.41 -22.08 -41.17
N LYS B 759 21.56 -22.63 -42.36
CA LYS B 759 21.97 -24.02 -42.56
C LYS B 759 23.47 -24.08 -42.82
N GLN B 760 24.01 -25.29 -42.96
CA GLN B 760 25.40 -25.53 -43.38
C GLN B 760 26.41 -24.98 -42.38
C1 GLA C . -2.51 5.52 17.52
C2 GLA C . -4.02 5.34 17.72
C3 GLA C . -4.85 5.95 16.61
C4 GLA C . -4.41 7.40 16.43
C5 GLA C . -2.94 7.38 15.99
C6 GLA C . -2.37 8.77 15.72
O1 GLA C . -2.01 4.53 16.63
O2 GLA C . -4.31 3.93 17.76
O3 GLA C . -6.25 5.83 16.94
O4 GLA C . -4.55 8.13 17.67
O5 GLA C . -2.10 6.79 16.98
O6 GLA C . -1.00 8.59 15.28
C1 GLC C . -4.19 3.31 19.08
C2 GLC C . -5.59 2.93 19.59
C3 GLC C . -6.29 4.15 20.18
C4 GLC C . -5.47 4.66 21.36
C5 GLC C . -4.04 4.97 20.93
C6 GLC C . -3.08 5.09 22.13
O2 GLC C . -6.34 2.31 18.55
O3 GLC C . -7.61 3.79 20.58
O4 GLC C . -6.05 5.86 21.89
O5 GLC C . -3.46 4.02 20.06
O6 GLC C . -3.13 3.92 22.90
C1 GLA D . 1.14 -1.01 -18.58
C2 GLA D . 2.64 -0.90 -18.85
C3 GLA D . 3.28 0.18 -18.01
C4 GLA D . 2.53 1.51 -18.19
C5 GLA D . 1.05 1.28 -17.80
C6 GLA D . 0.19 2.51 -17.96
O1 GLA D . 0.91 -1.49 -17.26
O2 GLA D . 3.30 -2.15 -18.54
O3 GLA D . 4.62 0.30 -18.48
O4 GLA D . 2.67 1.96 -19.54
O5 GLA D . 0.50 0.26 -18.64
O6 GLA D . -1.14 2.21 -17.51
C1 GLC D . 3.47 -3.12 -19.60
C2 GLC D . 4.97 -3.27 -19.89
C3 GLC D . 5.43 -2.17 -20.83
C4 GLC D . 4.66 -2.32 -22.13
C5 GLC D . 3.16 -2.19 -21.90
C6 GLC D . 2.33 -2.64 -23.10
O2 GLC D . 5.71 -3.29 -18.68
O3 GLC D . 6.81 -2.24 -21.09
O4 GLC D . 5.07 -1.29 -23.00
O5 GLC D . 2.67 -2.89 -20.76
O6 GLC D . 2.70 -3.89 -23.62
CA CA E . -25.79 15.14 13.74
MG MG F . -0.60 16.54 11.19
MG MG G . -4.09 1.85 14.20
MG MG H . -33.01 9.91 33.44
MG MG I . -22.15 13.03 41.35
MG MG J . -2.87 6.62 0.86
CA CA K . 21.75 14.13 -17.23
MG MG L . -9.70 -16.73 -12.80
MG MG M . 2.83 -2.74 -14.34
#